data_7EEO
# 
_entry.id   7EEO 
# 
_audit_conform.dict_name       mmcif_pdbx.dic 
_audit_conform.dict_version    5.380 
_audit_conform.dict_location   http://mmcif.pdb.org/dictionaries/ascii/mmcif_pdbx.dic 
# 
loop_
_database_2.database_id 
_database_2.database_code 
_database_2.pdbx_database_accession 
_database_2.pdbx_DOI 
PDB   7EEO         pdb_00007eeo 10.2210/pdb7eeo/pdb 
WWPDB D_1300021306 ?            ?                   
# 
_pdbx_database_status.status_code                     REL 
_pdbx_database_status.status_code_sf                  REL 
_pdbx_database_status.status_code_mr                  ? 
_pdbx_database_status.entry_id                        7EEO 
_pdbx_database_status.recvd_initial_deposition_date   2021-03-19 
_pdbx_database_status.SG_entry                        N 
_pdbx_database_status.deposit_site                    PDBJ 
_pdbx_database_status.process_site                    PDBJ 
_pdbx_database_status.status_code_cs                  ? 
_pdbx_database_status.status_code_nmr_data            ? 
_pdbx_database_status.methods_development_category    ? 
_pdbx_database_status.pdb_format_compatible           Y 
# 
loop_
_audit_author.name 
_audit_author.pdbx_ordinal 
_audit_author.identifier_ORCID 
'Kondo, J.'     1 0000-0002-5682-3685 
'Sekiguchi, S.' 2 ?                   
# 
_citation.abstract                  ? 
_citation.abstract_id_CAS           ? 
_citation.book_id_ISBN              ? 
_citation.book_publisher            ? 
_citation.book_publisher_city       ? 
_citation.book_title                ? 
_citation.coordinate_linkage        ? 
_citation.country                   ? 
_citation.database_id_Medline       ? 
_citation.details                   ? 
_citation.id                        primary 
_citation.journal_abbrev            'To Be Published' 
_citation.journal_id_ASTM           ? 
_citation.journal_id_CSD            0353 
_citation.journal_id_ISSN           ? 
_citation.journal_full              ? 
_citation.journal_issue             ? 
_citation.journal_volume            ? 
_citation.language                  ? 
_citation.page_first                ? 
_citation.page_last                 ? 
_citation.title                     
;Bulged-G motif composed of RNA, DNA and 2'-O-methyl RNA
;
_citation.year                      ? 
_citation.database_id_CSD           ? 
_citation.pdbx_database_id_DOI      ? 
_citation.pdbx_database_id_PubMed   ? 
_citation.pdbx_database_id_patent   ? 
_citation.unpublished_flag          ? 
# 
loop_
_citation_author.citation_id 
_citation_author.name 
_citation_author.ordinal 
_citation_author.identifier_ORCID 
primary 'Kondo, J.'     1 0000-0002-5682-3685 
primary 'Sekiguchi, S.' 2 ?                   
# 
_cell.angle_alpha                  90.000 
_cell.angle_alpha_esd              ? 
_cell.angle_beta                   107.220 
_cell.angle_beta_esd               ? 
_cell.angle_gamma                  90.000 
_cell.angle_gamma_esd              ? 
_cell.entry_id                     7EEO 
_cell.details                      ? 
_cell.formula_units_Z              ? 
_cell.length_a                     24.776 
_cell.length_a_esd                 ? 
_cell.length_b                     116.432 
_cell.length_b_esd                 ? 
_cell.length_c                     27.904 
_cell.length_c_esd                 ? 
_cell.volume                       ? 
_cell.volume_esd                   ? 
_cell.Z_PDB                        4 
_cell.reciprocal_angle_alpha       ? 
_cell.reciprocal_angle_beta        ? 
_cell.reciprocal_angle_gamma       ? 
_cell.reciprocal_angle_alpha_esd   ? 
_cell.reciprocal_angle_beta_esd    ? 
_cell.reciprocal_angle_gamma_esd   ? 
_cell.reciprocal_length_a          ? 
_cell.reciprocal_length_b          ? 
_cell.reciprocal_length_c          ? 
_cell.reciprocal_length_a_esd      ? 
_cell.reciprocal_length_b_esd      ? 
_cell.reciprocal_length_c_esd      ? 
_cell.pdbx_unique_axis             ? 
# 
_symmetry.entry_id                         7EEO 
_symmetry.cell_setting                     ? 
_symmetry.Int_Tables_number                4 
_symmetry.space_group_name_Hall            ? 
_symmetry.space_group_name_H-M             'P 1 21 1' 
_symmetry.pdbx_full_space_group_name_H-M   ? 
# 
loop_
_entity.id 
_entity.type 
_entity.src_method 
_entity.pdbx_description 
_entity.formula_weight 
_entity.pdbx_number_of_molecules 
_entity.pdbx_ec 
_entity.pdbx_mutation 
_entity.pdbx_fragment 
_entity.details 
1 polymer     syn 'DNA/RNA (27-MER)'      8847.591 2 ? ? ? ? 
2 non-polymer syn 'COBALT HEXAMMINE(III)' 161.116  3 ? ? ? ? 
3 water       nat water                   18.015   8 ? ? ? ? 
# 
_entity_poly.entity_id                      1 
_entity_poly.type                           'polydeoxyribonucleotide/polyribonucleotide hybrid' 
_entity_poly.nstd_linkage                   no 
_entity_poly.nstd_monomer                   yes 
_entity_poly.pdbx_seq_one_letter_code       '(U2M)(G2M)(OMC)(OMU)(OMC)(OMC)(OMU)(DA)(DG)(OMU)(A2M)(OMC)GAGAGGACCGGAGUG' 
_entity_poly.pdbx_seq_one_letter_code_can   XXCUCCUAGUACGAGAGGACCGGAGUG 
_entity_poly.pdbx_strand_id                 A,B 
_entity_poly.pdbx_target_identifier         ? 
# 
loop_
_entity_poly_seq.entity_id 
_entity_poly_seq.num 
_entity_poly_seq.mon_id 
_entity_poly_seq.hetero 
1 1  U2M n 
1 2  G2M n 
1 3  OMC n 
1 4  OMU n 
1 5  OMC n 
1 6  OMC n 
1 7  OMU n 
1 8  DA  n 
1 9  DG  n 
1 10 OMU n 
1 11 A2M n 
1 12 OMC n 
1 13 G   n 
1 14 A   n 
1 15 G   n 
1 16 A   n 
1 17 G   n 
1 18 G   n 
1 19 A   n 
1 20 C   n 
1 21 C   n 
1 22 G   n 
1 23 G   n 
1 24 A   n 
1 25 G   n 
1 26 U   n 
1 27 G   n 
# 
_pdbx_entity_src_syn.entity_id              1 
_pdbx_entity_src_syn.pdbx_src_id            1 
_pdbx_entity_src_syn.pdbx_alt_source_flag   sample 
_pdbx_entity_src_syn.pdbx_beg_seq_num       1 
_pdbx_entity_src_syn.pdbx_end_seq_num       27 
_pdbx_entity_src_syn.organism_scientific    'synthetic construct' 
_pdbx_entity_src_syn.organism_common_name   ? 
_pdbx_entity_src_syn.ncbi_taxonomy_id       32630 
_pdbx_entity_src_syn.details                ? 
# 
_struct_ref.id                         1 
_struct_ref.db_name                    PDB 
_struct_ref.db_code                    7EEO 
_struct_ref.pdbx_db_accession          7EEO 
_struct_ref.pdbx_db_isoform            ? 
_struct_ref.entity_id                  1 
_struct_ref.pdbx_seq_one_letter_code   ? 
_struct_ref.pdbx_align_begin           1 
# 
loop_
_struct_ref_seq.align_id 
_struct_ref_seq.ref_id 
_struct_ref_seq.pdbx_PDB_id_code 
_struct_ref_seq.pdbx_strand_id 
_struct_ref_seq.seq_align_beg 
_struct_ref_seq.pdbx_seq_align_beg_ins_code 
_struct_ref_seq.seq_align_end 
_struct_ref_seq.pdbx_seq_align_end_ins_code 
_struct_ref_seq.pdbx_db_accession 
_struct_ref_seq.db_align_beg 
_struct_ref_seq.pdbx_db_align_beg_ins_code 
_struct_ref_seq.db_align_end 
_struct_ref_seq.pdbx_db_align_end_ins_code 
_struct_ref_seq.pdbx_auth_seq_align_beg 
_struct_ref_seq.pdbx_auth_seq_align_end 
1 1 7EEO A 1 ? 27 ? 7EEO 1 ? 27 ? 1 27 
2 1 7EEO B 1 ? 27 ? 7EEO 1 ? 27 ? 1 27 
# 
loop_
_chem_comp.id 
_chem_comp.type 
_chem_comp.mon_nstd_flag 
_chem_comp.name 
_chem_comp.pdbx_synonyms 
_chem_comp.formula 
_chem_comp.formula_weight 
A   'RNA linking'       y "ADENOSINE-5'-MONOPHOSPHATE"                                                                            
? 'C10 H14 N5 O7 P'   347.221 
A2M 'RNA linking'       n 
;2'-O-methyladenosine 5'-(dihydrogen phosphate)
;
? 'C11 H16 N5 O7 P'   361.248 
C   'RNA linking'       y "CYTIDINE-5'-MONOPHOSPHATE"                                                                             
? 'C9 H14 N3 O8 P'    323.197 
DA  'DNA linking'       y "2'-DEOXYADENOSINE-5'-MONOPHOSPHATE"                                                                    
? 'C10 H14 N5 O6 P'   331.222 
DG  'DNA linking'       y "2'-DEOXYGUANOSINE-5'-MONOPHOSPHATE"                                                                    
? 'C10 H14 N5 O7 P'   347.221 
G   'RNA linking'       y "GUANOSINE-5'-MONOPHOSPHATE"                                                                            
? 'C10 H14 N5 O8 P'   363.221 
G2M non-polymer         . "2'-deoxy-5'-O-[(S)-hydroxy{[(S)-hydroxy(1-methyl-1-phosphonoethyl)phosphoryl]oxy}phosphoryl]guanosine" 
? 'C13 H22 N5 O12 P3' 533.261 
HOH non-polymer         . WATER                                                                                                   
? 'H2 O'              18.015  
NCO non-polymer         . 'COBALT HEXAMMINE(III)'                                                                                 
? 'Co H18 N6 3'       161.116 
OMC 'RNA linking'       n "O2'-METHYLYCYTIDINE-5'-MONOPHOSPHATE"                                                                  
? 'C10 H16 N3 O8 P'   337.223 
OMU 'RNA linking'       n 
;O2'-METHYLURIDINE 5'-MONOPHOSPHATE
;
? 'C10 H15 N2 O9 P'   338.208 
U   'RNA linking'       y "URIDINE-5'-MONOPHOSPHATE"                                                                              
? 'C9 H13 N2 O9 P'    324.181 
U2M 'L-peptide linking' . '(2S)-2-amino-7-sulfanylheptanoic acid'                                                                 
? 'C7 H15 N O2 S'     177.264 
# 
_exptl.absorpt_coefficient_mu     ? 
_exptl.absorpt_correction_T_max   ? 
_exptl.absorpt_correction_T_min   ? 
_exptl.absorpt_correction_type    ? 
_exptl.absorpt_process_details    ? 
_exptl.entry_id                   7EEO 
_exptl.crystals_number            1 
_exptl.details                    ? 
_exptl.method                     'X-RAY DIFFRACTION' 
_exptl.method_details             ? 
# 
_exptl_crystal.colour                      ? 
_exptl_crystal.density_diffrn              ? 
_exptl_crystal.density_Matthews            2.17 
_exptl_crystal.density_method              ? 
_exptl_crystal.density_percent_sol         43.40 
_exptl_crystal.description                 ? 
_exptl_crystal.F_000                       ? 
_exptl_crystal.id                          1 
_exptl_crystal.preparation                 ? 
_exptl_crystal.size_max                    ? 
_exptl_crystal.size_mid                    ? 
_exptl_crystal.size_min                    ? 
_exptl_crystal.size_rad                    ? 
_exptl_crystal.colour_lustre               ? 
_exptl_crystal.colour_modifier             ? 
_exptl_crystal.colour_primary              ? 
_exptl_crystal.density_meas                ? 
_exptl_crystal.density_meas_esd            ? 
_exptl_crystal.density_meas_gt             ? 
_exptl_crystal.density_meas_lt             ? 
_exptl_crystal.density_meas_temp           ? 
_exptl_crystal.density_meas_temp_esd       ? 
_exptl_crystal.density_meas_temp_gt        ? 
_exptl_crystal.density_meas_temp_lt        ? 
_exptl_crystal.pdbx_crystal_image_url      ? 
_exptl_crystal.pdbx_crystal_image_format   ? 
_exptl_crystal.pdbx_mosaicity              ? 
_exptl_crystal.pdbx_mosaicity_esd          ? 
# 
_exptl_crystal_grow.apparatus       ? 
_exptl_crystal_grow.atmosphere      ? 
_exptl_crystal_grow.crystal_id      1 
_exptl_crystal_grow.details         ? 
_exptl_crystal_grow.method          'VAPOR DIFFUSION, HANGING DROP' 
_exptl_crystal_grow.method_ref      ? 
_exptl_crystal_grow.pH              ? 
_exptl_crystal_grow.pressure        ? 
_exptl_crystal_grow.pressure_esd    ? 
_exptl_crystal_grow.seeding         ? 
_exptl_crystal_grow.seeding_ref     ? 
_exptl_crystal_grow.temp            293 
_exptl_crystal_grow.temp_details    ? 
_exptl_crystal_grow.temp_esd        ? 
_exptl_crystal_grow.time            ? 
_exptl_crystal_grow.pdbx_details    'sodium chloride, MPD, hexammine cobalt, lithium chloride' 
_exptl_crystal_grow.pdbx_pH_range   ? 
# 
_diffrn.ambient_environment              ? 
_diffrn.ambient_temp                     100 
_diffrn.ambient_temp_details             ? 
_diffrn.ambient_temp_esd                 ? 
_diffrn.crystal_id                       1 
_diffrn.crystal_support                  ? 
_diffrn.crystal_treatment                ? 
_diffrn.details                          ? 
_diffrn.id                               1 
_diffrn.ambient_pressure                 ? 
_diffrn.ambient_pressure_esd             ? 
_diffrn.ambient_pressure_gt              ? 
_diffrn.ambient_pressure_lt              ? 
_diffrn.ambient_temp_gt                  ? 
_diffrn.ambient_temp_lt                  ? 
_diffrn.pdbx_serial_crystal_experiment   N 
# 
_diffrn_detector.details                      ? 
_diffrn_detector.detector                     PIXEL 
_diffrn_detector.diffrn_id                    1 
_diffrn_detector.type                         'DECTRIS EIGER X 16M' 
_diffrn_detector.area_resol_mean              ? 
_diffrn_detector.dtime                        ? 
_diffrn_detector.pdbx_frames_total            ? 
_diffrn_detector.pdbx_collection_time_total   ? 
_diffrn_detector.pdbx_collection_date         2019-06-23 
_diffrn_detector.pdbx_frequency               ? 
# 
_diffrn_radiation.collimation                      ? 
_diffrn_radiation.diffrn_id                        1 
_diffrn_radiation.filter_edge                      ? 
_diffrn_radiation.inhomogeneity                    ? 
_diffrn_radiation.monochromator                    ? 
_diffrn_radiation.polarisn_norm                    ? 
_diffrn_radiation.polarisn_ratio                   ? 
_diffrn_radiation.probe                            ? 
_diffrn_radiation.type                             ? 
_diffrn_radiation.xray_symbol                      ? 
_diffrn_radiation.wavelength_id                    1 
_diffrn_radiation.pdbx_monochromatic_or_laue_m_l   M 
_diffrn_radiation.pdbx_wavelength_list             ? 
_diffrn_radiation.pdbx_wavelength                  ? 
_diffrn_radiation.pdbx_diffrn_protocol             'SINGLE WAVELENGTH' 
_diffrn_radiation.pdbx_analyzer                    ? 
_diffrn_radiation.pdbx_scattering_type             x-ray 
# 
_diffrn_radiation_wavelength.id           1 
_diffrn_radiation_wavelength.wavelength   1.60496 
_diffrn_radiation_wavelength.wt           1.0 
# 
_diffrn_source.current                     ? 
_diffrn_source.details                     ? 
_diffrn_source.diffrn_id                   1 
_diffrn_source.power                       ? 
_diffrn_source.size                        ? 
_diffrn_source.source                      SYNCHROTRON 
_diffrn_source.target                      ? 
_diffrn_source.type                        'PHOTON FACTORY BEAMLINE BL-17A' 
_diffrn_source.voltage                     ? 
_diffrn_source.take-off_angle              ? 
_diffrn_source.pdbx_wavelength_list        1.60496 
_diffrn_source.pdbx_wavelength             ? 
_diffrn_source.pdbx_synchrotron_beamline   BL-17A 
_diffrn_source.pdbx_synchrotron_site       'Photon Factory' 
# 
_reflns.B_iso_Wilson_estimate            59.230 
_reflns.entry_id                         7EEO 
_reflns.data_reduction_details           ? 
_reflns.data_reduction_method            ? 
_reflns.d_resolution_high                2.700 
_reflns.d_resolution_low                 29.108 
_reflns.details                          ? 
_reflns.limit_h_max                      ? 
_reflns.limit_h_min                      ? 
_reflns.limit_k_max                      ? 
_reflns.limit_k_min                      ? 
_reflns.limit_l_max                      ? 
_reflns.limit_l_min                      ? 
_reflns.number_all                       ? 
_reflns.number_obs                       7521 
_reflns.observed_criterion               ? 
_reflns.observed_criterion_F_max         ? 
_reflns.observed_criterion_F_min         ? 
_reflns.observed_criterion_I_max         ? 
_reflns.observed_criterion_I_min         ? 
_reflns.observed_criterion_sigma_F       ? 
_reflns.observed_criterion_sigma_I       ? 
_reflns.percent_possible_obs             90.300 
_reflns.R_free_details                   ? 
_reflns.Rmerge_F_all                     ? 
_reflns.Rmerge_F_obs                     ? 
_reflns.Friedel_coverage                 ? 
_reflns.number_gt                        ? 
_reflns.threshold_expression             ? 
_reflns.pdbx_redundancy                  1.565 
_reflns.pdbx_Rmerge_I_obs                0.054 
_reflns.pdbx_Rmerge_I_all                ? 
_reflns.pdbx_Rsym_value                  ? 
_reflns.pdbx_netI_over_av_sigmaI         ? 
_reflns.pdbx_netI_over_sigmaI            8.330 
_reflns.pdbx_res_netI_over_av_sigmaI_2   ? 
_reflns.pdbx_res_netI_over_sigmaI_2      ? 
_reflns.pdbx_chi_squared                 2.452 
_reflns.pdbx_scaling_rejects             ? 
_reflns.pdbx_d_res_high_opt              ? 
_reflns.pdbx_d_res_low_opt               ? 
_reflns.pdbx_d_res_opt_method            ? 
_reflns.phase_calculation_details        ? 
_reflns.pdbx_Rrim_I_all                  0.077 
_reflns.pdbx_Rpim_I_all                  ? 
_reflns.pdbx_d_opt                       ? 
_reflns.pdbx_number_measured_all         ? 
_reflns.pdbx_diffrn_id                   1 
_reflns.pdbx_ordinal                     1 
_reflns.pdbx_CC_half                     0.994 
_reflns.pdbx_CC_star                     ? 
_reflns.pdbx_R_split                     ? 
# 
loop_
_reflns_shell.d_res_high 
_reflns_shell.d_res_low 
_reflns_shell.meanI_over_sigI_all 
_reflns_shell.meanI_over_sigI_obs 
_reflns_shell.number_measured_all 
_reflns_shell.number_measured_obs 
_reflns_shell.number_possible 
_reflns_shell.number_unique_all 
_reflns_shell.number_unique_obs 
_reflns_shell.percent_possible_all 
_reflns_shell.percent_possible_obs 
_reflns_shell.Rmerge_F_all 
_reflns_shell.Rmerge_F_obs 
_reflns_shell.Rmerge_I_all 
_reflns_shell.Rmerge_I_obs 
_reflns_shell.meanI_over_sigI_gt 
_reflns_shell.meanI_over_uI_all 
_reflns_shell.meanI_over_uI_gt 
_reflns_shell.number_measured_gt 
_reflns_shell.number_unique_gt 
_reflns_shell.percent_possible_gt 
_reflns_shell.Rmerge_F_gt 
_reflns_shell.Rmerge_I_gt 
_reflns_shell.pdbx_redundancy 
_reflns_shell.pdbx_Rsym_value 
_reflns_shell.pdbx_chi_squared 
_reflns_shell.pdbx_netI_over_sigmaI_all 
_reflns_shell.pdbx_netI_over_sigmaI_obs 
_reflns_shell.pdbx_Rrim_I_all 
_reflns_shell.pdbx_Rpim_I_all 
_reflns_shell.pdbx_rejects 
_reflns_shell.pdbx_ordinal 
_reflns_shell.pdbx_diffrn_id 
_reflns_shell.pdbx_CC_half 
_reflns_shell.pdbx_CC_star 
_reflns_shell.pdbx_R_split 
2.700  2.770  ? 2.360  ? 868 651 ? 555 85.300 ? ? ? ? 0.267 ? ? ? ? ? ? ? ? 1.564 ? ? ? ? 0.373 ? ? 1  1 0.896 ? ? 
2.770  2.850  ? 2.820  ? 862 569 ? 525 92.300 ? ? ? ? 0.200 ? ? ? ? ? ? ? ? 1.642 ? ? ? ? 0.279 ? ? 2  1 0.945 ? ? 
2.850  2.930  ? 3.390  ? 768 531 ? 490 92.300 ? ? ? ? 0.167 ? ? ? ? ? ? ? ? 1.567 ? ? ? ? 0.233 ? ? 3  1 0.940 ? ? 
2.930  3.020  ? 4.460  ? 859 581 ? 541 93.100 ? ? ? ? 0.154 ? ? ? ? ? ? ? ? 1.588 ? ? ? ? 0.216 ? ? 4  1 0.952 ? ? 
3.020  3.120  ? 6.310  ? 887 586 ? 541 92.300 ? ? ? ? 0.104 ? ? ? ? ? ? ? ? 1.640 ? ? ? ? 0.145 ? ? 5  1 0.980 ? ? 
3.120  3.230  ? 6.740  ? 697 474 ? 438 92.400 ? ? ? ? 0.090 ? ? ? ? ? ? ? ? 1.591 ? ? ? ? 0.126 ? ? 6  1 0.977 ? ? 
3.230  3.350  ? 7.770  ? 722 506 ? 463 91.500 ? ? ? ? 0.069 ? ? ? ? ? ? ? ? 1.559 ? ? ? ? 0.097 ? ? 7  1 0.991 ? ? 
3.350  3.490  ? 8.480  ? 755 530 ? 480 90.600 ? ? ? ? 0.060 ? ? ? ? ? ? ? ? 1.573 ? ? ? ? 0.084 ? ? 8  1 0.994 ? ? 
3.490  3.640  ? 9.440  ? 587 428 ? 380 88.800 ? ? ? ? 0.051 ? ? ? ? ? ? ? ? 1.545 ? ? ? ? 0.073 ? ? 9  1 0.993 ? ? 
3.640  3.820  ? 10.190 ? 665 450 ? 414 92.000 ? ? ? ? 0.057 ? ? ? ? ? ? ? ? 1.606 ? ? ? ? 0.078 ? ? 10 1 0.989 ? ? 
3.820  4.030  ? 11.180 ? 584 425 ? 383 90.100 ? ? ? ? 0.055 ? ? ? ? ? ? ? ? 1.525 ? ? ? ? 0.077 ? ? 11 1 0.989 ? ? 
4.030  4.270  ? 11.470 ? 524 402 ? 351 87.300 ? ? ? ? 0.067 ? ? ? ? ? ? ? ? 1.493 ? ? ? ? 0.094 ? ? 12 1 0.980 ? ? 
4.270  4.570  ? 11.960 ? 482 377 ? 327 86.700 ? ? ? ? 0.057 ? ? ? ? ? ? ? ? 1.474 ? ? ? ? 0.080 ? ? 13 1 0.985 ? ? 
4.570  4.930  ? 11.750 ? 430 365 ? 317 86.800 ? ? ? ? 0.065 ? ? ? ? ? ? ? ? 1.356 ? ? ? ? 0.092 ? ? 14 1 0.977 ? ? 
4.930  5.400  ? 13.550 ? 461 307 ? 290 94.500 ? ? ? ? 0.044 ? ? ? ? ? ? ? ? 1.590 ? ? ? ? 0.061 ? ? 15 1 0.992 ? ? 
5.400  6.040  ? 13.960 ? 422 289 ? 268 92.700 ? ? ? ? 0.048 ? ? ? ? ? ? ? ? 1.575 ? ? ? ? 0.068 ? ? 16 1 0.990 ? ? 
6.040  6.970  ? 14.350 ? 389 266 ? 239 89.800 ? ? ? ? 0.039 ? ? ? ? ? ? ? ? 1.628 ? ? ? ? 0.055 ? ? 17 1 0.992 ? ? 
6.970  8.540  ? 14.420 ? 300 221 ? 195 88.200 ? ? ? ? 0.036 ? ? ? ? ? ? ? ? 1.538 ? ? ? ? 0.051 ? ? 18 1 0.993 ? ? 
8.540  12.080 ? 14.960 ? 228 155 ? 142 91.600 ? ? ? ? 0.033 ? ? ? ? ? ? ? ? 1.606 ? ? ? ? 0.046 ? ? 19 1 0.995 ? ? 
12.080 29.108 ? 14.560 ? 114 96  ? 75  78.100 ? ? ? ? 0.032 ? ? ? ? ? ? ? ? 1.520 ? ? ? ? 0.045 ? ? 20 1 0.993 ? ? 
# 
_refine.aniso_B[1][1]                            ? 
_refine.aniso_B[1][2]                            ? 
_refine.aniso_B[1][3]                            ? 
_refine.aniso_B[2][2]                            ? 
_refine.aniso_B[2][3]                            ? 
_refine.aniso_B[3][3]                            ? 
_refine.B_iso_max                                121.120 
_refine.B_iso_mean                               49.5215 
_refine.B_iso_min                                20.950 
_refine.correlation_coeff_Fo_to_Fc               ? 
_refine.correlation_coeff_Fo_to_Fc_free          ? 
_refine.details                                  'The Sf file contains friedel pairs under F_plus and F_minus columns.' 
_refine.diff_density_max                         ? 
_refine.diff_density_max_esd                     ? 
_refine.diff_density_min                         ? 
_refine.diff_density_min_esd                     ? 
_refine.diff_density_rms                         ? 
_refine.diff_density_rms_esd                     ? 
_refine.entry_id                                 7EEO 
_refine.pdbx_refine_id                           'X-RAY DIFFRACTION' 
_refine.ls_abs_structure_details                 ? 
_refine.ls_abs_structure_Flack                   ? 
_refine.ls_abs_structure_Flack_esd               ? 
_refine.ls_abs_structure_Rogers                  ? 
_refine.ls_abs_structure_Rogers_esd              ? 
_refine.ls_d_res_high                            2.7010 
_refine.ls_d_res_low                             29.1080 
_refine.ls_extinction_coef                       ? 
_refine.ls_extinction_coef_esd                   ? 
_refine.ls_extinction_expression                 ? 
_refine.ls_extinction_method                     ? 
_refine.ls_goodness_of_fit_all                   ? 
_refine.ls_goodness_of_fit_all_esd               ? 
_refine.ls_goodness_of_fit_obs                   ? 
_refine.ls_goodness_of_fit_obs_esd               ? 
_refine.ls_hydrogen_treatment                    ? 
_refine.ls_matrix_type                           ? 
_refine.ls_number_constraints                    ? 
_refine.ls_number_parameters                     ? 
_refine.ls_number_reflns_all                     ? 
_refine.ls_number_reflns_obs                     7521 
_refine.ls_number_reflns_R_free                  756 
_refine.ls_number_reflns_R_work                  6765 
_refine.ls_number_restraints                     ? 
_refine.ls_percent_reflns_obs                    92.0100 
_refine.ls_percent_reflns_R_free                 10.0500 
_refine.ls_R_factor_all                          ? 
_refine.ls_R_factor_obs                          0.2128 
_refine.ls_R_factor_R_free                       0.2648 
_refine.ls_R_factor_R_free_error                 ? 
_refine.ls_R_factor_R_free_error_details         ? 
_refine.ls_R_factor_R_work                       0.2068 
_refine.ls_R_Fsqd_factor_obs                     ? 
_refine.ls_R_I_factor_obs                        ? 
_refine.ls_redundancy_reflns_all                 ? 
_refine.ls_redundancy_reflns_obs                 ? 
_refine.ls_restrained_S_all                      ? 
_refine.ls_restrained_S_obs                      ? 
_refine.ls_shift_over_esd_max                    ? 
_refine.ls_shift_over_esd_mean                   ? 
_refine.ls_structure_factor_coef                 ? 
_refine.ls_weighting_details                     ? 
_refine.ls_weighting_scheme                      ? 
_refine.ls_wR_factor_all                         ? 
_refine.ls_wR_factor_obs                         ? 
_refine.ls_wR_factor_R_free                      ? 
_refine.ls_wR_factor_R_work                      ? 
_refine.occupancy_max                            ? 
_refine.occupancy_min                            ? 
_refine.solvent_model_details                    'FLAT BULK SOLVENT MODEL' 
_refine.solvent_model_param_bsol                 ? 
_refine.solvent_model_param_ksol                 ? 
_refine.pdbx_R_complete                          ? 
_refine.ls_R_factor_gt                           ? 
_refine.ls_goodness_of_fit_gt                    ? 
_refine.ls_goodness_of_fit_ref                   ? 
_refine.ls_shift_over_su_max                     ? 
_refine.ls_shift_over_su_max_lt                  ? 
_refine.ls_shift_over_su_mean                    ? 
_refine.ls_shift_over_su_mean_lt                 ? 
_refine.pdbx_ls_sigma_I                          ? 
_refine.pdbx_ls_sigma_F                          1.470 
_refine.pdbx_ls_sigma_Fsqd                       ? 
_refine.pdbx_data_cutoff_high_absF               ? 
_refine.pdbx_data_cutoff_high_rms_absF           ? 
_refine.pdbx_data_cutoff_low_absF                ? 
_refine.pdbx_isotropic_thermal_model             ? 
_refine.pdbx_ls_cross_valid_method               THROUGHOUT 
_refine.pdbx_method_to_determine_struct          'MOLECULAR REPLACEMENT' 
_refine.pdbx_starting_model                      1Q9A 
_refine.pdbx_stereochemistry_target_values       ML 
_refine.pdbx_R_Free_selection_details            ? 
_refine.pdbx_stereochem_target_val_spec_case     ? 
_refine.pdbx_overall_ESU_R                       ? 
_refine.pdbx_overall_ESU_R_Free                  ? 
_refine.pdbx_solvent_vdw_probe_radii             1.1100 
_refine.pdbx_solvent_ion_probe_radii             ? 
_refine.pdbx_solvent_shrinkage_radii             0.9000 
_refine.pdbx_real_space_R                        ? 
_refine.pdbx_density_correlation                 ? 
_refine.pdbx_pd_number_of_powder_patterns        ? 
_refine.pdbx_pd_number_of_points                 ? 
_refine.pdbx_pd_meas_number_of_points            ? 
_refine.pdbx_pd_proc_ls_prof_R_factor            ? 
_refine.pdbx_pd_proc_ls_prof_wR_factor           ? 
_refine.pdbx_pd_Marquardt_correlation_coeff      ? 
_refine.pdbx_pd_Fsqrd_R_factor                   ? 
_refine.pdbx_pd_ls_matrix_band_width             ? 
_refine.pdbx_overall_phase_error                 35.2700 
_refine.pdbx_overall_SU_R_free_Cruickshank_DPI   ? 
_refine.pdbx_overall_SU_R_free_Blow_DPI          ? 
_refine.pdbx_overall_SU_R_Blow_DPI               ? 
_refine.pdbx_TLS_residual_ADP_flag               ? 
_refine.pdbx_diffrn_id                           1 
_refine.overall_SU_B                             ? 
_refine.overall_SU_ML                            0.5200 
_refine.overall_SU_R_Cruickshank_DPI             ? 
_refine.overall_SU_R_free                        ? 
_refine.overall_FOM_free_R_set                   ? 
_refine.overall_FOM_work_R_set                   ? 
_refine.pdbx_average_fsc_overall                 ? 
_refine.pdbx_average_fsc_work                    ? 
_refine.pdbx_average_fsc_free                    ? 
# 
_refine_hist.pdbx_refine_id                   'X-RAY DIFFRACTION' 
_refine_hist.cycle_id                         final 
_refine_hist.details                          ? 
_refine_hist.d_res_high                       2.7010 
_refine_hist.d_res_low                        29.1080 
_refine_hist.number_atoms_solvent             8 
_refine_hist.number_atoms_total               1052 
_refine_hist.number_reflns_all                ? 
_refine_hist.number_reflns_obs                ? 
_refine_hist.number_reflns_R_free             ? 
_refine_hist.number_reflns_R_work             ? 
_refine_hist.R_factor_all                     ? 
_refine_hist.R_factor_obs                     ? 
_refine_hist.R_factor_R_free                  ? 
_refine_hist.R_factor_R_work                  ? 
_refine_hist.pdbx_number_residues_total       47 
_refine_hist.pdbx_B_iso_mean_ligand           62.03 
_refine_hist.pdbx_B_iso_mean_solvent          46.46 
_refine_hist.pdbx_number_atoms_protein        0 
_refine_hist.pdbx_number_atoms_nucleic_acid   1023 
_refine_hist.pdbx_number_atoms_ligand         21 
_refine_hist.pdbx_number_atoms_lipid          ? 
_refine_hist.pdbx_number_atoms_carb           ? 
_refine_hist.pdbx_pseudo_atom_details         ? 
# 
loop_
_refine_ls_restr.pdbx_refine_id 
_refine_ls_restr.criterion 
_refine_ls_restr.dev_ideal 
_refine_ls_restr.dev_ideal_target 
_refine_ls_restr.number 
_refine_ls_restr.rejects 
_refine_ls_restr.type 
_refine_ls_restr.weight 
_refine_ls_restr.pdbx_restraint_function 
'X-RAY DIFFRACTION' ? 0.006  ? 1161 ? f_bond_d           ? ? 
'X-RAY DIFFRACTION' ? 1.531  ? 1814 ? f_angle_d          ? ? 
'X-RAY DIFFRACTION' ? 0.063  ? 216  ? f_chiral_restr     ? ? 
'X-RAY DIFFRACTION' ? 0.007  ? 47   ? f_plane_restr      ? ? 
'X-RAY DIFFRACTION' ? 18.583 ? 445  ? f_dihedral_angle_d ? ? 
# 
loop_
_refine_ls_shell.pdbx_refine_id 
_refine_ls_shell.d_res_high 
_refine_ls_shell.d_res_low 
_refine_ls_shell.number_reflns_all 
_refine_ls_shell.number_reflns_obs 
_refine_ls_shell.number_reflns_R_free 
_refine_ls_shell.number_reflns_R_work 
_refine_ls_shell.percent_reflns_obs 
_refine_ls_shell.percent_reflns_R_free 
_refine_ls_shell.R_factor_all 
_refine_ls_shell.R_factor_obs 
_refine_ls_shell.R_factor_R_free 
_refine_ls_shell.R_factor_R_free_error 
_refine_ls_shell.R_factor_R_work 
_refine_ls_shell.redundancy_reflns_all 
_refine_ls_shell.redundancy_reflns_obs 
_refine_ls_shell.wR_factor_all 
_refine_ls_shell.wR_factor_obs 
_refine_ls_shell.wR_factor_R_free 
_refine_ls_shell.wR_factor_R_work 
_refine_ls_shell.pdbx_R_complete 
_refine_ls_shell.pdbx_total_number_of_bins_used 
_refine_ls_shell.pdbx_phase_error 
_refine_ls_shell.pdbx_fsc_work 
_refine_ls_shell.pdbx_fsc_free 
'X-RAY DIFFRACTION' 2.7010 2.9091  . . 147 1325 92.0000 . . . 0.4329 0.0000 0.3563 . . . . . . . . . . . 
'X-RAY DIFFRACTION' 2.9091 3.2015  . . 162 1403 94.0000 . . . 0.3046 0.0000 0.2451 . . . . . . . . . . . 
'X-RAY DIFFRACTION' 3.2015 3.6640  . . 151 1372 94.0000 . . . 0.2504 0.0000 0.1733 . . . . . . . . . . . 
'X-RAY DIFFRACTION' 3.6640 4.6133  . . 144 1329 89.0000 . . . 0.2097 0.0000 0.1777 . . . . . . . . . . . 
'X-RAY DIFFRACTION' 4.6133 29.1080 . . 152 1336 91.0000 . . . 0.2614 0.0000 0.2053 . . . . . . . . . . . 
# 
_struct.entry_id                     7EEO 
_struct.title                        
;Bulged-G motif composed of RNA, DNA and 2'-O-methyl RNA
;
_struct.pdbx_model_details           ? 
_struct.pdbx_formula_weight          ? 
_struct.pdbx_formula_weight_method   ? 
_struct.pdbx_model_type_details      ? 
_struct.pdbx_CASP_flag               N 
# 
_struct_keywords.entry_id        7EEO 
_struct_keywords.text            'Bulged-G motif, RNA, DNA-RNA HYBRID' 
_struct_keywords.pdbx_keywords   'DNA-RNA HYBRID' 
# 
loop_
_struct_asym.id 
_struct_asym.pdbx_blank_PDB_chainid_flag 
_struct_asym.pdbx_modified 
_struct_asym.entity_id 
_struct_asym.details 
A N N 1 ? 
B N N 1 ? 
C N N 2 ? 
D N N 2 ? 
E N N 2 ? 
F N N 3 ? 
G N N 3 ? 
# 
loop_
_struct_conn.id 
_struct_conn.conn_type_id 
_struct_conn.pdbx_leaving_atom_flag 
_struct_conn.pdbx_PDB_id 
_struct_conn.ptnr1_label_asym_id 
_struct_conn.ptnr1_label_comp_id 
_struct_conn.ptnr1_label_seq_id 
_struct_conn.ptnr1_label_atom_id 
_struct_conn.pdbx_ptnr1_label_alt_id 
_struct_conn.pdbx_ptnr1_PDB_ins_code 
_struct_conn.pdbx_ptnr1_standard_comp_id 
_struct_conn.ptnr1_symmetry 
_struct_conn.ptnr2_label_asym_id 
_struct_conn.ptnr2_label_comp_id 
_struct_conn.ptnr2_label_seq_id 
_struct_conn.ptnr2_label_atom_id 
_struct_conn.pdbx_ptnr2_label_alt_id 
_struct_conn.pdbx_ptnr2_PDB_ins_code 
_struct_conn.ptnr1_auth_asym_id 
_struct_conn.ptnr1_auth_comp_id 
_struct_conn.ptnr1_auth_seq_id 
_struct_conn.ptnr2_auth_asym_id 
_struct_conn.ptnr2_auth_comp_id 
_struct_conn.ptnr2_auth_seq_id 
_struct_conn.ptnr2_symmetry 
_struct_conn.pdbx_ptnr3_label_atom_id 
_struct_conn.pdbx_ptnr3_label_seq_id 
_struct_conn.pdbx_ptnr3_label_comp_id 
_struct_conn.pdbx_ptnr3_label_asym_id 
_struct_conn.pdbx_ptnr3_label_alt_id 
_struct_conn.pdbx_ptnr3_PDB_ins_code 
_struct_conn.details 
_struct_conn.pdbx_dist_value 
_struct_conn.pdbx_value_order 
_struct_conn.pdbx_role 
covale1  covale both ? A OMC 3  "O3'" ? ? ? 1_555 A OMU 4  P  ? ? A OMC 3  A OMU 4  1_555 ? ? ? ? ? ? ?                    1.608 ? 
? 
covale2  covale both ? A OMU 4  "O3'" ? ? ? 1_555 A OMC 5  P  ? ? A OMU 4  A OMC 5  1_555 ? ? ? ? ? ? ?                    1.606 ? 
? 
covale3  covale both ? A OMC 5  "O3'" ? ? ? 1_555 A OMC 6  P  ? ? A OMC 5  A OMC 6  1_555 ? ? ? ? ? ? ?                    1.603 ? 
? 
covale4  covale both ? A OMC 6  "O3'" ? ? ? 1_555 A OMU 7  P  ? ? A OMC 6  A OMU 7  1_555 ? ? ? ? ? ? ?                    1.603 ? 
? 
covale5  covale both ? A OMU 7  "O3'" ? ? ? 1_555 A DA  8  P  ? ? A OMU 7  A DA  8  1_555 ? ? ? ? ? ? ?                    1.603 ? 
? 
covale6  covale both ? A DG  9  "O3'" ? ? ? 1_555 A OMU 10 P  ? ? A DG  9  A OMU 10 1_555 ? ? ? ? ? ? ?                    1.598 ? 
? 
covale7  covale both ? A OMU 10 "O3'" ? ? ? 1_555 A A2M 11 P  ? ? A OMU 10 A A2M 11 1_555 ? ? ? ? ? ? ?                    1.608 ? 
? 
covale8  covale one  ? A A2M 11 "O3'" ? ? ? 1_555 A OMC 12 P  ? ? A A2M 11 A OMC 12 1_555 ? ? ? ? ? ? ?                    1.609 ? 
? 
covale9  covale both ? A OMC 12 "O3'" ? ? ? 1_555 A G   13 P  ? ? A OMC 12 A G   13 1_555 ? ? ? ? ? ? ?                    1.616 ? 
? 
covale10 covale both ? B OMU 4  "O3'" ? ? ? 1_555 B OMC 5  P  ? ? B OMU 4  B OMC 5  1_555 ? ? ? ? ? ? ?                    1.607 ? 
? 
covale11 covale both ? B OMC 5  "O3'" ? ? ? 1_555 B OMC 6  P  ? ? B OMC 5  B OMC 6  1_555 ? ? ? ? ? ? ?                    1.602 ? 
? 
covale12 covale both ? B OMC 6  "O3'" ? ? ? 1_555 B OMU 7  P  ? ? B OMC 6  B OMU 7  1_555 ? ? ? ? ? ? ?                    1.604 ? 
? 
covale13 covale both ? B OMU 7  "O3'" ? ? ? 1_555 B DA  8  P  ? ? B OMU 7  B DA  8  1_555 ? ? ? ? ? ? ?                    1.596 ? 
? 
covale14 covale both ? B DG  9  "O3'" ? ? ? 1_555 B OMU 10 P  ? ? B DG  9  B OMU 10 1_555 ? ? ? ? ? ? ?                    1.610 ? 
? 
covale15 covale both ? B OMU 10 "O3'" ? ? ? 1_555 B A2M 11 P  ? ? B OMU 10 B A2M 11 1_555 ? ? ? ? ? ? ?                    1.609 ? 
? 
covale16 covale one  ? B A2M 11 "O3'" ? ? ? 1_555 B OMC 12 P  ? ? B A2M 11 B OMC 12 1_555 ? ? ? ? ? ? ?                    1.614 ? 
? 
covale17 covale both ? B OMC 12 "O3'" ? ? ? 1_555 B G   13 P  ? ? B OMC 12 B G   13 1_555 ? ? ? ? ? ? ?                    1.606 ? 
? 
hydrog1  hydrog ?    ? A OMC 3  O2    ? ? ? 1_555 A G   25 N2 ? ? A OMC 3  A G   25 1_555 ? ? ? ? ? ? 'OMC-G MISPAIR'      ?     ? 
? 
hydrog2  hydrog ?    ? A OMU 4  N3    ? ? ? 1_555 A A   24 N1 ? ? A OMU 4  A A   24 1_555 ? ? ? ? ? ? WATSON-CRICK         ?     ? 
? 
hydrog3  hydrog ?    ? A OMU 4  O4    ? ? ? 1_555 A A   24 N6 ? ? A OMU 4  A A   24 1_555 ? ? ? ? ? ? WATSON-CRICK         ?     ? 
? 
hydrog4  hydrog ?    ? A OMC 5  N3    ? ? ? 1_555 A G   23 N1 ? ? A OMC 5  A G   23 1_555 ? ? ? ? ? ? WATSON-CRICK         ?     ? 
? 
hydrog5  hydrog ?    ? A OMC 5  N4    ? ? ? 1_555 A G   23 O6 ? ? A OMC 5  A G   23 1_555 ? ? ? ? ? ? WATSON-CRICK         ?     ? 
? 
hydrog6  hydrog ?    ? A OMC 5  O2    ? ? ? 1_555 A G   23 N2 ? ? A OMC 5  A G   23 1_555 ? ? ? ? ? ? WATSON-CRICK         ?     ? 
? 
hydrog7  hydrog ?    ? A OMC 6  N3    ? ? ? 1_555 A G   22 N1 ? ? A OMC 6  A G   22 1_555 ? ? ? ? ? ? WATSON-CRICK         ?     ? 
? 
hydrog8  hydrog ?    ? A OMC 6  N4    ? ? ? 1_555 A G   22 O6 ? ? A OMC 6  A G   22 1_555 ? ? ? ? ? ? WATSON-CRICK         ?     ? 
? 
hydrog9  hydrog ?    ? A OMC 6  O2    ? ? ? 1_555 A G   22 N2 ? ? A OMC 6  A G   22 1_555 ? ? ? ? ? ? WATSON-CRICK         ?     ? 
? 
hydrog10 hydrog ?    ? A OMU 7  O2    ? ? ? 1_555 A C   21 N4 ? ? A OMU 7  A C   21 1_555 ? ? ? ? ? ? 'OMU-C MISPAIR'      ?     ? 
? 
hydrog11 hydrog ?    ? A OMU 10 N3    ? ? ? 1_555 A A   19 N7 ? ? A OMU 10 A A   19 1_555 ? ? ? ? ? ? 'REVERSED HOOGSTEEN' ?     ? 
? 
hydrog12 hydrog ?    ? A OMU 10 O2    ? ? ? 1_555 A A   19 N6 ? ? A OMU 10 A A   19 1_555 ? ? ? ? ? ? 'REVERSED HOOGSTEEN' ?     ? 
? 
hydrog13 hydrog ?    ? A A2M 11 N6    ? ? ? 1_555 A G   18 N3 ? ? A A2M 11 A G   18 1_555 ? ? ? ? ? ? TYPE_11_PAIR         ?     ? 
? 
hydrog14 hydrog ?    ? A A2M 11 N7    ? ? ? 1_555 A G   18 N2 ? ? A A2M 11 A G   18 1_555 ? ? ? ? ? ? TYPE_11_PAIR         ?     ? 
? 
hydrog15 hydrog ?    ? A OMC 12 N3    ? ? ? 1_555 A G   17 N1 ? ? A OMC 12 A G   17 1_555 ? ? ? ? ? ? WATSON-CRICK         ?     ? 
? 
hydrog16 hydrog ?    ? A OMC 12 N4    ? ? ? 1_555 A G   17 O6 ? ? A OMC 12 A G   17 1_555 ? ? ? ? ? ? WATSON-CRICK         ?     ? 
? 
hydrog17 hydrog ?    ? A OMC 12 O2    ? ? ? 1_555 A G   17 N2 ? ? A OMC 12 A G   17 1_555 ? ? ? ? ? ? WATSON-CRICK         ?     ? 
? 
hydrog18 hydrog ?    ? A G   13 N2    ? ? ? 1_555 A A   16 N7 ? ? A G   13 A A   16 1_555 ? ? ? ? ? ? 'G-A MISPAIR'        ?     ? 
? 
hydrog19 hydrog ?    ? B OMU 4  N3    ? ? ? 1_555 B A   24 N1 ? ? B OMU 4  B A   24 1_555 ? ? ? ? ? ? WATSON-CRICK         ?     ? 
? 
hydrog20 hydrog ?    ? B OMU 4  O4    ? ? ? 1_555 B A   24 N6 ? ? B OMU 4  B A   24 1_555 ? ? ? ? ? ? WATSON-CRICK         ?     ? 
? 
hydrog21 hydrog ?    ? B OMC 5  N3    ? ? ? 1_555 B G   23 N1 ? ? B OMC 5  B G   23 1_555 ? ? ? ? ? ? WATSON-CRICK         ?     ? 
? 
hydrog22 hydrog ?    ? B OMC 5  N4    ? ? ? 1_555 B G   23 O6 ? ? B OMC 5  B G   23 1_555 ? ? ? ? ? ? WATSON-CRICK         ?     ? 
? 
hydrog23 hydrog ?    ? B OMC 5  O2    ? ? ? 1_555 B G   23 N2 ? ? B OMC 5  B G   23 1_555 ? ? ? ? ? ? WATSON-CRICK         ?     ? 
? 
hydrog24 hydrog ?    ? B OMC 6  N3    ? ? ? 1_555 B G   22 N1 ? ? B OMC 6  B G   22 1_555 ? ? ? ? ? ? WATSON-CRICK         ?     ? 
? 
hydrog25 hydrog ?    ? B OMC 6  N4    ? ? ? 1_555 B G   22 O6 ? ? B OMC 6  B G   22 1_555 ? ? ? ? ? ? WATSON-CRICK         ?     ? 
? 
hydrog26 hydrog ?    ? B OMC 6  O2    ? ? ? 1_555 B G   22 N2 ? ? B OMC 6  B G   22 1_555 ? ? ? ? ? ? WATSON-CRICK         ?     ? 
? 
hydrog27 hydrog ?    ? B OMU 7  O2    ? ? ? 1_555 B C   21 N4 ? ? B OMU 7  B C   21 1_555 ? ? ? ? ? ? 'OMU-C MISPAIR'      ?     ? 
? 
hydrog28 hydrog ?    ? B OMU 10 N3    ? ? ? 1_555 B A   19 N7 ? ? B OMU 10 B A   19 1_555 ? ? ? ? ? ? 'REVERSED HOOGSTEEN' ?     ? 
? 
hydrog29 hydrog ?    ? B OMU 10 O2    ? ? ? 1_555 B A   19 N6 ? ? B OMU 10 B A   19 1_555 ? ? ? ? ? ? 'REVERSED HOOGSTEEN' ?     ? 
? 
hydrog30 hydrog ?    ? B A2M 11 N6    ? ? ? 1_555 B G   18 N3 ? ? B A2M 11 B G   18 1_555 ? ? ? ? ? ? TYPE_11_PAIR         ?     ? 
? 
hydrog31 hydrog ?    ? B A2M 11 N7    ? ? ? 1_555 B G   18 N2 ? ? B A2M 11 B G   18 1_555 ? ? ? ? ? ? TYPE_11_PAIR         ?     ? 
? 
hydrog32 hydrog ?    ? B OMC 12 N3    ? ? ? 1_555 B G   17 N1 ? ? B OMC 12 B G   17 1_555 ? ? ? ? ? ? WATSON-CRICK         ?     ? 
? 
hydrog33 hydrog ?    ? B OMC 12 N4    ? ? ? 1_555 B G   17 O6 ? ? B OMC 12 B G   17 1_555 ? ? ? ? ? ? WATSON-CRICK         ?     ? 
? 
hydrog34 hydrog ?    ? B OMC 12 O2    ? ? ? 1_555 B G   17 N2 ? ? B OMC 12 B G   17 1_555 ? ? ? ? ? ? WATSON-CRICK         ?     ? 
? 
hydrog35 hydrog ?    ? B G   13 N2    ? ? ? 1_555 B A   16 N7 ? ? B G   13 B A   16 1_555 ? ? ? ? ? ? TYPE_11_PAIR         ?     ? 
? 
hydrog36 hydrog ?    ? B G   13 N3    ? ? ? 1_555 B A   16 N6 ? ? B G   13 B A   16 1_555 ? ? ? ? ? ? TYPE_11_PAIR         ?     ? 
? 
# 
loop_
_struct_conn_type.id 
_struct_conn_type.criteria 
_struct_conn_type.reference 
covale ? ? 
hydrog ? ? 
# 
_atom_sites.entry_id                    7EEO 
_atom_sites.Cartn_transf_matrix[1][1]   ? 
_atom_sites.Cartn_transf_matrix[1][2]   ? 
_atom_sites.Cartn_transf_matrix[1][3]   ? 
_atom_sites.Cartn_transf_matrix[2][1]   ? 
_atom_sites.Cartn_transf_matrix[2][2]   ? 
_atom_sites.Cartn_transf_matrix[2][3]   ? 
_atom_sites.Cartn_transf_matrix[3][1]   ? 
_atom_sites.Cartn_transf_matrix[3][2]   ? 
_atom_sites.Cartn_transf_matrix[3][3]   ? 
_atom_sites.Cartn_transf_vector[1]      ? 
_atom_sites.Cartn_transf_vector[2]      ? 
_atom_sites.Cartn_transf_vector[3]      ? 
_atom_sites.fract_transf_matrix[1][1]   0.03260959 
_atom_sites.fract_transf_matrix[1][2]   -0.02389520 
_atom_sites.fract_transf_matrix[1][3]   -0.01229839 
_atom_sites.fract_transf_matrix[2][1]   -0.00482549 
_atom_sites.fract_transf_matrix[2][2]   -0.00704818 
_atom_sites.fract_transf_matrix[2][3]   0.00089934 
_atom_sites.fract_transf_matrix[3][1]   -0.00210845 
_atom_sites.fract_transf_matrix[3][2]   -0.00331749 
_atom_sites.fract_transf_matrix[3][3]   -0.03731252 
_atom_sites.fract_transf_vector[1]      0.256249 
_atom_sites.fract_transf_vector[2]      -0.135862 
_atom_sites.fract_transf_vector[3]      0.114277 
_atom_sites.solution_primary            ? 
_atom_sites.solution_secondary          ? 
_atom_sites.solution_hydrogens          ? 
_atom_sites.special_details             ? 
# 
loop_
_atom_type.symbol 
C  
CO 
N  
O  
P  
# 
loop_
_atom_site.group_PDB 
_atom_site.id 
_atom_site.type_symbol 
_atom_site.label_atom_id 
_atom_site.label_alt_id 
_atom_site.label_comp_id 
_atom_site.label_asym_id 
_atom_site.label_entity_id 
_atom_site.label_seq_id 
_atom_site.pdbx_PDB_ins_code 
_atom_site.Cartn_x 
_atom_site.Cartn_y 
_atom_site.Cartn_z 
_atom_site.occupancy 
_atom_site.B_iso_or_equiv 
_atom_site.pdbx_formal_charge 
_atom_site.auth_seq_id 
_atom_site.auth_comp_id 
_atom_site.auth_asym_id 
_atom_site.auth_atom_id 
_atom_site.pdbx_PDB_model_num 
HETATM 1    N  N1    . OMC A 1 3  ? 2.356   -4.889  -1.742  1.00 96.16  ? 3   OMC A N1    1 
HETATM 2    C  C2    . OMC A 1 3  ? 2.356   -5.351  -3.068  1.00 89.79  ? 3   OMC A C2    1 
HETATM 3    N  N3    . OMC A 1 3  ? 2.947   -6.535  -3.358  1.00 85.94  ? 3   OMC A N3    1 
HETATM 4    C  C4    . OMC A 1 3  ? 3.525   -7.249  -2.388  1.00 88.46  ? 3   OMC A C4    1 
HETATM 5    C  C5    . OMC A 1 3  ? 3.546   -6.805  -1.035  1.00 94.69  ? 3   OMC A C5    1 
HETATM 6    C  C6    . OMC A 1 3  ? 2.960   -5.639  -0.765  1.00 101.79 ? 3   OMC A C6    1 
HETATM 7    O  O2    . OMC A 1 3  ? 1.811   -4.658  -3.948  1.00 84.74  ? 3   OMC A O2    1 
HETATM 8    N  N4    . OMC A 1 3  ? 4.093   -8.404  -2.721  1.00 87.14  ? 3   OMC A N4    1 
HETATM 9    C  "C1'" . OMC A 1 3  ? 1.658   -3.496  -1.416  1.00 92.75  ? 3   OMC A "C1'" 1 
HETATM 10   C  "C2'" . OMC A 1 3  ? 0.127   -3.515  -1.747  1.00 94.35  ? 3   OMC A "C2'" 1 
HETATM 11   O  "O2'" . OMC A 1 3  ? -0.211  -2.208  -2.112  1.00 88.44  ? 3   OMC A "O2'" 1 
HETATM 12   C  CM2   . OMC A 1 3  ? 0.182   -1.906  -3.423  1.00 88.29  ? 3   OMC A CM2   1 
HETATM 13   C  "C3'" . OMC A 1 3  ? -0.387  -4.045  -0.381  1.00 100.49 ? 3   OMC A "C3'" 1 
HETATM 14   C  "C4'" . OMC A 1 3  ? 0.474   -3.186  0.557   1.00 101.37 ? 3   OMC A "C4'" 1 
HETATM 15   O  "O4'" . OMC A 1 3  ? 1.776   -3.236  -0.024  1.00 95.27  ? 3   OMC A "O4'" 1 
HETATM 16   O  "O3'" . OMC A 1 3  ? -1.780  -3.980  -0.149  1.00 98.40  ? 3   OMC A "O3'" 1 
HETATM 17   C  "C5'" . OMC A 1 3  ? 0.494   -3.786  2.006   1.00 107.15 ? 3   OMC A "C5'" 1 
HETATM 18   O  "O5'" . OMC A 1 3  ? 0.879   -5.060  1.896   1.00 101.76 ? 3   OMC A "O5'" 1 
HETATM 19   P  P     . OMC A 1 3  ? 1.289   -5.968  3.429   1.00 121.12 ? 3   OMC A P     1 
HETATM 20   O  OP1   . OMC A 1 3  ? -0.058  -6.625  3.580   1.00 111.15 ? 3   OMC A OP1   1 
HETATM 21   O  OP2   . OMC A 1 3  ? 2.474   -6.824  3.006   1.00 104.16 ? 3   OMC A OP2   1 
HETATM 22   N  N1    . OMU A 1 4  ? -1.968  -4.725  -5.890  1.00 72.80  ? 4   OMU A N1    1 
HETATM 23   C  C2    . OMU A 1 4  ? -2.029  -5.634  -6.931  1.00 68.92  ? 4   OMU A C2    1 
HETATM 24   N  N3    . OMU A 1 4  ? -1.360  -6.824  -6.731  1.00 59.00  ? 4   OMU A N3    1 
HETATM 25   C  C4    . OMU A 1 4  ? -0.649  -7.179  -5.609  1.00 64.72  ? 4   OMU A C4    1 
HETATM 26   C  C5    . OMU A 1 4  ? -0.641  -6.171  -4.575  1.00 69.26  ? 4   OMU A C5    1 
HETATM 27   C  C6    . OMU A 1 4  ? -1.281  -4.997  -4.735  1.00 74.78  ? 4   OMU A C6    1 
HETATM 28   O  O2    . OMU A 1 4  ? -2.631  -5.415  -7.965  1.00 70.44  ? 4   OMU A O2    1 
HETATM 29   O  O4    . OMU A 1 4  ? -0.084  -8.283  -5.532  1.00 62.50  ? 4   OMU A O4    1 
HETATM 30   C  "C1'" . OMU A 1 4  ? -2.721  -3.358  -6.078  1.00 76.24  ? 4   OMU A "C1'" 1 
HETATM 31   C  "C2'" . OMU A 1 4  ? -4.262  -3.620  -6.101  1.00 77.58  ? 4   OMU A "C2'" 1 
HETATM 32   O  "O2'" . OMU A 1 4  ? -4.878  -2.728  -6.995  1.00 84.67  ? 4   OMU A "O2'" 1 
HETATM 33   C  CM2   . OMU A 1 4  ? -4.477  -2.924  -8.331  1.00 77.82  ? 4   OMU A CM2   1 
HETATM 34   C  "C3'" . OMU A 1 4  ? -4.581  -3.337  -4.621  1.00 82.26  ? 4   OMU A "C3'" 1 
HETATM 35   C  "C4'" . OMU A 1 4  ? -3.686  -2.109  -4.408  1.00 83.82  ? 4   OMU A "C4'" 1 
HETATM 36   O  "O3'" . OMU A 1 4  ? -5.940  -3.056  -4.489  1.00 85.06  ? 4   OMU A "O3'" 1 
HETATM 37   O  "O4'" . OMU A 1 4  ? -2.446  -2.532  -4.958  1.00 84.38  ? 4   OMU A "O4'" 1 
HETATM 38   C  "C5'" . OMU A 1 4  ? -3.544  -1.735  -2.890  1.00 93.26  ? 4   OMU A "C5'" 1 
HETATM 39   O  "O5'" . OMU A 1 4  ? -2.798  -2.678  -2.312  1.00 90.38  ? 4   OMU A "O5'" 1 
HETATM 40   P  P     . OMU A 1 4  ? -2.638  -2.663  -0.491  1.00 104.19 ? 4   OMU A P     1 
HETATM 41   O  OP1   . OMU A 1 4  ? -1.864  -1.396  -0.243  1.00 104.36 ? 4   OMU A OP1   1 
HETATM 42   O  OP2   . OMU A 1 4  ? -4.081  -2.759  -0.028  1.00 100.03 ? 4   OMU A OP2   1 
HETATM 43   N  N1    . OMC A 1 5  ? -5.088  -7.958  -7.551  1.00 51.98  ? 5   OMC A N1    1 
HETATM 44   C  C2    . OMC A 1 5  ? -4.587  -9.244  -7.799  1.00 48.49  ? 5   OMC A C2    1 
HETATM 45   N  N3    . OMC A 1 5  ? -3.888  -9.865  -6.825  1.00 46.05  ? 5   OMC A N3    1 
HETATM 46   C  C4    . OMC A 1 5  ? -3.671  -9.257  -5.652  1.00 50.65  ? 5   OMC A C4    1 
HETATM 47   C  C5    . OMC A 1 5  ? -4.159  -7.944  -5.387  1.00 52.19  ? 5   OMC A C5    1 
HETATM 48   C  C6    . OMC A 1 5  ? -4.852  -7.344  -6.351  1.00 56.20  ? 5   OMC A C6    1 
HETATM 49   O  O2    . OMC A 1 5  ? -4.802  -9.791  -8.894  1.00 42.94  ? 5   OMC A O2    1 
HETATM 50   N  N4    . OMC A 1 5  ? -2.977  -9.922  -4.727  1.00 47.03  ? 5   OMC A N4    1 
HETATM 51   C  "C1'" . OMC A 1 5  ? -5.896  -7.216  -8.689  1.00 53.28  ? 5   OMC A "C1'" 1 
HETATM 52   C  "C2'" . OMC A 1 5  ? -7.348  -7.777  -8.812  1.00 56.65  ? 5   OMC A "C2'" 1 
HETATM 53   O  "O2'" . OMC A 1 5  ? -7.741  -7.830  -10.165 1.00 58.12  ? 5   OMC A "O2'" 1 
HETATM 54   C  CM2   . OMC A 1 5  ? -6.971  -8.736  -10.913 1.00 45.69  ? 5   OMC A CM2   1 
HETATM 55   C  "C3'" . OMC A 1 5  ? -8.085  -6.750  -7.919  1.00 56.51  ? 5   OMC A "C3'" 1 
HETATM 56   C  "C4'" . OMC A 1 5  ? -7.318  -5.457  -8.181  1.00 61.14  ? 5   OMC A "C4'" 1 
HETATM 57   O  "O4'" . OMC A 1 5  ? -5.963  -5.865  -8.281  1.00 57.86  ? 5   OMC A "O4'" 1 
HETATM 58   O  "O3'" . OMC A 1 5  ? -9.433  -6.652  -8.244  1.00 52.81  ? 5   OMC A "O3'" 1 
HETATM 59   C  "C5'" . OMC A 1 5  ? -7.499  -4.488  -6.963  1.00 70.99  ? 5   OMC A "C5'" 1 
HETATM 60   O  "O5'" . OMC A 1 5  ? -7.030  -5.125  -5.884  1.00 73.21  ? 5   OMC A "O5'" 1 
HETATM 61   P  P     . OMC A 1 5  ? -6.981  -4.259  -4.268  1.00 91.43  ? 5   OMC A P     1 
HETATM 62   O  OP1   . OMC A 1 5  ? -8.405  -3.771  -4.183  1.00 83.39  ? 5   OMC A OP1   1 
HETATM 63   O  OP2   . OMC A 1 5  ? -6.439  -5.275  -3.273  1.00 82.15  ? 5   OMC A OP2   1 
HETATM 64   N  N1    . OMC A 1 6  ? -7.552  -12.022 -7.396  1.00 37.17  ? 6   OMC A N1    1 
HETATM 65   C  C2    . OMC A 1 6  ? -6.855  -13.177 -7.010  1.00 36.73  ? 6   OMC A C2    1 
HETATM 66   N  N3    . OMC A 1 6  ? -6.131  -13.175 -5.876  1.00 34.27  ? 6   OMC A N3    1 
HETATM 67   C  C4    . OMC A 1 6  ? -6.076  -12.071 -5.134  1.00 37.52  ? 6   OMC A C4    1 
HETATM 68   C  C5    . OMC A 1 6  ? -6.773  -10.873 -5.498  1.00 34.80  ? 6   OMC A C5    1 
HETATM 69   C  C6    . OMC A 1 6  ? -7.486  -10.893 -6.624  1.00 37.26  ? 6   OMC A C6    1 
HETATM 70   O  O2    . OMC A 1 6  ? -6.923  -14.193 -7.722  1.00 37.88  ? 6   OMC A O2    1 
HETATM 71   N  N4    . OMC A 1 6  ? -5.326  -12.141 -4.031  1.00 34.26  ? 6   OMC A N4    1 
HETATM 72   C  "C1'" . OMC A 1 6  ? -8.395  -12.093 -8.739  1.00 37.74  ? 6   OMC A "C1'" 1 
HETATM 73   C  "C2'" . OMC A 1 6  ? -9.754  -12.830 -8.540  1.00 36.72  ? 6   OMC A "C2'" 1 
HETATM 74   O  "O2'" . OMC A 1 6  ? -10.061 -13.559 -9.696  1.00 46.94  ? 6   OMC A "O2'" 1 
HETATM 75   C  CM2   . OMC A 1 6  ? -9.109  -14.557 -9.995  1.00 46.21  ? 6   OMC A CM2   1 
HETATM 76   C  "C3'" . OMC A 1 6  ? -10.662 -11.604 -8.349  1.00 42.99  ? 6   OMC A "C3'" 1 
HETATM 77   C  "C4'" . OMC A 1 6  ? -10.083 -10.713 -9.437  1.00 45.16  ? 6   OMC A "C4'" 1 
HETATM 78   O  "O4'" . OMC A 1 6  ? -8.703  -10.774 -9.134  1.00 43.66  ? 6   OMC A "O4'" 1 
HETATM 79   O  "O3'" . OMC A 1 6  ? -12.011 -11.926 -8.511  1.00 41.09  ? 6   OMC A "O3'" 1 
HETATM 80   C  "C5'" . OMC A 1 6  ? -10.589 -9.265  -9.187  1.00 49.92  ? 6   OMC A "C5'" 1 
HETATM 81   O  "O5'" . OMC A 1 6  ? -10.492 -9.102  -7.867  1.00 48.66  ? 6   OMC A "O5'" 1 
HETATM 82   P  P     . OMC A 1 6  ? -10.505 -7.377  -7.299  1.00 60.29  ? 6   OMC A P     1 
HETATM 83   O  OP1   . OMC A 1 6  ? -11.943 -7.077  -7.645  1.00 50.11  ? 6   OMC A OP1   1 
HETATM 84   O  OP2   . OMC A 1 6  ? -9.953  -7.410  -5.879  1.00 54.19  ? 6   OMC A OP2   1 
HETATM 85   N  N1    . OMU A 1 7  ? -9.035  -15.015 -4.394  1.00 33.07  ? 7   OMU A N1    1 
HETATM 86   C  C2    . OMU A 1 7  ? -8.145  -15.199 -3.356  1.00 32.36  ? 7   OMU A C2    1 
HETATM 87   N  N3    . OMU A 1 7  ? -7.929  -14.080 -2.577  1.00 34.46  ? 7   OMU A N3    1 
HETATM 88   C  C4    . OMU A 1 7  ? -8.517  -12.850 -2.745  1.00 28.16  ? 7   OMU A C4    1 
HETATM 89   C  C5    . OMU A 1 7  ? -9.418  -12.769 -3.853  1.00 29.35  ? 7   OMU A C5    1 
HETATM 90   C  C6    . OMU A 1 7  ? -9.660  -13.827 -4.633  1.00 32.86  ? 7   OMU A C6    1 
HETATM 91   O  O2    . OMU A 1 7  ? -7.587  -16.254 -3.124  1.00 29.58  ? 7   OMU A O2    1 
HETATM 92   O  O4    . OMU A 1 7  ? -8.252  -11.918 -1.991  1.00 27.17  ? 7   OMU A O4    1 
HETATM 93   C  "C1'" . OMU A 1 7  ? -9.354  -16.212 -5.332  1.00 33.65  ? 7   OMU A "C1'" 1 
HETATM 94   C  "C2'" . OMU A 1 7  ? -10.493 -17.055 -4.683  1.00 37.88  ? 7   OMU A "C2'" 1 
HETATM 95   O  "O2'" . OMU A 1 7  ? -10.362 -18.410 -5.027  1.00 38.94  ? 7   OMU A "O2'" 1 
HETATM 96   C  CM2   . OMU A 1 7  ? -10.092 -19.209 -3.907  1.00 35.81  ? 7   OMU A CM2   1 
HETATM 97   C  "C3'" . OMU A 1 7  ? -11.722 -16.376 -5.312  1.00 36.39  ? 7   OMU A "C3'" 1 
HETATM 98   C  "C4'" . OMU A 1 7  ? -11.177 -16.151 -6.727  1.00 41.17  ? 7   OMU A "C4'" 1 
HETATM 99   O  "O3'" . OMU A 1 7  ? -12.752 -17.300 -5.278  1.00 39.71  ? 7   OMU A "O3'" 1 
HETATM 100  O  "O4'" . OMU A 1 7  ? -9.881  -15.611 -6.492  1.00 37.15  ? 7   OMU A "O4'" 1 
HETATM 101  C  "C5'" . OMU A 1 7  ? -12.046 -15.119 -7.525  1.00 41.89  ? 7   OMU A "C5'" 1 
HETATM 102  O  "O5'" . OMU A 1 7  ? -11.968 -14.019 -6.770  1.00 42.67  ? 7   OMU A "O5'" 1 
HETATM 103  P  P     . OMU A 1 7  ? -12.819 -12.471 -7.239  1.00 43.19  ? 7   OMU A P     1 
HETATM 104  O  OP1   . OMU A 1 7  ? -14.172 -13.054 -7.537  1.00 36.50  ? 7   OMU A OP1   1 
HETATM 105  O  OP2   . OMU A 1 7  ? -12.503 -11.552 -6.064  1.00 44.51  ? 7   OMU A OP2   1 
ATOM   106  P  P     . DA  A 1 8  ? -13.879 -17.184 -4.145  1.00 44.05  ? 8   DA  A P     1 
ATOM   107  O  OP1   . DA  A 1 8  ? -13.238 -17.396 -2.833  1.00 36.93  ? 8   DA  A OP1   1 
ATOM   108  O  OP2   . DA  A 1 8  ? -14.975 -18.118 -4.497  1.00 46.81  ? 8   DA  A OP2   1 
ATOM   109  O  "O5'" . DA  A 1 8  ? -14.368 -15.657 -4.306  1.00 42.59  ? 8   DA  A "O5'" 1 
ATOM   110  C  "C5'" . DA  A 1 8  ? -15.625 -15.238 -3.798  1.00 34.51  ? 8   DA  A "C5'" 1 
ATOM   111  C  "C4'" . DA  A 1 8  ? -15.514 -13.894 -3.118  1.00 33.06  ? 8   DA  A "C4'" 1 
ATOM   112  O  "O4'" . DA  A 1 8  ? -14.678 -14.011 -1.951  1.00 36.27  ? 8   DA  A "O4'" 1 
ATOM   113  C  "C3'" . DA  A 1 8  ? -14.907 -12.780 -3.957  1.00 35.85  ? 8   DA  A "C3'" 1 
ATOM   114  O  "O3'" . DA  A 1 8  ? -15.608 -11.580 -3.711  1.00 43.29  ? 8   DA  A "O3'" 1 
ATOM   115  C  "C2'" . DA  A 1 8  ? -13.478 -12.679 -3.435  1.00 33.39  ? 8   DA  A "C2'" 1 
ATOM   116  C  "C1'" . DA  A 1 8  ? -13.664 -13.027 -1.980  1.00 30.38  ? 8   DA  A "C1'" 1 
ATOM   117  N  N9    . DA  A 1 8  ? -12.487 -13.606 -1.364  1.00 28.96  ? 8   DA  A N9    1 
ATOM   118  C  C8    . DA  A 1 8  ? -12.078 -14.906 -1.453  1.00 31.56  ? 8   DA  A C8    1 
ATOM   119  N  N7    . DA  A 1 8  ? -10.987 -15.165 -0.779  1.00 32.55  ? 8   DA  A N7    1 
ATOM   120  C  C5    . DA  A 1 8  ? -10.661 -13.947 -0.198  1.00 28.90  ? 8   DA  A C5    1 
ATOM   121  C  C6    . DA  A 1 8  ? -9.601  -13.545 0.639   1.00 28.36  ? 8   DA  A C6    1 
ATOM   122  N  N6    . DA  A 1 8  ? -8.630  -14.373 1.068   1.00 30.16  ? 8   DA  A N6    1 
ATOM   123  N  N1    . DA  A 1 8  ? -9.580  -12.262 1.030   1.00 28.86  ? 8   DA  A N1    1 
ATOM   124  C  C2    . DA  A 1 8  ? -10.547 -11.442 0.618   1.00 24.00  ? 8   DA  A C2    1 
ATOM   125  N  N3    . DA  A 1 8  ? -11.573 -11.698 -0.180  1.00 26.56  ? 8   DA  A N3    1 
ATOM   126  C  C4    . DA  A 1 8  ? -11.578 -12.979 -0.552  1.00 27.73  ? 8   DA  A C4    1 
ATOM   127  P  P     . DG  A 1 9  ? -17.022 -11.303 -4.410  1.00 47.65  ? 9   DG  A P     1 
ATOM   128  O  OP1   . DG  A 1 9  ? -17.394 -12.381 -5.356  1.00 56.18  ? 9   DG  A OP1   1 
ATOM   129  O  OP2   . DG  A 1 9  ? -16.921 -9.902  -4.854  1.00 45.54  ? 9   DG  A OP2   1 
ATOM   130  O  "O5'" . DG  A 1 9  ? -18.067 -11.444 -3.220  1.00 46.83  ? 9   DG  A "O5'" 1 
ATOM   131  C  "C5'" . DG  A 1 9  ? -18.053 -10.503 -2.149  1.00 42.56  ? 9   DG  A "C5'" 1 
ATOM   132  C  "C4'" . DG  A 1 9  ? -17.397 -11.105 -0.933  1.00 33.38  ? 9   DG  A "C4'" 1 
ATOM   133  O  "O4'" . DG  A 1 9  ? -16.418 -10.202 -0.426  1.00 36.88  ? 9   DG  A "O4'" 1 
ATOM   134  C  "C3'" . DG  A 1 9  ? -18.329 -11.418 0.247   1.00 31.74  ? 9   DG  A "C3'" 1 
ATOM   135  O  "O3'" . DG  A 1 9  ? -18.155 -12.741 0.598   1.00 35.42  ? 9   DG  A "O3'" 1 
ATOM   136  C  "C2'" . DG  A 1 9  ? -17.839 -10.496 1.360   1.00 30.43  ? 9   DG  A "C2'" 1 
ATOM   137  C  "C1'" . DG  A 1 9  ? -16.399 -10.313 0.968   1.00 31.01  ? 9   DG  A "C1'" 1 
ATOM   138  N  N9    . DG  A 1 9  ? -15.802 -9.115  1.480   1.00 27.16  ? 9   DG  A N9    1 
ATOM   139  C  C8    . DG  A 1 9  ? -16.201 -7.833  1.235   1.00 35.26  ? 9   DG  A C8    1 
ATOM   140  N  N7    . DG  A 1 9  ? -15.441 -6.943  1.796   1.00 38.84  ? 9   DG  A N7    1 
ATOM   141  C  C5    . DG  A 1 9  ? -14.473 -7.692  2.437   1.00 30.46  ? 9   DG  A C5    1 
ATOM   142  C  C6    . DG  A 1 9  ? -13.395 -7.275  3.211   1.00 33.20  ? 9   DG  A C6    1 
ATOM   143  O  O6    . DG  A 1 9  ? -13.072 -6.112  3.496   1.00 41.18  ? 9   DG  A O6    1 
ATOM   144  N  N1    . DG  A 1 9  ? -12.650 -8.356  3.677   1.00 25.26  ? 9   DG  A N1    1 
ATOM   145  C  C2    . DG  A 1 9  ? -12.936 -9.666  3.422   1.00 26.57  ? 9   DG  A C2    1 
ATOM   146  N  N2    . DG  A 1 9  ? -12.118 -10.567 3.960   1.00 33.89  ? 9   DG  A N2    1 
ATOM   147  N  N3    . DG  A 1 9  ? -13.946 -10.070 2.695   1.00 27.67  ? 9   DG  A N3    1 
ATOM   148  C  C4    . DG  A 1 9  ? -14.677 -9.029  2.240   1.00 29.19  ? 9   DG  A C4    1 
HETATM 149  N  N1    . OMU A 1 10 ? -14.345 -15.674 0.904   1.00 32.94  ? 10  OMU A N1    1 
HETATM 150  C  C2    . OMU A 1 10 ? -13.199 -16.190 1.471   1.00 32.87  ? 10  OMU A C2    1 
HETATM 151  N  N3    . OMU A 1 10 ? -12.482 -15.289 2.235   1.00 29.24  ? 10  OMU A N3    1 
HETATM 152  C  C4    . OMU A 1 10 ? -12.807 -13.970 2.474   1.00 30.19  ? 10  OMU A C4    1 
HETATM 153  C  C5    . OMU A 1 10 ? -14.025 -13.516 1.843   1.00 30.52  ? 10  OMU A C5    1 
HETATM 154  C  C6    . OMU A 1 10 ? -14.747 -14.367 1.094   1.00 33.90  ? 10  OMU A C6    1 
HETATM 155  O  O2    . OMU A 1 10 ? -12.847 -17.349 1.338   1.00 33.08  ? 10  OMU A O2    1 
HETATM 156  O  O4    . OMU A 1 10 ? -12.081 -13.256 3.178   1.00 31.28  ? 10  OMU A O4    1 
HETATM 157  C  "C1'" . OMU A 1 10 ? -15.232 -16.617 0.015   1.00 36.98  ? 10  OMU A "C1'" 1 
HETATM 158  C  "C2'" . OMU A 1 10 ? -15.694 -17.898 0.781   1.00 39.25  ? 10  OMU A "C2'" 1 
HETATM 159  O  "O2'" . OMU A 1 10 ? -15.806 -18.950 -0.146  1.00 45.55  ? 10  OMU A "O2'" 1 
HETATM 160  C  CM2   . OMU A 1 10 ? -14.872 -19.983 0.068   1.00 36.84  ? 10  OMU A CM2   1 
HETATM 161  C  "C3'" . OMU A 1 10 ? -17.050 -17.413 1.325   1.00 38.08  ? 10  OMU A "C3'" 1 
HETATM 162  C  "C4'" . OMU A 1 10 ? -17.539 -16.594 0.117   1.00 40.56  ? 10  OMU A "C4'" 1 
HETATM 163  O  "O3'" . OMU A 1 10 ? -17.866 -18.521 1.551   1.00 41.45  ? 10  OMU A "O3'" 1 
HETATM 164  O  "O4'" . OMU A 1 10 ? -16.393 -15.871 -0.332  1.00 41.03  ? 10  OMU A "O4'" 1 
HETATM 165  C  "C5'" . OMU A 1 10 ? -18.738 -15.632 0.459   1.00 38.96  ? 10  OMU A "C5'" 1 
HETATM 166  O  "O5'" . OMU A 1 10 ? -18.577 -15.153 1.703   1.00 43.86  ? 10  OMU A "O5'" 1 
HETATM 167  P  P     . OMU A 1 10 ? -18.826 -13.351 1.914   1.00 29.68  ? 10  OMU A P     1 
HETATM 168  O  OP1   . OMU A 1 10 ? -20.315 -13.417 1.814   1.00 37.13  ? 10  OMU A OP1   1 
HETATM 169  O  OP2   . OMU A 1 10 ? -18.061 -13.016 3.179   1.00 28.79  ? 10  OMU A OP2   1 
HETATM 170  P  P     . A2M A 1 11 ? -18.188 -18.997 3.053   1.00 50.40  ? 11  A2M A P     1 
HETATM 171  O  OP1   . A2M A 1 11 ? -18.954 -20.289 3.084   1.00 43.96  ? 11  A2M A OP1   1 
HETATM 172  O  "O5'" . A2M A 1 11 ? -16.623 -19.679 3.654   1.00 43.14  ? 11  A2M A "O5'" 1 
HETATM 173  C  "C5'" . A2M A 1 11 ? -16.240 -20.866 3.195   1.00 40.22  ? 11  A2M A "C5'" 1 
HETATM 174  C  "C4'" . A2M A 1 11 ? -14.887 -21.050 3.929   1.00 39.33  ? 11  A2M A "C4'" 1 
HETATM 175  O  "O4'" . A2M A 1 11 ? -14.128 -19.881 3.691   1.00 40.46  ? 11  A2M A "O4'" 1 
HETATM 176  C  "C3'" . A2M A 1 11 ? -15.084 -20.990 5.441   1.00 39.89  ? 11  A2M A "C3'" 1 
HETATM 177  O  "O3'" . A2M A 1 11 ? -15.607 -22.166 5.974   1.00 46.73  ? 11  A2M A "O3'" 1 
HETATM 178  C  "C2'" . A2M A 1 11 ? -13.623 -20.780 5.867   1.00 37.20  ? 11  A2M A "C2'" 1 
HETATM 179  O  "O2'" . A2M A 1 11 ? -12.849 -21.946 5.798   1.00 36.36  ? 11  A2M A "O2'" 1 
HETATM 180  C  "C1'" . A2M A 1 11 ? -13.199 -19.779 4.745   1.00 34.12  ? 11  A2M A "C1'" 1 
HETATM 181  C  "CM'" . A2M A 1 11 ? -11.541 -21.759 6.284   1.00 34.56  ? 11  A2M A "CM'" 1 
HETATM 182  N  N9    . A2M A 1 11 ? -13.318 -18.359 5.152   1.00 33.00  ? 11  A2M A N9    1 
HETATM 183  C  C8    . A2M A 1 11 ? -14.205 -17.410 4.725   1.00 32.12  ? 11  A2M A C8    1 
HETATM 184  N  N7    . A2M A 1 11 ? -14.013 -16.241 5.279   1.00 28.20  ? 11  A2M A N7    1 
HETATM 185  C  C5    . A2M A 1 11 ? -12.938 -16.446 6.124   1.00 29.50  ? 11  A2M A C5    1 
HETATM 186  C  C6    . A2M A 1 11 ? -12.256 -15.609 6.995   1.00 30.63  ? 11  A2M A C6    1 
HETATM 187  N  N6    . A2M A 1 11 ? -12.577 -14.320 7.164   1.00 32.49  ? 11  A2M A N6    1 
HETATM 188  N  N1    . A2M A 1 11 ? -11.212 -16.133 7.687   1.00 33.65  ? 11  A2M A N1    1 
HETATM 189  C  C2    . A2M A 1 11 ? -10.894 -17.419 7.523   1.00 30.24  ? 11  A2M A C2    1 
HETATM 190  N  N3    . A2M A 1 11 ? -11.470 -18.313 6.726   1.00 31.85  ? 11  A2M A N3    1 
HETATM 191  C  C4    . A2M A 1 11 ? -12.488 -17.757 6.055   1.00 33.09  ? 11  A2M A C4    1 
HETATM 192  O  OP2   . A2M A 1 11 ? -18.486 -17.840 4.001   1.00 44.53  ? 11  A2M A OP2   1 
HETATM 193  N  N1    . OMC A 1 12 ? -14.403 -17.809 9.266   1.00 38.07  ? 12  OMC A N1    1 
HETATM 194  C  C2    . OMC A 1 12 ? -14.339 -16.452 9.615   1.00 33.60  ? 12  OMC A C2    1 
HETATM 195  N  N3    . OMC A 1 12 ? -15.124 -15.567 8.969   1.00 27.69  ? 12  OMC A N3    1 
HETATM 196  C  C4    . OMC A 1 12 ? -15.952 -15.997 8.018   1.00 28.84  ? 12  OMC A C4    1 
HETATM 197  C  C5    . OMC A 1 12 ? -16.029 -17.381 7.647   1.00 30.41  ? 12  OMC A C5    1 
HETATM 198  C  C6    . OMC A 1 12 ? -15.251 -18.253 8.282   1.00 30.87  ? 12  OMC A C6    1 
HETATM 199  O  O2    . OMC A 1 12 ? -13.556 -16.113 10.524  1.00 32.55  ? 12  OMC A O2    1 
HETATM 200  N  N4    . OMC A 1 12 ? -16.696 -15.071 7.419   1.00 23.09  ? 12  OMC A N4    1 
HETATM 201  C  "C1'" . OMC A 1 12 ? -13.454 -18.770 10.085  1.00 39.06  ? 12  OMC A "C1'" 1 
HETATM 202  C  "C2'" . OMC A 1 12 ? -14.138 -19.110 11.447  1.00 42.35  ? 12  OMC A "C2'" 1 
HETATM 203  O  "O2'" . OMC A 1 12 ? -13.152 -19.359 12.401  1.00 48.45  ? 12  OMC A "O2'" 1 
HETATM 204  C  CM2   . OMC A 1 12 ? -12.894 -18.234 13.195  1.00 46.90  ? 12  OMC A CM2   1 
HETATM 205  C  "C3'" . OMC A 1 12 ? -14.917 -20.380 11.050  1.00 47.01  ? 12  OMC A "C3'" 1 
HETATM 206  C  "C4'" . OMC A 1 12 ? -13.867 -21.038 10.137  1.00 39.20  ? 12  OMC A "C4'" 1 
HETATM 207  O  "O4'" . OMC A 1 12 ? -13.343 -19.974 9.358   1.00 39.76  ? 12  OMC A "O4'" 1 
HETATM 208  O  "O3'" . OMC A 1 12 ? -15.256 -21.136 12.187  1.00 50.81  ? 12  OMC A "O3'" 1 
HETATM 209  C  "C5'" . OMC A 1 12 ? -14.540 -22.030 9.139   1.00 39.36  ? 12  OMC A "C5'" 1 
HETATM 210  O  "O5'" . OMC A 1 12 ? -15.459 -21.292 8.522   1.00 41.74  ? 12  OMC A "O5'" 1 
HETATM 211  P  P     . OMC A 1 12 ? -16.529 -22.106 7.291   1.00 43.89  ? 12  OMC A P     1 
HETATM 212  O  OP1   . OMC A 1 12 ? -16.606 -23.422 7.992   1.00 46.41  ? 12  OMC A OP1   1 
HETATM 213  O  OP2   . OMC A 1 12 ? -17.761 -21.236 7.108   1.00 44.45  ? 12  OMC A OP2   1 
ATOM   214  P  P     . G   A 1 13 ? -16.734 -21.025 12.832  1.00 53.80  ? 13  G   A P     1 
ATOM   215  O  OP1   . G   A 1 13 ? -16.753 -21.853 14.061  1.00 58.42  ? 13  G   A OP1   1 
ATOM   216  O  OP2   . G   A 1 13 ? -17.753 -21.270 11.784  1.00 46.77  ? 13  G   A OP2   1 
ATOM   217  O  "O5'" . G   A 1 13 ? -16.823 -19.519 13.349  1.00 48.90  ? 13  G   A "O5'" 1 
ATOM   218  C  "C5'" . G   A 1 13 ? -16.222 -19.151 14.585  1.00 48.79  ? 13  G   A "C5'" 1 
ATOM   219  C  "C4'" . G   A 1 13 ? -16.299 -17.667 14.848  1.00 46.25  ? 13  G   A "C4'" 1 
ATOM   220  O  "O4'" . G   A 1 13 ? -15.779 -16.924 13.705  1.00 42.14  ? 13  G   A "O4'" 1 
ATOM   221  C  "C3'" . G   A 1 13 ? -17.688 -17.080 15.066  1.00 45.75  ? 13  G   A "C3'" 1 
ATOM   222  O  "O3'" . G   A 1 13 ? -18.207 -17.314 16.370  1.00 50.78  ? 13  G   A "O3'" 1 
ATOM   223  C  "C2'" . G   A 1 13 ? -17.470 -15.605 14.743  1.00 45.50  ? 13  G   A "C2'" 1 
ATOM   224  O  "O2'" . G   A 1 13 ? -16.871 -14.915 15.833  1.00 42.58  ? 13  G   A "O2'" 1 
ATOM   225  C  "C1'" . G   A 1 13 ? -16.468 -15.697 13.577  1.00 39.54  ? 13  G   A "C1'" 1 
ATOM   226  N  N9    . G   A 1 13 ? -17.200 -15.685 12.297  1.00 32.17  ? 13  G   A N9    1 
ATOM   227  C  C8    . G   A 1 13 ? -17.491 -16.715 11.439  1.00 35.23  ? 13  G   A C8    1 
ATOM   228  N  N7    . G   A 1 13 ? -18.226 -16.351 10.423  1.00 31.84  ? 13  G   A N7    1 
ATOM   229  C  C5    . G   A 1 13 ? -18.447 -15.013 10.658  1.00 31.11  ? 13  G   A C5    1 
ATOM   230  C  C6    . G   A 1 13 ? -19.185 -14.083 9.918   1.00 32.91  ? 13  G   A C6    1 
ATOM   231  O  O6    . G   A 1 13 ? -19.778 -14.311 8.867   1.00 39.97  ? 13  G   A O6    1 
ATOM   232  N  N1    . G   A 1 13 ? -19.173 -12.809 10.498  1.00 32.66  ? 13  G   A N1    1 
ATOM   233  C  C2    . G   A 1 13 ? -18.512 -12.490 11.656  1.00 32.53  ? 13  G   A C2    1 
ATOM   234  N  N2    . G   A 1 13 ? -18.588 -11.229 12.079  1.00 34.40  ? 13  G   A N2    1 
ATOM   235  N  N3    . G   A 1 13 ? -17.818 -13.354 12.361  1.00 32.84  ? 13  G   A N3    1 
ATOM   236  C  C4    . G   A 1 13 ? -17.832 -14.585 11.802  1.00 33.14  ? 13  G   A C4    1 
ATOM   237  P  P     . A   A 1 14 ? -19.538 -18.208 16.597  1.00 59.13  ? 14  A   A P     1 
ATOM   238  O  OP1   . A   A 1 14 ? -19.646 -18.433 18.058  1.00 62.06  ? 14  A   A OP1   1 
ATOM   239  O  OP2   . A   A 1 14 ? -19.540 -19.390 15.693  1.00 52.60  ? 14  A   A OP2   1 
ATOM   240  O  "O5'" . A   A 1 14 ? -20.748 -17.255 16.180  1.00 48.52  ? 14  A   A "O5'" 1 
ATOM   241  C  "C5'" . A   A 1 14 ? -21.970 -17.800 15.690  1.00 48.61  ? 14  A   A "C5'" 1 
ATOM   242  C  "C4'" . A   A 1 14 ? -23.092 -16.788 15.739  1.00 47.09  ? 14  A   A "C4'" 1 
ATOM   243  O  "O4'" . A   A 1 14 ? -23.389 -16.453 17.116  1.00 49.15  ? 14  A   A "O4'" 1 
ATOM   244  C  "C3'" . A   A 1 14 ? -22.791 -15.458 15.076  1.00 45.57  ? 14  A   A "C3'" 1 
ATOM   245  O  "O3'" . A   A 1 14 ? -23.071 -15.491 13.691  1.00 45.18  ? 14  A   A "O3'" 1 
ATOM   246  C  "C2'" . A   A 1 14 ? -23.665 -14.472 15.840  1.00 51.93  ? 14  A   A "C2'" 1 
ATOM   247  O  "O2'" . A   A 1 14 ? -24.994 -14.475 15.327  1.00 52.59  ? 14  A   A "O2'" 1 
ATOM   248  C  "C1'" . A   A 1 14 ? -23.685 -15.086 17.238  1.00 48.41  ? 14  A   A "C1'" 1 
ATOM   249  N  N9    . A   A 1 14 ? -22.717 -14.491 18.183  1.00 44.34  ? 14  A   A N9    1 
ATOM   250  C  C8    . A   A 1 14 ? -21.452 -14.934 18.455  1.00 46.06  ? 14  A   A C8    1 
ATOM   251  N  N7    . A   A 1 14 ? -20.837 -14.245 19.385  1.00 47.13  ? 14  A   A N7    1 
ATOM   252  C  C5    . A   A 1 14 ? -21.766 -13.295 19.762  1.00 43.23  ? 14  A   A C5    1 
ATOM   253  C  C6    . A   A 1 14 ? -21.716 -12.268 20.717  1.00 45.52  ? 14  A   A C6    1 
ATOM   254  N  N6    . A   A 1 14 ? -20.650 -12.025 21.473  1.00 50.75  ? 14  A   A N6    1 
ATOM   255  N  N1    . A   A 1 14 ? -22.803 -11.491 20.871  1.00 48.24  ? 14  A   A N1    1 
ATOM   256  C  C2    . A   A 1 14 ? -23.873 -11.748 20.100  1.00 52.33  ? 14  A   A C2    1 
ATOM   257  N  N3    . A   A 1 14 ? -24.045 -12.689 19.169  1.00 47.84  ? 14  A   A N3    1 
ATOM   258  C  C4    . A   A 1 14 ? -22.933 -13.439 19.043  1.00 44.18  ? 14  A   A C4    1 
ATOM   259  P  P     . G   A 1 15 ? -22.014 -14.899 12.651  1.00 46.02  ? 15  G   A P     1 
ATOM   260  O  OP1   . G   A 1 15 ? -22.572 -15.133 11.296  1.00 46.67  ? 15  G   A OP1   1 
ATOM   261  O  OP2   . G   A 1 15 ? -20.686 -15.461 13.024  1.00 42.07  ? 15  G   A OP2   1 
ATOM   262  O  "O5'" . G   A 1 15 ? -22.011 -13.333 12.956  1.00 42.20  ? 15  G   A "O5'" 1 
ATOM   263  C  "C5'" . G   A 1 15 ? -23.109 -12.508 12.594  1.00 45.14  ? 15  G   A "C5'" 1 
ATOM   264  C  "C4'" . G   A 1 15 ? -23.126 -11.237 13.404  1.00 46.05  ? 15  G   A "C4'" 1 
ATOM   265  O  "O4'" . G   A 1 15 ? -22.961 -11.575 14.803  1.00 45.59  ? 15  G   A "O4'" 1 
ATOM   266  C  "C3'" . G   A 1 15 ? -22.006 -10.252 13.101  1.00 45.35  ? 15  G   A "C3'" 1 
ATOM   267  O  "O3'" . G   A 1 15 ? -22.355 -9.378  12.045  1.00 45.49  ? 15  G   A "O3'" 1 
ATOM   268  C  "C2'" . G   A 1 15 ? -21.783 -9.536  14.434  1.00 48.84  ? 15  G   A "C2'" 1 
ATOM   269  O  "O2'" . G   A 1 15 ? -22.685 -8.450  14.585  1.00 51.62  ? 15  G   A "O2'" 1 
ATOM   270  C  "C1'" . G   A 1 15 ? -22.147 -10.625 15.450  1.00 45.26  ? 15  G   A "C1'" 1 
ATOM   271  N  N9    . G   A 1 15 ? -20.979 -11.346 15.986  1.00 44.14  ? 15  G   A N9    1 
ATOM   272  C  C8    . G   A 1 15 ? -20.430 -12.471 15.421  1.00 44.69  ? 15  G   A C8    1 
ATOM   273  N  N7    . G   A 1 15 ? -19.417 -12.945 16.087  1.00 43.59  ? 15  G   A N7    1 
ATOM   274  C  C5    . G   A 1 15 ? -19.302 -12.084 17.161  1.00 39.35  ? 15  G   A C5    1 
ATOM   275  C  C6    . G   A 1 15 ? -18.379 -12.114 18.218  1.00 36.84  ? 15  G   A C6    1 
ATOM   276  O  O6    . G   A 1 15 ? -17.478 -12.928 18.398  1.00 43.03  ? 15  G   A O6    1 
ATOM   277  N  N1    . G   A 1 15 ? -18.583 -11.074 19.112  1.00 38.74  ? 15  G   A N1    1 
ATOM   278  C  C2    . G   A 1 15 ? -19.560 -10.119 18.993  1.00 43.37  ? 15  G   A C2    1 
ATOM   279  N  N2    . G   A 1 15 ? -19.574 -9.203  19.962  1.00 40.95  ? 15  G   A N2    1 
ATOM   280  N  N3    . G   A 1 15 ? -20.450 -10.075 18.008  1.00 45.42  ? 15  G   A N3    1 
ATOM   281  C  C4    . G   A 1 15 ? -20.258 -11.090 17.129  1.00 44.84  ? 15  G   A C4    1 
ATOM   282  P  P     . A   A 1 16 ? -21.269 -8.908  10.952  1.00 50.49  ? 16  A   A P     1 
ATOM   283  O  OP1   . A   A 1 16 ? -21.984 -8.473  9.725   1.00 44.11  ? 16  A   A OP1   1 
ATOM   284  O  OP2   . A   A 1 16 ? -20.254 -9.987  10.816  1.00 45.80  ? 16  A   A OP2   1 
ATOM   285  O  "O5'" . A   A 1 16 ? -20.603 -7.622  11.612  1.00 43.90  ? 16  A   A "O5'" 1 
ATOM   286  C  "C5'" . A   A 1 16 ? -21.396 -6.605  12.205  1.00 39.14  ? 16  A   A "C5'" 1 
ATOM   287  C  "C4'" . A   A 1 16 ? -20.581 -5.771  13.155  1.00 37.15  ? 16  A   A "C4'" 1 
ATOM   288  O  "O4'" . A   A 1 16 ? -20.371 -6.506  14.386  1.00 37.36  ? 16  A   A "O4'" 1 
ATOM   289  C  "C3'" . A   A 1 16 ? -19.182 -5.438  12.669  1.00 39.34  ? 16  A   A "C3'" 1 
ATOM   290  O  "O3'" . A   A 1 16 ? -19.156 -4.323  11.793  1.00 46.21  ? 16  A   A "O3'" 1 
ATOM   291  C  "C2'" . A   A 1 16 ? -18.389 -5.248  13.959  1.00 35.87  ? 16  A   A "C2'" 1 
ATOM   292  O  "O2'" . A   A 1 16 ? -18.503 -3.929  14.451  1.00 41.43  ? 16  A   A "O2'" 1 
ATOM   293  C  "C1'" . A   A 1 16 ? -19.089 -6.224  14.914  1.00 38.03  ? 16  A   A "C1'" 1 
ATOM   294  N  N9    . A   A 1 16 ? -18.327 -7.485  15.021  1.00 42.15  ? 16  A   A N9    1 
ATOM   295  C  C8    . A   A 1 16 ? -18.156 -8.414  14.014  1.00 42.24  ? 16  A   A C8    1 
ATOM   296  N  N7    . A   A 1 16 ? -17.414 -9.426  14.351  1.00 41.45  ? 16  A   A N7    1 
ATOM   297  C  C5    . A   A 1 16 ? -17.054 -9.154  15.664  1.00 39.96  ? 16  A   A C5    1 
ATOM   298  C  C6    . A   A 1 16 ? -16.244 -9.863  16.574  1.00 37.95  ? 16  A   A C6    1 
ATOM   299  N  N6    . A   A 1 16 ? -15.654 -11.031 16.291  1.00 32.84  ? 16  A   A N6    1 
ATOM   300  N  N1    . A   A 1 16 ? -16.066 -9.307  17.794  1.00 37.74  ? 16  A   A N1    1 
ATOM   301  C  C2    . A   A 1 16 ? -16.688 -8.148  18.064  1.00 36.28  ? 16  A   A C2    1 
ATOM   302  N  N3    . A   A 1 16 ? -17.450 -7.385  17.289  1.00 35.46  ? 16  A   A N3    1 
ATOM   303  C  C4    . A   A 1 16 ? -17.605 -7.956  16.088  1.00 36.57  ? 16  A   A C4    1 
ATOM   304  P  P     . G   A 1 17 ? -18.105 -4.297  10.574  1.00 49.06  ? 17  G   A P     1 
ATOM   305  O  OP1   . G   A 1 17 ? -18.097 -2.969  9.922   1.00 50.57  ? 17  G   A OP1   1 
ATOM   306  O  OP2   . G   A 1 17 ? -18.344 -5.506  9.746   1.00 45.89  ? 17  G   A OP2   1 
ATOM   307  O  "O5'" . G   A 1 17 ? -16.712 -4.389  11.330  1.00 48.65  ? 17  G   A "O5'" 1 
ATOM   308  C  "C5'" . G   A 1 17 ? -15.550 -4.861  10.685  1.00 41.26  ? 17  G   A "C5'" 1 
ATOM   309  C  "C4'" . G   A 1 17 ? -14.935 -5.989  11.459  1.00 38.92  ? 17  G   A "C4'" 1 
ATOM   310  O  "O4'" . G   A 1 17 ? -15.949 -6.975  11.813  1.00 50.10  ? 17  G   A "O4'" 1 
ATOM   311  C  "C3'" . G   A 1 17 ? -13.927 -6.803  10.692  1.00 35.45  ? 17  G   A "C3'" 1 
ATOM   312  O  "O3'" . G   A 1 17 ? -12.701 -6.138  10.517  1.00 43.09  ? 17  G   A "O3'" 1 
ATOM   313  C  "C2'" . G   A 1 17 ? -13.890 -8.092  11.493  1.00 34.45  ? 17  G   A "C2'" 1 
ATOM   314  O  "O2'" . G   A 1 17 ? -13.251 -7.885  12.740  1.00 36.96  ? 17  G   A "O2'" 1 
ATOM   315  C  "C1'" . G   A 1 17 ? -15.378 -8.274  11.770  1.00 40.64  ? 17  G   A "C1'" 1 
ATOM   316  N  N9    . G   A 1 17 ? -16.047 -9.050  10.706  1.00 29.48  ? 17  G   A N9    1 
ATOM   317  C  C8    . G   A 1 17 ? -16.998 -8.588  9.847   1.00 33.49  ? 17  G   A C8    1 
ATOM   318  N  N7    . G   A 1 17 ? -17.421 -9.496  9.005   1.00 35.14  ? 17  G   A N7    1 
ATOM   319  C  C5    . G   A 1 17 ? -16.693 -10.624 9.335   1.00 27.76  ? 17  G   A C5    1 
ATOM   320  C  C6    . G   A 1 17 ? -16.720 -11.917 8.770   1.00 27.80  ? 17  G   A C6    1 
ATOM   321  O  O6    . G   A 1 17 ? -17.411 -12.340 7.842   1.00 30.06  ? 17  G   A O6    1 
ATOM   322  N  N1    . G   A 1 17 ? -15.834 -12.769 9.393   1.00 27.18  ? 17  G   A N1    1 
ATOM   323  C  C2    . G   A 1 17 ? -15.018 -12.425 10.430  1.00 30.05  ? 17  G   A C2    1 
ATOM   324  N  N2    . G   A 1 17 ? -14.230 -13.400 10.892  1.00 32.68  ? 17  G   A N2    1 
ATOM   325  N  N3    . G   A 1 17 ? -14.976 -11.223 10.970  1.00 33.26  ? 17  G   A N3    1 
ATOM   326  C  C4    . G   A 1 17 ? -15.844 -10.370 10.379  1.00 30.02  ? 17  G   A C4    1 
ATOM   327  P  P     . G   A 1 18 ? -12.270 -5.683  9.037   1.00 38.02  ? 18  G   A P     1 
ATOM   328  O  OP1   . G   A 1 18 ? -11.313 -4.548  9.134   1.00 35.31  ? 18  G   A OP1   1 
ATOM   329  O  OP2   . G   A 1 18 ? -13.487 -5.461  8.233   1.00 42.26  ? 18  G   A OP2   1 
ATOM   330  O  "O5'" . G   A 1 18 ? -11.547 -6.992  8.492   1.00 40.12  ? 18  G   A "O5'" 1 
ATOM   331  C  "C5'" . G   A 1 18 ? -10.851 -7.853  9.382   1.00 33.25  ? 18  G   A "C5'" 1 
ATOM   332  C  "C4'" . G   A 1 18 ? -10.997 -9.296  8.978   1.00 35.28  ? 18  G   A "C4'" 1 
ATOM   333  O  "O4'" . G   A 1 18 ? -12.368 -9.738  9.173   1.00 35.78  ? 18  G   A "O4'" 1 
ATOM   334  C  "C3'" . G   A 1 18 ? -10.737 -9.597  7.513   1.00 33.15  ? 18  G   A "C3'" 1 
ATOM   335  O  "O3'" . G   A 1 18 ? -9.373  -9.617  7.171   1.00 35.14  ? 18  G   A "O3'" 1 
ATOM   336  C  "C2'" . G   A 1 18 ? -11.455 -10.924 7.322   1.00 33.72  ? 18  G   A "C2'" 1 
ATOM   337  O  "O2'" . G   A 1 18 ? -10.712 -11.995 7.881   1.00 31.08  ? 18  G   A "O2'" 1 
ATOM   338  C  "C1'" . G   A 1 18 ? -12.705 -10.690 8.175   1.00 35.86  ? 18  G   A "C1'" 1 
ATOM   339  N  N9    . G   A 1 18 ? -13.783 -10.132 7.350   1.00 27.55  ? 18  G   A N9    1 
ATOM   340  C  C8    . G   A 1 18 ? -14.168 -8.824  7.264   1.00 27.64  ? 18  G   A C8    1 
ATOM   341  N  N7    . G   A 1 18 ? -15.142 -8.641  6.417   1.00 26.61  ? 18  G   A N7    1 
ATOM   342  C  C5    . G   A 1 18 ? -15.404 -9.908  5.923   1.00 26.98  ? 18  G   A C5    1 
ATOM   343  C  C6    . G   A 1 18 ? -16.352 -10.335 4.971   1.00 24.94  ? 18  G   A C6    1 
ATOM   344  O  O6    . G   A 1 18 ? -17.168 -9.648  4.365   1.00 31.70  ? 18  G   A O6    1 
ATOM   345  N  N1    . G   A 1 18 ? -16.280 -11.694 4.735   1.00 20.95  ? 18  G   A N1    1 
ATOM   346  C  C2    . G   A 1 18 ? -15.391 -12.538 5.340   1.00 26.28  ? 18  G   A C2    1 
ATOM   347  N  N2    . G   A 1 18 ? -15.491 -13.817 4.969   1.00 27.67  ? 18  G   A N2    1 
ATOM   348  N  N3    . G   A 1 18 ? -14.486 -12.168 6.236   1.00 25.31  ? 18  G   A N3    1 
ATOM   349  C  C4    . G   A 1 18 ? -14.556 -10.842 6.475   1.00 27.93  ? 18  G   A C4    1 
ATOM   350  P  P     . A   A 1 19 ? -8.938  -9.367  5.645   1.00 39.90  ? 19  A   A P     1 
ATOM   351  O  OP1   . A   A 1 19 ? -7.482  -9.074  5.715   1.00 39.16  ? 19  A   A OP1   1 
ATOM   352  O  OP2   . A   A 1 19 ? -9.842  -8.414  4.956   1.00 31.44  ? 19  A   A OP2   1 
ATOM   353  O  "O5'" . A   A 1 19 ? -9.209  -10.784 4.964   1.00 35.50  ? 19  A   A "O5'" 1 
ATOM   354  C  "C5'" . A   A 1 19 ? -8.147  -11.553 4.426   1.00 35.15  ? 19  A   A "C5'" 1 
ATOM   355  C  "C4'" . A   A 1 19 ? -7.523  -12.481 5.435   1.00 30.68  ? 19  A   A "C4'" 1 
ATOM   356  O  "O4'" . A   A 1 19 ? -8.553  -13.266 6.093   1.00 33.82  ? 19  A   A "O4'" 1 
ATOM   357  C  "C3'" . A   A 1 19 ? -6.619  -13.527 4.812   1.00 36.84  ? 19  A   A "C3'" 1 
ATOM   358  O  "O3'" . A   A 1 19 ? -5.327  -13.055 4.492   1.00 43.79  ? 19  A   A "O3'" 1 
ATOM   359  C  "C2'" . A   A 1 19 ? -6.667  -14.666 5.814   1.00 30.87  ? 19  A   A "C2'" 1 
ATOM   360  O  "O2'" . A   A 1 19 ? -5.878  -14.370 6.950   1.00 36.75  ? 19  A   A "O2'" 1 
ATOM   361  C  "C1'" . A   A 1 19 ? -8.135  -14.615 6.210   1.00 33.98  ? 19  A   A "C1'" 1 
ATOM   362  N  N9    . A   A 1 19 ? -8.943  -15.423 5.277   1.00 34.06  ? 19  A   A N9    1 
ATOM   363  C  C8    . A   A 1 19 ? -9.943  -15.000 4.429   1.00 32.93  ? 19  A   A C8    1 
ATOM   364  N  N7    . A   A 1 19 ? -10.469 -15.964 3.702   1.00 32.77  ? 19  A   A N7    1 
ATOM   365  C  C5    . A   A 1 19 ? -9.751  -17.086 4.094   1.00 31.11  ? 19  A   A C5    1 
ATOM   366  C  C6    . A   A 1 19 ? -9.818  -18.421 3.704   1.00 30.35  ? 19  A   A C6    1 
ATOM   367  N  N6    . A   A 1 19 ? -10.669 -18.878 2.794   1.00 32.90  ? 19  A   A N6    1 
ATOM   368  N  N1    . A   A 1 19 ? -8.981  -19.290 4.286   1.00 30.60  ? 19  A   A N1    1 
ATOM   369  C  C2    . A   A 1 19 ? -8.121  -18.840 5.198   1.00 31.13  ? 19  A   A C2    1 
ATOM   370  N  N3    . A   A 1 19 ? -7.958  -17.603 5.647   1.00 34.31  ? 19  A   A N3    1 
ATOM   371  C  C4    . A   A 1 19 ? -8.813  -16.768 5.051   1.00 30.92  ? 19  A   A C4    1 
ATOM   372  P  P     . C   A 1 20 ? -4.633  -13.567 3.137   1.00 40.31  ? 20  C   A P     1 
ATOM   373  O  OP1   . C   A 1 20 ? -3.661  -12.548 2.714   1.00 38.47  ? 20  C   A OP1   1 
ATOM   374  O  OP2   . C   A 1 20 ? -5.707  -13.970 2.200   1.00 40.16  ? 20  C   A OP2   1 
ATOM   375  O  "O5'" . C   A 1 20 ? -3.923  -14.920 3.588   1.00 33.93  ? 20  C   A "O5'" 1 
ATOM   376  C  "C5'" . C   A 1 20 ? -3.101  -14.960 4.747   1.00 33.76  ? 20  C   A "C5'" 1 
ATOM   377  C  "C4'" . C   A 1 20 ? -2.888  -16.380 5.188   1.00 33.15  ? 20  C   A "C4'" 1 
ATOM   378  O  "O4'" . C   A 1 20 ? -4.186  -17.006 5.351   1.00 35.64  ? 20  C   A "O4'" 1 
ATOM   379  C  "C3'" . C   A 1 20 ? -2.179  -17.273 4.180   1.00 36.37  ? 20  C   A "C3'" 1 
ATOM   380  O  "O3'" . C   A 1 20 ? -0.768  -17.136 4.196   1.00 37.74  ? 20  C   A "O3'" 1 
ATOM   381  C  "C2'" . C   A 1 20 ? -2.675  -18.659 4.554   1.00 32.61  ? 20  C   A "C2'" 1 
ATOM   382  O  "O2'" . C   A 1 20 ? -1.994  -19.131 5.705   1.00 38.95  ? 20  C   A "O2'" 1 
ATOM   383  C  "C1'" . C   A 1 20 ? -4.128  -18.357 4.941   1.00 35.74  ? 20  C   A "C1'" 1 
ATOM   384  N  N1    . C   A 1 20 ? -5.066  -18.558 3.805   1.00 34.20  ? 20  C   A N1    1 
ATOM   385  C  C2    . C   A 1 20 ? -5.330  -19.878 3.426   1.00 33.67  ? 20  C   A C2    1 
ATOM   386  O  O2    . C   A 1 20 ? -4.770  -20.786 4.062   1.00 37.42  ? 20  C   A O2    1 
ATOM   387  N  N3    . C   A 1 20 ? -6.157  -20.141 2.390   1.00 28.43  ? 20  C   A N3    1 
ATOM   388  C  C4    . C   A 1 20 ? -6.716  -19.134 1.732   1.00 28.96  ? 20  C   A C4    1 
ATOM   389  N  N4    . C   A 1 20 ? -7.544  -19.439 0.723   1.00 26.48  ? 20  C   A N4    1 
ATOM   390  C  C5    . C   A 1 20 ? -6.475  -17.778 2.110   1.00 30.71  ? 20  C   A C5    1 
ATOM   391  C  C6    . C   A 1 20 ? -5.651  -17.522 3.133   1.00 28.92  ? 20  C   A C6    1 
ATOM   392  P  P     . C   A 1 21 ? 0.016   -16.686 2.860   1.00 44.11  ? 21  C   A P     1 
ATOM   393  O  OP1   . C   A 1 21 ? 1.425   -16.437 3.221   1.00 46.17  ? 21  C   A OP1   1 
ATOM   394  O  OP2   . C   A 1 21 ? -0.730  -15.590 2.174   1.00 37.45  ? 21  C   A OP2   1 
ATOM   395  O  "O5'" . C   A 1 21 ? -0.035  -17.982 1.932   1.00 32.21  ? 21  C   A "O5'" 1 
ATOM   396  C  "C5'" . C   A 1 21 ? 0.364   -19.242 2.428   1.00 27.43  ? 21  C   A "C5'" 1 
ATOM   397  C  "C4'" . C   A 1 21 ? -0.317  -20.371 1.697   1.00 31.80  ? 21  C   A "C4'" 1 
ATOM   398  O  "O4'" . C   A 1 21 ? -1.749  -20.362 1.954   1.00 36.84  ? 21  C   A "O4'" 1 
ATOM   399  C  "C3'" . C   A 1 21 ? -0.247  -20.372 0.181   1.00 32.30  ? 21  C   A "C3'" 1 
ATOM   400  O  "O3'" . C   A 1 21 ? 1.010   -20.736 -0.349  1.00 31.52  ? 21  C   A "O3'" 1 
ATOM   401  C  "C2'" . C   A 1 21 ? -1.351  -21.351 -0.162  1.00 33.92  ? 21  C   A "C2'" 1 
ATOM   402  O  "O2'" . C   A 1 21 ? -0.941  -22.674 0.166   1.00 37.46  ? 21  C   A "O2'" 1 
ATOM   403  C  "C1'" . C   A 1 21 ? -2.424  -20.920 0.839   1.00 31.66  ? 21  C   A "C1'" 1 
ATOM   404  N  N1    . C   A 1 21 ? -3.316  -19.901 0.243   1.00 32.72  ? 21  C   A N1    1 
ATOM   405  C  C2    . C   A 1 21 ? -4.256  -20.356 -0.675  1.00 32.24  ? 21  C   A C2    1 
ATOM   406  O  O2    . C   A 1 21 ? -4.304  -21.567 -0.902  1.00 33.02  ? 21  C   A O2    1 
ATOM   407  N  N3    . C   A 1 21 ? -5.096  -19.481 -1.273  1.00 29.54  ? 21  C   A N3    1 
ATOM   408  C  C4    . C   A 1 21 ? -5.001  -18.187 -0.994  1.00 27.60  ? 21  C   A C4    1 
ATOM   409  N  N4    . C   A 1 21 ? -5.845  -17.384 -1.638  1.00 30.72  ? 21  C   A N4    1 
ATOM   410  C  C5    . C   A 1 21 ? -4.044  -17.671 -0.074  1.00 26.92  ? 21  C   A C5    1 
ATOM   411  C  C6    . C   A 1 21 ? -3.226  -18.556 0.522   1.00 33.99  ? 21  C   A C6    1 
ATOM   412  P  P     . G   A 1 22 ? 1.652   -19.891 -1.560  1.00 32.38  ? 22  G   A P     1 
ATOM   413  O  OP1   . G   A 1 22 ? 2.878   -20.648 -1.933  1.00 48.14  ? 22  G   A OP1   1 
ATOM   414  O  OP2   . G   A 1 22 ? 1.857   -18.466 -1.201  1.00 30.21  ? 22  G   A OP2   1 
ATOM   415  O  "O5'" . G   A 1 22 ? 0.592   -20.054 -2.735  1.00 27.21  ? 22  G   A "O5'" 1 
ATOM   416  C  "C5'" . G   A 1 22 ? 0.329   -21.345 -3.274  1.00 36.06  ? 22  G   A "C5'" 1 
ATOM   417  C  "C4'" . G   A 1 22 ? -0.770  -21.331 -4.307  1.00 31.85  ? 22  G   A "C4'" 1 
ATOM   418  O  "O4'" . G   A 1 22 ? -2.020  -20.926 -3.683  1.00 37.22  ? 22  G   A "O4'" 1 
ATOM   419  C  "C3'" . G   A 1 22 ? -0.600  -20.360 -5.466  1.00 32.73  ? 22  G   A "C3'" 1 
ATOM   420  O  "O3'" . G   A 1 22 ? 0.270   -20.852 -6.481  1.00 38.12  ? 22  G   A "O3'" 1 
ATOM   421  C  "C2'" . G   A 1 22 ? -2.039  -20.154 -5.921  1.00 33.19  ? 22  G   A "C2'" 1 
ATOM   422  O  "O2'" . G   A 1 22 ? -2.498  -21.273 -6.663  1.00 30.60  ? 22  G   A "O2'" 1 
ATOM   423  C  "C1'" . G   A 1 22 ? -2.772  -20.137 -4.574  1.00 32.04  ? 22  G   A "C1'" 1 
ATOM   424  N  N9    . G   A 1 22 ? -2.829  -18.779 -4.022  1.00 24.25  ? 22  G   A N9    1 
ATOM   425  C  C8    . G   A 1 22 ? -2.145  -18.303 -2.939  1.00 26.07  ? 22  G   A C8    1 
ATOM   426  N  N7    . G   A 1 22 ? -2.363  -17.036 -2.722  1.00 26.91  ? 22  G   A N7    1 
ATOM   427  C  C5    . G   A 1 22 ? -3.259  -16.653 -3.719  1.00 27.38  ? 22  G   A C5    1 
ATOM   428  C  C6    . G   A 1 22 ? -3.881  -15.407 -4.005  1.00 28.05  ? 22  G   A C6    1 
ATOM   429  O  O6    . G   A 1 22 ? -3.779  -14.315 -3.428  1.00 29.13  ? 22  G   A O6    1 
ATOM   430  N  N1    . G   A 1 22 ? -4.709  -15.494 -5.110  1.00 27.73  ? 22  G   A N1    1 
ATOM   431  C  C2    . G   A 1 22 ? -4.921  -16.618 -5.853  1.00 30.57  ? 22  G   A C2    1 
ATOM   432  N  N2    . G   A 1 22 ? -5.761  -16.502 -6.887  1.00 31.03  ? 22  G   A N2    1 
ATOM   433  N  N3    . G   A 1 22 ? -4.357  -17.779 -5.604  1.00 30.36  ? 22  G   A N3    1 
ATOM   434  C  C4    . G   A 1 22 ? -3.541  -17.724 -4.534  1.00 27.58  ? 22  G   A C4    1 
ATOM   435  P  P     . G   A 1 23 ? 1.350   -19.902 -7.227  1.00 43.54  ? 23  G   A P     1 
ATOM   436  O  OP1   . G   A 1 23 ? 2.213   -20.831 -7.985  1.00 56.32  ? 23  G   A OP1   1 
ATOM   437  O  OP2   . G   A 1 23 ? 2.000   -18.934 -6.307  1.00 40.95  ? 23  G   A OP2   1 
ATOM   438  O  "O5'" . G   A 1 23 ? 0.511   -19.099 -8.312  1.00 32.42  ? 23  G   A "O5'" 1 
ATOM   439  C  "C5'" . G   A 1 23 ? -0.434  -19.764 -9.131  1.00 36.47  ? 23  G   A "C5'" 1 
ATOM   440  C  "C4'" . G   A 1 23 ? -1.329  -18.780 -9.835  1.00 36.77  ? 23  G   A "C4'" 1 
ATOM   441  O  "O4'" . G   A 1 23 ? -2.348  -18.281 -8.935  1.00 39.97  ? 23  G   A "O4'" 1 
ATOM   442  C  "C3'" . G   A 1 23 ? -0.648  -17.531 -10.336 1.00 35.93  ? 23  G   A "C3'" 1 
ATOM   443  O  "O3'" . G   A 1 23 ? 0.001   -17.759 -11.560 1.00 46.71  ? 23  G   A "O3'" 1 
ATOM   444  C  "C2'" . G   A 1 23 ? -1.799  -16.554 -10.456 1.00 39.20  ? 23  G   A "C2'" 1 
ATOM   445  O  "O2'" . G   A 1 23 ? -2.528  -16.789 -11.651 1.00 42.11  ? 23  G   A "O2'" 1 
ATOM   446  C  "C1'" . G   A 1 23 ? -2.652  -16.945 -9.249  1.00 34.62  ? 23  G   A "C1'" 1 
ATOM   447  N  N9    . G   A 1 23 ? -2.298  -16.121 -8.091  1.00 31.81  ? 23  G   A N9    1 
ATOM   448  C  C8    . G   A 1 23 ? -1.517  -16.470 -7.024  1.00 31.05  ? 23  G   A C8    1 
ATOM   449  N  N7    . G   A 1 23 ? -1.375  -15.486 -6.192  1.00 31.44  ? 23  G   A N7    1 
ATOM   450  C  C5    . G   A 1 23 ? -2.082  -14.442 -6.758  1.00 28.74  ? 23  G   A C5    1 
ATOM   451  C  C6    . G   A 1 23 ? -2.286  -13.131 -6.305  1.00 33.13  ? 23  G   A C6    1 
ATOM   452  O  O6    . G   A 1 23 ? -1.854  -12.619 -5.279  1.00 36.27  ? 23  G   A O6    1 
ATOM   453  N  N1    . G   A 1 23 ? -3.084  -12.402 -7.176  1.00 34.79  ? 23  G   A N1    1 
ATOM   454  C  C2    . G   A 1 23 ? -3.611  -12.874 -8.350  1.00 37.33  ? 23  G   A C2    1 
ATOM   455  N  N2    . G   A 1 23 ? -4.355  -12.019 -9.065  1.00 40.60  ? 23  G   A N2    1 
ATOM   456  N  N3    . G   A 1 23 ? -3.429  -14.102 -8.789  1.00 33.03  ? 23  G   A N3    1 
ATOM   457  C  C4    . G   A 1 23 ? -2.659  -14.814 -7.938  1.00 32.44  ? 23  G   A C4    1 
ATOM   458  P  P     . A   A 1 24 ? 1.460   -17.165 -11.820 1.00 58.58  ? 24  A   A P     1 
ATOM   459  O  OP1   . A   A 1 24 ? 1.988   -18.003 -12.933 1.00 51.65  ? 24  A   A OP1   1 
ATOM   460  O  OP2   . A   A 1 24 ? 2.218   -17.058 -10.544 1.00 52.61  ? 24  A   A OP2   1 
ATOM   461  O  "O5'" . A   A 1 24 ? 1.168   -15.684 -12.312 1.00 39.63  ? 24  A   A "O5'" 1 
ATOM   462  C  "C5'" . A   A 1 24 ? 0.447   -15.466 -13.507 1.00 44.44  ? 24  A   A "C5'" 1 
ATOM   463  C  "C4'" . A   A 1 24 ? -0.189  -14.103 -13.518 1.00 48.91  ? 24  A   A "C4'" 1 
ATOM   464  O  "O4'" . A   A 1 24 ? -1.052  -13.949 -12.360 1.00 50.05  ? 24  A   A "O4'" 1 
ATOM   465  C  "C3'" . A   A 1 24 ? 0.758   -12.927 -13.406 1.00 50.23  ? 24  A   A "C3'" 1 
ATOM   466  O  "O3'" . A   A 1 24 ? 1.426   -12.620 -14.610 1.00 56.13  ? 24  A   A "O3'" 1 
ATOM   467  C  "C2'" . A   A 1 24 ? -0.159  -11.820 -12.923 1.00 52.48  ? 24  A   A "C2'" 1 
ATOM   468  O  "O2'" . A   A 1 24 ? -0.935  -11.322 -14.003 1.00 60.15  ? 24  A   A "O2'" 1 
ATOM   469  C  "C1'" . A   A 1 24 ? -1.068  -12.591 -11.962 1.00 52.06  ? 24  A   A "C1'" 1 
ATOM   470  N  N9    . A   A 1 24 ? -0.570  -12.468 -10.581 1.00 44.90  ? 24  A   A N9    1 
ATOM   471  C  C8    . A   A 1 24 ? 0.138   -13.321 -9.771  1.00 43.37  ? 24  A   A C8    1 
ATOM   472  N  N7    . A   A 1 24 ? 0.429   -12.799 -8.596  1.00 40.22  ? 24  A   A N7    1 
ATOM   473  C  C5    . A   A 1 24 ? -0.110  -11.525 -8.659  1.00 40.00  ? 24  A   A C5    1 
ATOM   474  C  C6    . A   A 1 24 ? -0.163  -10.457 -7.753  1.00 41.67  ? 24  A   A C6    1 
ATOM   475  N  N6    . A   A 1 24 ? 0.355   -10.481 -6.531  1.00 46.73  ? 24  A   A N6    1 
ATOM   476  N  N1    . A   A 1 24 ? -0.782  -9.332  -8.145  1.00 46.66  ? 24  A   A N1    1 
ATOM   477  C  C2    . A   A 1 24 ? -1.328  -9.289  -9.366  1.00 53.00  ? 24  A   A C2    1 
ATOM   478  N  N3    . A   A 1 24 ? -1.360  -10.224 -10.308 1.00 47.92  ? 24  A   A N3    1 
ATOM   479  C  C4    . A   A 1 24 ? -0.722  -11.319 -9.874  1.00 44.40  ? 24  A   A C4    1 
ATOM   480  P  P     . G   A 1 25 ? 2.870   -11.920 -14.547 1.00 59.22  ? 25  G   A P     1 
ATOM   481  O  OP1   . G   A 1 25 ? 3.373   -11.763 -15.935 1.00 61.79  ? 25  G   A OP1   1 
ATOM   482  O  OP2   . G   A 1 25 ? 3.663   -12.616 -13.502 1.00 54.50  ? 25  G   A OP2   1 
ATOM   483  O  "O5'" . G   A 1 25 ? 2.558   -10.454 -14.033 1.00 61.47  ? 25  G   A "O5'" 1 
ATOM   484  C  "C5'" . G   A 1 25 ? 1.812   -9.561  -14.838 1.00 60.10  ? 25  G   A "C5'" 1 
ATOM   485  C  "C4'" . G   A 1 25 ? 1.497   -8.316  -14.067 1.00 65.01  ? 25  G   A "C4'" 1 
ATOM   486  O  "O4'" . G   A 1 25 ? 0.802   -8.667  -12.842 1.00 66.57  ? 25  G   A "O4'" 1 
ATOM   487  C  "C3'" . G   A 1 25 ? 2.701   -7.537  -13.582 1.00 66.80  ? 25  G   A "C3'" 1 
ATOM   488  O  "O3'" . G   A 1 25 ? 3.292   -6.743  -14.589 1.00 73.32  ? 25  G   A "O3'" 1 
ATOM   489  C  "C2'" . G   A 1 25 ? 2.128   -6.740  -12.421 1.00 70.56  ? 25  G   A "C2'" 1 
ATOM   490  O  "O2'" . G   A 1 25 ? 1.380   -5.633  -12.902 1.00 79.44  ? 25  G   A "O2'" 1 
ATOM   491  C  "C1'" . G   A 1 25 ? 1.164   -7.765  -11.812 1.00 66.95  ? 25  G   A "C1'" 1 
ATOM   492  N  N9    . G   A 1 25 ? 1.804   -8.522  -10.716 1.00 58.26  ? 25  G   A N9    1 
ATOM   493  C  C8    . G   A 1 25 ? 2.272   -9.818  -10.743 1.00 55.50  ? 25  G   A C8    1 
ATOM   494  N  N7    . G   A 1 25 ? 2.810   -10.184 -9.605  1.00 53.11  ? 25  G   A N7    1 
ATOM   495  C  C5    . G   A 1 25 ? 2.697   -9.061  -8.792  1.00 50.36  ? 25  G   A C5    1 
ATOM   496  C  C6    . G   A 1 25 ? 3.092   -8.852  -7.451  1.00 49.19  ? 25  G   A C6    1 
ATOM   497  O  O6    . G   A 1 25 ? 3.643   -9.639  -6.689  1.00 49.39  ? 25  G   A O6    1 
ATOM   498  N  N1    . G   A 1 25 ? 2.794   -7.579  -7.002  1.00 52.61  ? 25  G   A N1    1 
ATOM   499  C  C2    . G   A 1 25 ? 2.178   -6.621  -7.754  1.00 60.36  ? 25  G   A C2    1 
ATOM   500  N  N2    . G   A 1 25 ? 1.966   -5.450  -7.140  1.00 63.68  ? 25  G   A N2    1 
ATOM   501  N  N3    . G   A 1 25 ? 1.792   -6.795  -9.009  1.00 60.39  ? 25  G   A N3    1 
ATOM   502  C  C4    . G   A 1 25 ? 2.081   -8.031  -9.460  1.00 54.29  ? 25  G   A C4    1 
ATOM   503  P  P     . U   A 1 26 ? 4.892   -6.669  -14.692 1.00 84.52  ? 26  U   A P     1 
ATOM   504  O  OP1   . U   A 1 26 ? 5.221   -5.909  -15.923 1.00 92.05  ? 26  U   A OP1   1 
ATOM   505  O  OP2   . U   A 1 26 ? 5.422   -8.050  -14.527 1.00 78.58  ? 26  U   A OP2   1 
ATOM   506  O  "O5'" . U   A 1 26 ? 5.317   -5.784  -13.432 1.00 76.58  ? 26  U   A "O5'" 1 
ATOM   507  C  "C5'" . U   A 1 26 ? 4.805   -4.467  -13.268 1.00 79.19  ? 26  U   A "C5'" 1 
ATOM   508  C  "C4'" . U   A 1 26 ? 5.256   -3.837  -11.971 1.00 81.97  ? 26  U   A "C4'" 1 
ATOM   509  O  "O4'" . U   A 1 26 ? 4.561   -4.448  -10.848 1.00 79.75  ? 26  U   A "O4'" 1 
ATOM   510  C  "C3'" . U   A 1 26 ? 6.731   -3.985  -11.618 1.00 81.38  ? 26  U   A "C3'" 1 
ATOM   511  O  "O3'" . U   A 1 26 ? 7.573   -3.076  -12.309 1.00 84.58  ? 26  U   A "O3'" 1 
ATOM   512  C  "C2'" . U   A 1 26 ? 6.727   -3.787  -10.107 1.00 84.01  ? 26  U   A "C2'" 1 
ATOM   513  O  "O2'" . U   A 1 26 ? 6.642   -2.406  -9.784  1.00 95.00  ? 26  U   A "O2'" 1 
ATOM   514  C  "C1'" . U   A 1 26 ? 5.409   -4.469  -9.713  1.00 76.08  ? 26  U   A "C1'" 1 
ATOM   515  N  N1    . U   A 1 26 ? 5.638   -5.873  -9.287  1.00 66.96  ? 26  U   A N1    1 
ATOM   516  C  C2    . U   A 1 26 ? 5.753   -6.124  -7.932  1.00 62.54  ? 26  U   A C2    1 
ATOM   517  O  O2    . U   A 1 26 ? 5.630   -5.260  -7.084  1.00 69.25  ? 26  U   A O2    1 
ATOM   518  N  N3    . U   A 1 26 ? 6.001   -7.431  -7.593  1.00 56.92  ? 26  U   A N3    1 
ATOM   519  C  C4    . U   A 1 26 ? 6.160   -8.499  -8.455  1.00 56.79  ? 26  U   A C4    1 
ATOM   520  O  O4    . U   A 1 26 ? 6.378   -9.627  -8.009  1.00 54.35  ? 26  U   A O4    1 
ATOM   521  C  C5    . U   A 1 26 ? 6.043   -8.161  -9.838  1.00 61.99  ? 26  U   A C5    1 
ATOM   522  C  C6    . U   A 1 26 ? 5.801   -6.895  -10.195 1.00 68.08  ? 26  U   A C6    1 
HETATM 523  N  N1    . OMU B 1 4  ? -0.567  4.046   -4.032  1.00 80.74  ? 4   OMU B N1    1 
HETATM 524  C  C2    . OMU B 1 4  ? -0.267  4.829   -5.140  1.00 73.35  ? 4   OMU B C2    1 
HETATM 525  N  N3    . OMU B 1 4  ? -0.730  6.130   -5.094  1.00 68.29  ? 4   OMU B N3    1 
HETATM 526  C  C4    . OMU B 1 4  ? -1.451  6.707   -4.072  1.00 71.69  ? 4   OMU B C4    1 
HETATM 527  C  C5    . OMU B 1 4  ? -1.721  5.823   -2.966  1.00 75.63  ? 4   OMU B C5    1 
HETATM 528  C  C6    . OMU B 1 4  ? -1.286  4.549   -2.973  1.00 81.10  ? 4   OMU B C6    1 
HETATM 529  O  O2    . OMU B 1 4  ? 0.360   4.427   -6.102  1.00 73.20  ? 4   OMU B O2    1 
HETATM 530  O  O4    . OMU B 1 4  ? -1.824  7.884   -4.135  1.00 70.64  ? 4   OMU B O4    1 
HETATM 531  C  "C1'" . OMU B 1 4  ? -0.094  2.540   -3.989  1.00 79.76  ? 4   OMU B "C1'" 1 
HETATM 532  C  "C2'" . OMU B 1 4  ? 1.449   2.390   -4.178  1.00 80.64  ? 4   OMU B "C2'" 1 
HETATM 533  O  "O2'" . OMU B 1 4  ? 1.727   1.126   -4.723  1.00 84.35  ? 4   OMU B "O2'" 1 
HETATM 534  C  CM2   . OMU B 1 4  ? 2.209   1.208   -6.041  1.00 75.57  ? 4   OMU B CM2   1 
HETATM 535  C  "C3'" . OMU B 1 4  ? 1.869   2.535   -2.708  1.00 81.11  ? 4   OMU B "C3'" 1 
HETATM 536  C  "C4'" . OMU B 1 4  ? 0.802   1.644   -2.060  1.00 83.13  ? 4   OMU B "C4'" 1 
HETATM 537  O  "O3'" . OMU B 1 4  ? 3.164   2.048   -2.556  1.00 82.72  ? 4   OMU B "O3'" 1 
HETATM 538  O  "O4'" . OMU B 1 4  ? -0.411  2.012   -2.710  1.00 81.01  ? 4   OMU B "O4'" 1 
HETATM 539  C  "C5'" . OMU B 1 4  ? 0.696   1.916   -0.522  1.00 91.43  ? 4   OMU B "C5'" 1 
HETATM 540  O  "O5'" . OMU B 1 4  ? 0.967   3.212   -0.345  1.00 91.26  ? 4   OMU B "O5'" 1 
HETATM 541  P  P     . OMU B 1 4  ? 0.341   4.011   1.174   1.00 106.39 ? 4   OMU B P     1 
HETATM 542  O  OP1   . OMU B 1 4  ? 1.245   3.266   2.116   1.00 97.08  ? 4   OMU B OP1   1 
HETATM 543  O  OP2   . OMU B 1 4  ? 0.638   5.478   0.915   1.00 106.72 ? 4   OMU B OP2   1 
HETATM 544  N  N1    . OMC B 1 5  ? 3.102   6.166   -6.947  1.00 59.87  ? 5   OMC B N1    1 
HETATM 545  C  C2    . OMC B 1 5  ? 2.894   7.330   -7.687  1.00 58.60  ? 5   OMC B C2    1 
HETATM 546  N  N3    . OMC B 1 5  ? 2.405   8.411   -7.053  1.00 54.08  ? 5   OMC B N3    1 
HETATM 547  C  C4    . OMC B 1 5  ? 2.110   8.347   -5.749  1.00 59.45  ? 5   OMC B C4    1 
HETATM 548  C  C5    . OMC B 1 5  ? 2.309   7.167   -4.983  1.00 62.60  ? 5   OMC B C5    1 
HETATM 549  C  C6    . OMC B 1 5  ? 2.803   6.117   -5.618  1.00 63.86  ? 5   OMC B C6    1 
HETATM 550  O  O2    . OMC B 1 5  ? 3.181   7.353   -8.898  1.00 61.32  ? 5   OMC B O2    1 
HETATM 551  N  N4    . OMC B 1 5  ? 1.616   9.438   -5.158  1.00 60.85  ? 5   OMC B N4    1 
HETATM 552  C  "C1'" . OMC B 1 5  ? 3.672   4.882   -7.665  1.00 67.96  ? 5   OMC B "C1'" 1 
HETATM 553  C  "C2'" . OMC B 1 5  ? 5.097   5.128   -8.241  1.00 64.64  ? 5   OMC B "C2'" 1 
HETATM 554  O  "O2'" . OMC B 1 5  ? 5.230   4.372   -9.411  1.00 66.30  ? 5   OMC B "O2'" 1 
HETATM 555  C  CM2   . OMC B 1 5  ? 4.276   4.725   -10.382 1.00 62.53  ? 5   OMC B CM2   1 
HETATM 556  C  "C3'" . OMC B 1 5  ? 5.947   4.604   -7.071  1.00 64.97  ? 5   OMC B "C3'" 1 
HETATM 557  C  "C4'" . OMC B 1 5  ? 5.113   3.401   -6.619  1.00 67.03  ? 5   OMC B "C4'" 1 
HETATM 558  O  "O4'" . OMC B 1 5  ? 3.774   3.873   -6.674  1.00 75.23  ? 5   OMC B "O4'" 1 
HETATM 559  O  "O3'" . OMC B 1 5  ? 7.164   4.221   -7.605  1.00 69.65  ? 5   OMC B "O3'" 1 
HETATM 560  C  "C5'" . OMC B 1 5  ? 5.462   2.960   -5.155  1.00 71.30  ? 5   OMC B "C5'" 1 
HETATM 561  O  "O5'" . OMC B 1 5  ? 4.567   3.548   -4.357  1.00 76.25  ? 5   OMC B "O5'" 1 
HETATM 562  P  P     . OMC B 1 5  ? 4.409   3.063   -2.594  1.00 84.33  ? 5   OMC B P     1 
HETATM 563  O  OP1   . OMC B 1 5  ? 5.712   2.346   -2.397  1.00 87.69  ? 5   OMC B OP1   1 
HETATM 564  O  OP2   . OMC B 1 5  ? 4.117   4.355   -1.850  1.00 84.67  ? 5   OMC B OP2   1 
HETATM 565  N  N1    . OMC B 1 6  ? 5.588   9.555   -8.139  1.00 50.45  ? 6   OMC B N1    1 
HETATM 566  C  C2    . OMC B 1 6  ? 4.981   10.792  -7.876  1.00 48.56  ? 6   OMC B C2    1 
HETATM 567  N  N3    . OMC B 1 6  ? 4.538   11.063  -6.622  1.00 42.73  ? 6   OMC B N3    1 
HETATM 568  C  C4    . OMC B 1 6  ? 4.691   10.146  -5.666  1.00 44.78  ? 6   OMC B C4    1 
HETATM 569  C  C5    . OMC B 1 6  ? 5.301   8.882   -5.916  1.00 51.98  ? 6   OMC B C5    1 
HETATM 570  C  C6    . OMC B 1 6  ? 5.724   8.624   -7.152  1.00 52.30  ? 6   OMC B C6    1 
HETATM 571  O  O2    . OMC B 1 6  ? 4.881   11.602  -8.818  1.00 46.57  ? 6   OMC B O2    1 
HETATM 572  N  N4    . OMC B 1 6  ? 4.262   10.433  -4.445  1.00 41.56  ? 6   OMC B N4    1 
HETATM 573  C  "C1'" . OMC B 1 6  ? 6.044   9.237   -9.612  1.00 49.48  ? 6   OMC B "C1'" 1 
HETATM 574  C  "C2'" . OMC B 1 6  ? 7.394   9.882   -10.031 1.00 52.59  ? 6   OMC B "C2'" 1 
HETATM 575  O  "O2'" . OMC B 1 6  ? 7.343   10.246  -11.388 1.00 50.14  ? 6   OMC B "O2'" 1 
HETATM 576  C  CM2   . OMC B 1 6  ? 6.618   11.428  -11.597 1.00 52.27  ? 6   OMC B CM2   1 
HETATM 577  C  "C3'" . OMC B 1 6  ? 8.309   8.671   -9.770  1.00 57.19  ? 6   OMC B "C3'" 1 
HETATM 578  C  "C4'" . OMC B 1 6  ? 7.421   7.531   -10.294 1.00 61.23  ? 6   OMC B "C4'" 1 
HETATM 579  O  "O4'" . OMC B 1 6  ? 6.179   7.826   -9.657  1.00 56.57  ? 6   OMC B "O4'" 1 
HETATM 580  O  "O3'" . OMC B 1 6  ? 9.522   8.892   -10.422 1.00 53.07  ? 6   OMC B "O3'" 1 
HETATM 581  C  "C5'" . OMC B 1 6  ? 7.960   6.136   -9.826  1.00 59.84  ? 6   OMC B "C5'" 1 
HETATM 582  O  "O5'" . OMC B 1 6  ? 8.453   6.394   -8.614  1.00 61.54  ? 6   OMC B "O5'" 1 
HETATM 583  P  P     . OMC B 1 6  ? 8.467   5.110   -7.324  1.00 66.56  ? 6   OMC B P     1 
HETATM 584  O  OP1   . OMC B 1 6  ? 9.733   4.420   -7.742  1.00 62.41  ? 6   OMC B OP1   1 
HETATM 585  O  OP2   . OMC B 1 6  ? 8.312   5.866   -6.020  1.00 60.16  ? 6   OMC B OP2   1 
HETATM 586  N  N1    . OMU B 1 7  ? 7.724   13.182  -7.005  1.00 34.97  ? 7   OMU B N1    1 
HETATM 587  C  C2    . OMU B 1 7  ? 7.003   13.777  -6.016  1.00 38.86  ? 7   OMU B C2    1 
HETATM 588  N  N3    . OMU B 1 7  ? 6.866   13.042  -4.852  1.00 36.90  ? 7   OMU B N3    1 
HETATM 589  C  C4    . OMU B 1 7  ? 7.386   11.788  -4.629  1.00 38.65  ? 7   OMU B C4    1 
HETATM 590  C  C5    . OMU B 1 7  ? 8.119   11.244  -5.742  1.00 38.03  ? 7   OMU B C5    1 
HETATM 591  C  C6    . OMU B 1 7  ? 8.269   11.936  -6.886  1.00 39.10  ? 7   OMU B C6    1 
HETATM 592  O  O2    . OMU B 1 7  ? 6.530   14.887  -6.184  1.00 39.41  ? 7   OMU B O2    1 
HETATM 593  O  O4    . OMU B 1 7  ? 7.205   11.211  -3.551  1.00 43.81  ? 7   OMU B O4    1 
HETATM 594  C  "C1'" . OMU B 1 7  ? 7.841   14.023  -8.309  1.00 40.45  ? 7   OMU B "C1'" 1 
HETATM 595  C  "C2'" . OMU B 1 7  ? 9.057   14.985  -8.280  1.00 43.55  ? 7   OMU B "C2'" 1 
HETATM 596  O  "O2'" . OMU B 1 7  ? 8.698   16.082  -9.069  1.00 44.69  ? 7   OMU B "O2'" 1 
HETATM 597  C  CM2   . OMU B 1 7  ? 7.625   16.788  -8.501  1.00 43.92  ? 7   OMU B CM2   1 
HETATM 598  C  "C3'" . OMU B 1 7  ? 10.116  14.080  -8.930  1.00 41.91  ? 7   OMU B "C3'" 1 
HETATM 599  C  "C4'" . OMU B 1 7  ? 9.261   13.443  -10.014 1.00 45.42  ? 7   OMU B "C4'" 1 
HETATM 600  O  "O3'" . OMU B 1 7  ? 11.083  14.867  -9.520  1.00 38.88  ? 7   OMU B "O3'" 1 
HETATM 601  O  "O4'" . OMU B 1 7  ? 8.055   13.099  -9.352  1.00 46.77  ? 7   OMU B "O4'" 1 
HETATM 602  C  "C5'" . OMU B 1 7  ? 9.974   12.156  -10.513 1.00 47.24  ? 7   OMU B "C5'" 1 
HETATM 603  O  "O5'" . OMU B 1 7  ? 9.993   11.381  -9.433  1.00 47.88  ? 7   OMU B "O5'" 1 
HETATM 604  P  P     . OMU B 1 7  ? 10.659  9.693   -9.624  1.00 59.14  ? 7   OMU B P     1 
HETATM 605  O  OP1   . OMU B 1 7  ? 11.865  10.106  -10.436 1.00 47.01  ? 7   OMU B OP1   1 
HETATM 606  O  OP2   . OMU B 1 7  ? 10.695  9.168   -8.195  1.00 51.47  ? 7   OMU B OP2   1 
ATOM   607  P  P     . DA  B 1 8  ? 12.433  15.170  -8.723  1.00 50.17  ? 8   DA  B P     1 
ATOM   608  O  OP1   . DA  B 1 8  ? 12.021  15.848  -7.478  1.00 45.87  ? 8   DA  B OP1   1 
ATOM   609  O  OP2   . DA  B 1 8  ? 13.389  15.853  -9.628  1.00 43.43  ? 8   DA  B OP2   1 
ATOM   610  O  "O5'" . DA  B 1 8  ? 12.965  13.691  -8.358  1.00 50.50  ? 8   DA  B "O5'" 1 
ATOM   611  C  "C5'" . DA  B 1 8  ? 14.300  13.485  -7.920  1.00 37.61  ? 8   DA  B "C5'" 1 
ATOM   612  C  "C4'" . DA  B 1 8  ? 14.369  12.400  -6.862  1.00 36.88  ? 8   DA  B "C4'" 1 
ATOM   613  O  "O4'" . DA  B 1 8  ? 13.713  12.848  -5.650  1.00 39.68  ? 8   DA  B "O4'" 1 
ATOM   614  C  "C3'" . DA  B 1 8  ? 13.700  11.079  -7.210  1.00 40.02  ? 8   DA  B "C3'" 1 
ATOM   615  O  "O3'" . DA  B 1 8  ? 14.386  10.026  -6.541  1.00 46.29  ? 8   DA  B "O3'" 1 
ATOM   616  C  "C2'" . DA  B 1 8  ? 12.319  11.260  -6.599  1.00 40.35  ? 8   DA  B "C2'" 1 
ATOM   617  C  "C1'" . DA  B 1 8  ? 12.685  11.935  -5.301  1.00 34.26  ? 8   DA  B "C1'" 1 
ATOM   618  N  N9    . DA  B 1 8  ? 11.607  12.708  -4.722  1.00 36.19  ? 8   DA  B N9    1 
ATOM   619  C  C8    . DA  B 1 8  ? 11.089  13.872  -5.216  1.00 36.26  ? 8   DA  B C8    1 
ATOM   620  N  N7    . DA  B 1 8  ? 10.139  14.377  -4.478  1.00 34.36  ? 8   DA  B N7    1 
ATOM   621  C  C5    . DA  B 1 8  ? 10.026  13.490  -3.425  1.00 28.04  ? 8   DA  B C5    1 
ATOM   622  C  C6    . DA  B 1 8  ? 9.191   13.470  -2.311  1.00 31.57  ? 8   DA  B C6    1 
ATOM   623  N  N6    . DA  B 1 8  ? 8.278   14.421  -2.073  1.00 36.03  ? 8   DA  B N6    1 
ATOM   624  N  N1    . DA  B 1 8  ? 9.325   12.447  -1.441  1.00 33.13  ? 8   DA  B N1    1 
ATOM   625  C  C2    . DA  B 1 8  ? 10.244  11.513  -1.683  1.00 33.58  ? 8   DA  B C2    1 
ATOM   626  N  N3    . DA  B 1 8  ? 11.089  11.424  -2.710  1.00 39.93  ? 8   DA  B N3    1 
ATOM   627  C  C4    . DA  B 1 8  ? 10.926  12.459  -3.552  1.00 34.60  ? 8   DA  B C4    1 
ATOM   628  P  P     . DG  B 1 9  ? 15.583  9.224   -7.250  1.00 61.47  ? 9   DG  B P     1 
ATOM   629  O  OP1   . DG  B 1 9  ? 16.510  10.174  -7.939  1.00 42.86  ? 9   DG  B OP1   1 
ATOM   630  O  OP2   . DG  B 1 9  ? 14.940  8.113   -7.997  1.00 66.36  ? 9   DG  B OP2   1 
ATOM   631  O  "O5'" . DG  B 1 9  ? 16.320  8.535   -6.026  1.00 46.18  ? 9   DG  B "O5'" 1 
ATOM   632  C  "C5'" . DG  B 1 9  ? 17.406  9.185   -5.411  1.00 46.60  ? 9   DG  B "C5'" 1 
ATOM   633  C  "C4'" . DG  B 1 9  ? 16.925  10.275  -4.488  1.00 40.44  ? 9   DG  B "C4'" 1 
ATOM   634  O  "O4'" . DG  B 1 9  ? 16.020  9.721   -3.491  1.00 40.89  ? 9   DG  B "O4'" 1 
ATOM   635  C  "C3'" . DG  B 1 9  ? 18.031  10.948  -3.698  1.00 41.81  ? 9   DG  B "C3'" 1 
ATOM   636  O  "O3'" . DG  B 1 9  ? 17.767  12.344  -3.629  1.00 46.54  ? 9   DG  B "O3'" 1 
ATOM   637  C  "C2'" . DG  B 1 9  ? 17.903  10.294  -2.333  1.00 37.30  ? 9   DG  B "C2'" 1 
ATOM   638  C  "C1'" . DG  B 1 9  ? 16.405  10.199  -2.241  1.00 34.83  ? 9   DG  B "C1'" 1 
ATOM   639  N  N9    . DG  B 1 9  ? 15.951  9.304   -1.200  1.00 38.67  ? 9   DG  B N9    1 
ATOM   640  C  C8    . DG  B 1 9  ? 16.436  8.054   -0.923  1.00 42.58  ? 9   DG  B C8    1 
ATOM   641  N  N7    . DG  B 1 9  ? 15.858  7.489   0.103   1.00 45.90  ? 9   DG  B N7    1 
ATOM   642  C  C5    . DG  B 1 9  ? 14.934  8.437   0.545   1.00 41.34  ? 9   DG  B C5    1 
ATOM   643  C  C6    . DG  B 1 9  ? 14.019  8.387   1.630   1.00 44.86  ? 9   DG  B C6    1 
ATOM   644  O  O6    . DG  B 1 9  ? 13.830  7.463   2.443   1.00 49.21  ? 9   DG  B O6    1 
ATOM   645  N  N1    . DG  B 1 9  ? 13.278  9.565   1.735   1.00 42.33  ? 9   DG  B N1    1 
ATOM   646  C  C2    . DG  B 1 9  ? 13.397  10.645  0.897   1.00 41.79  ? 9   DG  B C2    1 
ATOM   647  N  N2    . DG  B 1 9  ? 12.585  11.686  1.155   1.00 42.51  ? 9   DG  B N2    1 
ATOM   648  N  N3    . DG  B 1 9  ? 14.248  10.704  -0.126  1.00 37.28  ? 9   DG  B N3    1 
ATOM   649  C  C4    . DG  B 1 9  ? 14.985  9.563   -0.239  1.00 39.40  ? 9   DG  B C4    1 
HETATM 650  N  N1    . OMU B 1 10 ? 14.161  15.182  -3.451  1.00 32.89  ? 10  OMU B N1    1 
HETATM 651  C  C2    . OMU B 1 10 ? 13.078  15.828  -2.873  1.00 31.61  ? 10  OMU B C2    1 
HETATM 652  N  N3    . OMU B 1 10 ? 12.545  15.243  -1.747  1.00 28.17  ? 10  OMU B N3    1 
HETATM 653  C  C4    . OMU B 1 10 ? 12.989  14.092  -1.151  1.00 33.47  ? 10  OMU B C4    1 
HETATM 654  C  C5    . OMU B 1 10 ? 14.118  13.469  -1.819  1.00 33.31  ? 10  OMU B C5    1 
HETATM 655  C  C6    . OMU B 1 10 ? 14.662  14.014  -2.928  1.00 31.08  ? 10  OMU B C6    1 
HETATM 656  O  O2    . OMU B 1 10 ? 12.613  16.848  -3.326  1.00 28.86  ? 10  OMU B O2    1 
HETATM 657  O  O4    . OMU B 1 10 ? 12.432  13.673  -0.133  1.00 32.83  ? 10  OMU B O4    1 
HETATM 658  C  "C1'" . OMU B 1 10 ? 14.762  15.833  -4.761  1.00 38.24  ? 10  OMU B "C1'" 1 
HETATM 659  C  "C2'" . OMU B 1 10 ? 15.312  17.282  -4.542  1.00 38.95  ? 10  OMU B "C2'" 1 
HETATM 660  O  "O2'" . OMU B 1 10 ? 15.165  18.007  -5.731  1.00 39.88  ? 10  OMU B "O2'" 1 
HETATM 661  C  CM2   . OMU B 1 10 ? 13.817  18.063  -6.123  1.00 37.55  ? 10  OMU B CM2   1 
HETATM 662  C  "C3'" . OMU B 1 10 ? 16.785  17.000  -4.234  1.00 37.74  ? 10  OMU B "C3'" 1 
HETATM 663  C  "C4'" . OMU B 1 10 ? 17.017  15.882  -5.256  1.00 36.26  ? 10  OMU B "C4'" 1 
HETATM 664  O  "O3'" . OMU B 1 10 ? 17.514  18.143  -4.568  1.00 44.81  ? 10  OMU B "O3'" 1 
HETATM 665  O  "O4'" . OMU B 1 10 ? 15.854  15.058  -5.215  1.00 42.84  ? 10  OMU B "O4'" 1 
HETATM 666  C  "C5'" . OMU B 1 10 ? 18.287  15.046  -4.885  1.00 33.58  ? 10  OMU B "C5'" 1 
HETATM 667  O  "O5'" . OMU B 1 10 ? 18.341  14.964  -3.559  1.00 35.84  ? 10  OMU B "O5'" 1 
HETATM 668  P  P     . OMU B 1 10 ? 18.792  13.337  -2.884  1.00 43.90  ? 10  OMU B P     1 
HETATM 669  O  OP1   . OMU B 1 10 ? 20.194  13.280  -3.461  1.00 35.54  ? 10  OMU B OP1   1 
HETATM 670  O  OP2   . OMU B 1 10 ? 18.533  13.285  -1.381  1.00 32.54  ? 10  OMU B OP2   1 
HETATM 671  P  P     . A2M B 1 11 ? 18.271  18.993  -3.431  1.00 47.25  ? 11  A2M B P     1 
HETATM 672  O  OP1   . A2M B 1 11 ? 19.133  20.068  -4.034  1.00 44.61  ? 11  A2M B OP1   1 
HETATM 673  O  "O5'" . A2M B 1 11 ? 16.983  20.088  -2.765  1.00 43.36  ? 11  A2M B "O5'" 1 
HETATM 674  C  "C5'" . A2M B 1 11 ? 16.412  20.903  -3.656  1.00 43.04  ? 11  A2M B "C5'" 1 
HETATM 675  C  "C4'" . A2M B 1 11 ? 15.071  21.354  -3.001  1.00 43.57  ? 11  A2M B "C4'" 1 
HETATM 676  O  "O4'" . A2M B 1 11 ? 14.324  20.182  -2.714  1.00 42.34  ? 11  A2M B "O4'" 1 
HETATM 677  C  "C3'" . A2M B 1 11 ? 15.365  21.991  -1.637  1.00 44.35  ? 11  A2M B "C3'" 1 
HETATM 678  O  "O3'" . A2M B 1 11 ? 15.725  23.347  -1.714  1.00 44.24  ? 11  A2M B "O3'" 1 
HETATM 679  C  "C2'" . A2M B 1 11 ? 14.023  21.739  -0.904  1.00 42.71  ? 11  A2M B "C2'" 1 
HETATM 680  O  "O2'" . A2M B 1 11 ? 12.970  22.610  -1.204  1.00 41.63  ? 11  A2M B "O2'" 1 
HETATM 681  C  "C1'" . A2M B 1 11 ? 13.617  20.357  -1.500  1.00 37.38  ? 11  A2M B "C1'" 1 
HETATM 682  C  "CM'" . A2M B 1 11 ? 12.016  22.551  -0.172  1.00 38.30  ? 11  A2M B "CM'" 1 
HETATM 683  N  N9    . A2M B 1 11 ? 13.902  19.175  -0.625  1.00 33.82  ? 11  A2M B N9    1 
HETATM 684  C  C8    . A2M B 1 11 ? 14.742  18.123  -0.855  1.00 35.03  ? 11  A2M B C8    1 
HETATM 685  N  N7    . A2M B 1 11 ? 14.741  17.228  0.104   1.00 32.62  ? 11  A2M B N7    1 
HETATM 686  C  C5    . A2M B 1 11 ? 13.840  17.715  1.024   1.00 34.15  ? 11  A2M B C5    1 
HETATM 687  C  C6    . A2M B 1 11 ? 13.395  17.230  2.254   1.00 33.42  ? 11  A2M B C6    1 
HETATM 688  N  N6    . A2M B 1 11 ? 13.829  16.088  2.785   1.00 34.28  ? 11  A2M B N6    1 
HETATM 689  N  N1    . A2M B 1 11 ? 12.481  17.958  2.934   1.00 33.11  ? 11  A2M B N1    1 
HETATM 690  C  C2    . A2M B 1 11 ? 12.052  19.101  2.404   1.00 32.99  ? 11  A2M B C2    1 
HETATM 691  N  N3    . A2M B 1 11 ? 12.397  19.666  1.245   1.00 36.70  ? 11  A2M B N3    1 
HETATM 692  C  C4    . A2M B 1 11 ? 13.305  18.925  0.590   1.00 35.57  ? 11  A2M B C4    1 
HETATM 693  O  OP2   . A2M B 1 11 ? 18.726  18.140  -2.258  1.00 43.43  ? 11  A2M B OP2   1 
HETATM 694  N  N1    . OMC B 1 12 ? 15.959  20.249  2.743   1.00 35.56  ? 12  OMC B N1    1 
HETATM 695  C  C2    . OMC B 1 12 ? 16.189  19.087  3.487   1.00 38.57  ? 12  OMC B C2    1 
HETATM 696  N  N3    . OMC B 1 12 ? 16.996  18.109  2.982   1.00 36.08  ? 12  OMC B N3    1 
HETATM 697  C  C4    . OMC B 1 12 ? 17.563  18.274  1.784   1.00 33.68  ? 12  OMC B C4    1 
HETATM 698  C  C5    . OMC B 1 12 ? 17.336  19.449  1.013   1.00 39.15  ? 12  OMC B C5    1 
HETATM 699  C  C6    . OMC B 1 12 ? 16.544  20.397  1.518   1.00 37.37  ? 12  OMC B C6    1 
HETATM 700  O  O2    . OMC B 1 12 ? 15.642  18.990  4.595   1.00 36.95  ? 12  OMC B O2    1 
HETATM 701  N  N4    . OMC B 1 12 ? 18.349  17.310  1.314   1.00 34.77  ? 12  OMC B N4    1 
HETATM 702  C  "C1'" . OMC B 1 12 ? 15.025  21.373  3.346   1.00 40.38  ? 12  OMC B "C1'" 1 
HETATM 703  C  "C2'" . OMC B 1 12 ? 15.827  22.250  4.360   1.00 46.54  ? 12  OMC B "C2'" 1 
HETATM 704  O  "O2'" . OMC B 1 12 ? 14.972  22.688  5.385   1.00 49.17  ? 12  OMC B "O2'" 1 
HETATM 705  C  CM2   . OMC B 1 12 ? 15.083  21.883  6.538   1.00 44.25  ? 12  OMC B CM2   1 
HETATM 706  C  "C3'" . OMC B 1 12 ? 16.315  23.375  3.428   1.00 42.81  ? 12  OMC B "C3'" 1 
HETATM 707  C  "C4'" . OMC B 1 12 ? 15.069  23.550  2.544   1.00 40.37  ? 12  OMC B "C4'" 1 
HETATM 708  O  "O4'" . OMC B 1 12 ? 14.639  22.227  2.282   1.00 43.43  ? 12  OMC B "O4'" 1 
HETATM 709  O  "O3'" . OMC B 1 12 ? 16.609  24.485  4.218   1.00 40.63  ? 12  OMC B "O3'" 1 
HETATM 710  C  "C5'" . OMC B 1 12 ? 15.376  24.259  1.180   1.00 37.55  ? 12  OMC B "C5'" 1 
HETATM 711  O  "O5'" . OMC B 1 12 ? 16.583  23.824  0.816   1.00 45.71  ? 12  OMC B "O5'" 1 
HETATM 712  P  P     . OMC B 1 12 ? 17.046  23.875  -0.952  1.00 45.84  ? 12  OMC B P     1 
HETATM 713  O  OP1   . OMC B 1 12 ? 17.287  25.343  -1.136  1.00 41.60  ? 12  OMC B OP1   1 
HETATM 714  O  OP2   . OMC B 1 12 ? 18.216  22.914  -1.050  1.00 47.03  ? 12  OMC B OP2   1 
ATOM   715  P  P     . G   B 1 13 ? 18.140  24.872  4.506   1.00 47.33  ? 13  G   B P     1 
ATOM   716  O  OP1   . G   B 1 13 ? 18.198  26.080  5.360   1.00 54.91  ? 13  G   B OP1   1 
ATOM   717  O  OP2   . G   B 1 13 ? 18.848  24.905  3.203   1.00 53.95  ? 13  G   B OP2   1 
ATOM   718  O  "O5'" . G   B 1 13 ? 18.674  23.664  5.393   1.00 44.42  ? 13  G   B "O5'" 1 
ATOM   719  C  "C5'" . G   B 1 13 ? 18.286  23.557  6.747   1.00 46.64  ? 13  G   B "C5'" 1 
ATOM   720  C  "C4'" . G   B 1 13 ? 18.759  22.273  7.387   1.00 51.10  ? 13  G   B "C4'" 1 
ATOM   721  O  "O4'" . G   B 1 13 ? 18.190  21.114  6.716   1.00 47.48  ? 13  G   B "O4'" 1 
ATOM   722  C  "C3'" . G   B 1 13 ? 20.253  21.998  7.380   1.00 48.66  ? 13  G   B "C3'" 1 
ATOM   723  O  "O3'" . G   B 1 13 ? 20.966  22.775  8.341   1.00 55.66  ? 13  G   B "O3'" 1 
ATOM   724  C  "C2'" . G   B 1 13 ? 20.294  20.493  7.643   1.00 48.10  ? 13  G   B "C2'" 1 
ATOM   725  O  "O2'" . G   B 1 13 ? 20.129  20.203  9.025   1.00 54.43  ? 13  G   B "O2'" 1 
ATOM   726  C  "C1'" . G   B 1 13 ? 19.052  20.007  6.872   1.00 45.42  ? 13  G   B "C1'" 1 
ATOM   727  N  N9    . G   B 1 13 ? 19.475  19.540  5.551   1.00 40.08  ? 13  G   B N9    1 
ATOM   728  C  C8    . G   B 1 13 ? 19.468  20.232  4.370   1.00 41.64  ? 13  G   B C8    1 
ATOM   729  N  N7    . G   B 1 13 ? 20.000  19.545  3.401   1.00 42.01  ? 13  G   B N7    1 
ATOM   730  C  C5    . G   B 1 13 ? 20.396  18.353  3.999   1.00 40.31  ? 13  G   B C5    1 
ATOM   731  C  C6    . G   B 1 13 ? 21.047  17.219  3.462   1.00 40.99  ? 13  G   B C6    1 
ATOM   732  O  O6    . G   B 1 13 ? 21.405  17.027  2.304   1.00 49.98  ? 13  G   B O6    1 
ATOM   733  N  N1    . G   B 1 13 ? 21.272  16.240  4.405   1.00 33.95  ? 13  G   B N1    1 
ATOM   734  C  C2    . G   B 1 13 ? 20.915  16.343  5.711   1.00 40.40  ? 13  G   B C2    1 
ATOM   735  N  N2    . G   B 1 13 ? 21.218  15.289  6.468   1.00 43.78  ? 13  G   B N2    1 
ATOM   736  N  N3    . G   B 1 13 ? 20.308  17.391  6.238   1.00 41.89  ? 13  G   B N3    1 
ATOM   737  C  C4    . G   B 1 13 ? 20.087  18.348  5.326   1.00 36.65  ? 13  G   B C4    1 
ATOM   738  P  P     . A   B 1 14 ? 22.293  23.618  7.945   1.00 57.57  ? 14  A   B P     1 
ATOM   739  O  OP1   . A   B 1 14 ? 22.721  24.372  9.152   1.00 56.67  ? 14  A   B OP1   1 
ATOM   740  O  OP2   . A   B 1 14 ? 22.105  24.302  6.642   1.00 55.00  ? 14  A   B OP2   1 
ATOM   741  O  "O5'" . A   B 1 14 ? 23.399  22.506  7.700   1.00 59.66  ? 14  A   B "O5'" 1 
ATOM   742  C  "C5'" . A   B 1 14 ? 24.581  22.785  6.971   1.00 56.22  ? 14  A   B "C5'" 1 
ATOM   743  C  "C4'" . A   B 1 14 ? 25.662  21.839  7.399   1.00 54.80  ? 14  A   B "C4'" 1 
ATOM   744  O  "O4'" . A   B 1 14 ? 25.875  22.026  8.816   1.00 55.59  ? 14  A   B "O4'" 1 
ATOM   745  C  "C3'" . A   B 1 14 ? 25.304  20.367  7.263   1.00 58.84  ? 14  A   B "C3'" 1 
ATOM   746  O  "O3'" . A   B 1 14 ? 25.594  19.847  5.983   1.00 62.73  ? 14  A   B "O3'" 1 
ATOM   747  C  "C2'" . A   B 1 14 ? 26.100  19.698  8.374   1.00 57.00  ? 14  A   B "C2'" 1 
ATOM   748  O  "O2'" . A   B 1 14 ? 27.431  19.431  7.956   1.00 60.09  ? 14  A   B "O2'" 1 
ATOM   749  C  "C1'" . A   B 1 14 ? 26.120  20.790  9.440   1.00 55.43  ? 14  A   B "C1'" 1 
ATOM   750  N  N9    . A   B 1 14 ? 25.111  20.603  10.488  1.00 47.03  ? 14  A   B N9    1 
ATOM   751  C  C8    . A   B 1 14 ? 24.027  21.391  10.767  1.00 50.58  ? 14  A   B C8    1 
ATOM   752  N  N7    . A   B 1 14 ? 23.347  20.967  11.813  1.00 54.53  ? 14  A   B N7    1 
ATOM   753  C  C5    . A   B 1 14 ? 24.051  19.839  12.239  1.00 47.73  ? 14  A   B C5    1 
ATOM   754  C  C6    . A   B 1 14 ? 23.859  18.931  13.290  1.00 48.14  ? 14  A   B C6    1 
ATOM   755  N  N6    . A   B 1 14 ? 22.847  19.009  14.158  1.00 58.06  ? 14  A   B N6    1 
ATOM   756  N  N1    . A   B 1 14 ? 24.742  17.922  13.432  1.00 49.06  ? 14  A   B N1    1 
ATOM   757  C  C2    . A   B 1 14 ? 25.757  17.833  12.566  1.00 53.71  ? 14  A   B C2    1 
ATOM   758  N  N3    . A   B 1 14 ? 26.047  18.625  11.536  1.00 55.30  ? 14  A   B N3    1 
ATOM   759  C  C4    . A   B 1 14 ? 25.142  19.614  11.431  1.00 50.04  ? 14  A   B C4    1 
ATOM   760  P  P     . G   B 1 15 ? 24.525  18.895  5.272   1.00 57.19  ? 15  G   B P     1 
ATOM   761  O  OP1   . G   B 1 15 ? 25.117  18.329  4.033   1.00 58.44  ? 15  G   B OP1   1 
ATOM   762  O  OP2   . G   B 1 15 ? 23.283  19.705  5.225   1.00 48.55  ? 15  G   B OP2   1 
ATOM   763  O  "O5'" . G   B 1 15 ? 24.417  17.651  6.261   1.00 46.71  ? 15  G   B "O5'" 1 
ATOM   764  C  "C5'" . G   B 1 15 ? 25.289  16.540  6.099   1.00 44.98  ? 15  G   B "C5'" 1 
ATOM   765  C  "C4'" . G   B 1 15 ? 25.459  15.778  7.386   1.00 50.07  ? 15  G   B "C4'" 1 
ATOM   766  O  "O4'" . G   B 1 15 ? 25.299  16.694  8.495   1.00 58.02  ? 15  G   B "O4'" 1 
ATOM   767  C  "C3'" . G   B 1 15 ? 24.431  14.691  7.641   1.00 53.26  ? 15  G   B "C3'" 1 
ATOM   768  O  "O3'" . G   B 1 15 ? 24.774  13.465  7.021   1.00 53.57  ? 15  G   B "O3'" 1 
ATOM   769  C  "C2'" . G   B 1 15 ? 24.373  14.613  9.161   1.00 53.21  ? 15  G   B "C2'" 1 
ATOM   770  O  "O2'" . G   B 1 15 ? 25.444  13.832  9.662   1.00 54.95  ? 15  G   B "O2'" 1 
ATOM   771  C  "C1'" . G   B 1 15 ? 24.606  16.070  9.551   1.00 53.29  ? 15  G   B "C1'" 1 
ATOM   772  N  N9    . G   B 1 15 ? 23.357  16.821  9.781   1.00 48.33  ? 15  G   B N9    1 
ATOM   773  C  C8    . G   B 1 15 ? 22.813  17.783  8.967   1.00 47.60  ? 15  G   B C8    1 
ATOM   774  N  N7    . G   B 1 15 ? 21.722  18.301  9.455   1.00 46.66  ? 15  G   B N7    1 
ATOM   775  C  C5    . G   B 1 15 ? 21.541  17.654  10.664  1.00 45.68  ? 15  G   B C5    1 
ATOM   776  C  C6    . G   B 1 15 ? 20.521  17.791  11.633  1.00 46.98  ? 15  G   B C6    1 
ATOM   777  O  O6    . G   B 1 15 ? 19.541  18.548  11.599  1.00 51.87  ? 15  G   B O6    1 
ATOM   778  N  N1    . G   B 1 15 ? 20.720  16.928  12.711  1.00 44.71  ? 15  G   B N1    1 
ATOM   779  C  C2    . G   B 1 15 ? 21.778  16.053  12.835  1.00 49.01  ? 15  G   B C2    1 
ATOM   780  N  N2    . G   B 1 15 ? 21.833  15.297  13.940  1.00 47.26  ? 15  G   B N2    1 
ATOM   781  N  N3    . G   B 1 15 ? 22.731  15.916  11.933  1.00 51.08  ? 15  G   B N3    1 
ATOM   782  C  C4    . G   B 1 15 ? 22.547  16.742  10.883  1.00 49.43  ? 15  G   B C4    1 
ATOM   783  P  P     . A   B 1 16 ? 23.655  12.615  6.232   1.00 62.69  ? 16  A   B P     1 
ATOM   784  O  OP1   . A   B 1 16 ? 24.349  11.671  5.315   1.00 63.08  ? 16  A   B OP1   1 
ATOM   785  O  OP2   . A   B 1 16 ? 22.631  13.541  5.696   1.00 39.48  ? 16  A   B OP2   1 
ATOM   786  O  "O5'" . A   B 1 16 ? 23.003  11.724  7.377   1.00 58.42  ? 16  A   B "O5'" 1 
ATOM   787  C  "C5'" . A   B 1 16 ? 23.820  10.937  8.231   1.00 56.54  ? 16  A   B "C5'" 1 
ATOM   788  C  "C4'" . A   B 1 16 ? 23.088  10.630  9.504   1.00 55.29  ? 16  A   B "C4'" 1 
ATOM   789  O  "O4'" . A   B 1 16 ? 22.963  11.849  10.281  1.00 62.57  ? 16  A   B "O4'" 1 
ATOM   790  C  "C3'" . A   B 1 16 ? 21.659  10.169  9.299   1.00 56.91  ? 16  A   B "C3'" 1 
ATOM   791  O  "O3'" . A   B 1 16 ? 21.562  8.787   9.042   1.00 60.35  ? 16  A   B "O3'" 1 
ATOM   792  C  "C2'" . A   B 1 16 ? 20.966  10.618  10.575  1.00 59.55  ? 16  A   B "C2'" 1 
ATOM   793  O  "O2'" . A   B 1 16 ? 21.270  9.730   11.638  1.00 64.91  ? 16  A   B "O2'" 1 
ATOM   794  C  "C1'" . A   B 1 16 ? 21.669  11.943  10.838  1.00 55.68  ? 16  A   B "C1'" 1 
ATOM   795  N  N9    . A   B 1 16 ? 20.992  13.077  10.181  1.00 50.08  ? 16  A   B N9    1 
ATOM   796  C  C8    . A   B 1 16 ? 21.276  13.574  8.933   1.00 50.36  ? 16  A   B C8    1 
ATOM   797  N  N7    . A   B 1 16 ? 20.545  14.597  8.562   1.00 46.14  ? 16  A   B N7    1 
ATOM   798  C  C5    . A   B 1 16 ? 19.708  14.787  9.649   1.00 49.23  ? 16  A   B C5    1 
ATOM   799  C  C6    . A   B 1 16 ? 18.692  15.725  9.880   1.00 47.17  ? 16  A   B C6    1 
ATOM   800  N  N6    . A   B 1 16 ? 18.352  16.675  8.998   1.00 45.63  ? 16  A   B N6    1 
ATOM   801  N  N1    . A   B 1 16 ? 18.047  15.647  11.063  1.00 43.78  ? 16  A   B N1    1 
ATOM   802  C  C2    . A   B 1 16 ? 18.403  14.701  11.938  1.00 44.42  ? 16  A   B C2    1 
ATOM   803  N  N3    . A   B 1 16 ? 19.338  13.764  11.841  1.00 47.74  ? 16  A   B N3    1 
ATOM   804  C  C4    . A   B 1 16 ? 19.966  13.862  10.658  1.00 51.58  ? 16  A   B C4    1 
ATOM   805  P  P     . G   B 1 17 ? 20.308  8.239   8.212   1.00 66.34  ? 17  G   B P     1 
ATOM   806  O  OP1   . G   B 1 17 ? 20.499  6.788   7.958   1.00 69.05  ? 17  G   B OP1   1 
ATOM   807  O  OP2   . G   B 1 17 ? 20.129  9.142   7.050   1.00 61.11  ? 17  G   B OP2   1 
ATOM   808  O  "O5'" . G   B 1 17 ? 19.093  8.434   9.230   1.00 64.56  ? 17  G   B "O5'" 1 
ATOM   809  C  "C5'" . G   B 1 17 ? 17.773  8.669   8.765   1.00 58.51  ? 17  G   B "C5'" 1 
ATOM   810  C  "C4'" . G   B 1 17 ? 17.299  10.047  9.147   1.00 55.62  ? 17  G   B "C4'" 1 
ATOM   811  O  "O4'" . G   B 1 17 ? 18.298  11.030  8.776   1.00 59.06  ? 17  G   B "O4'" 1 
ATOM   812  C  "C3'" . G   B 1 17 ? 16.052  10.524  8.438   1.00 54.98  ? 17  G   B "C3'" 1 
ATOM   813  O  "O3'" . G   B 1 17 ? 14.866  9.986   8.979   1.00 53.50  ? 17  G   B "O3'" 1 
ATOM   814  C  "C2'" . G   B 1 17 ? 16.161  12.039  8.547   1.00 52.16  ? 17  G   B "C2'" 1 
ATOM   815  O  "O2'" . G   B 1 17 ? 15.793  12.458  9.846   1.00 52.16  ? 17  G   B "O2'" 1 
ATOM   816  C  "C1'" . G   B 1 17 ? 17.666  12.238  8.393   1.00 50.19  ? 17  G   B "C1'" 1 
ATOM   817  N  N9    . G   B 1 17 ? 18.082  12.581  7.014   1.00 42.40  ? 17  G   B N9    1 
ATOM   818  C  C8    . G   B 1 17 ? 18.927  11.850  6.215   1.00 41.55  ? 17  G   B C8    1 
ATOM   819  N  N7    . G   B 1 17 ? 19.155  12.401  5.052   1.00 39.08  ? 17  G   B N7    1 
ATOM   820  C  C5    . G   B 1 17 ? 18.418  13.580  5.086   1.00 37.84  ? 17  G   B C5    1 
ATOM   821  C  C6    . G   B 1 17 ? 18.263  14.594  4.106   1.00 38.37  ? 17  G   B C6    1 
ATOM   822  O  O6    . G   B 1 17 ? 18.777  14.660  2.977   1.00 40.67  ? 17  G   B O6    1 
ATOM   823  N  N1    . G   B 1 17 ? 17.430  15.619  4.538   1.00 35.51  ? 17  G   B N1    1 
ATOM   824  C  C2    . G   B 1 17 ? 16.815  15.667  5.764   1.00 40.88  ? 17  G   B C2    1 
ATOM   825  N  N2    . G   B 1 17 ? 16.033  16.742  6.013   1.00 35.34  ? 17  G   B N2    1 
ATOM   826  N  N3    . G   B 1 17 ? 16.946  14.714  6.680   1.00 42.84  ? 17  G   B N3    1 
ATOM   827  C  C4    . G   B 1 17 ? 17.758  13.709  6.286   1.00 40.03  ? 17  G   B C4    1 
ATOM   828  P  P     . G   B 1 18 ? 13.956  9.059   8.039   1.00 66.57  ? 18  G   B P     1 
ATOM   829  O  OP1   . G   B 1 18 ? 12.869  8.468   8.866   1.00 57.04  ? 18  G   B OP1   1 
ATOM   830  O  OP2   . G   B 1 18 ? 14.865  8.195   7.237   1.00 50.36  ? 18  G   B OP2   1 
ATOM   831  O  "O5'" . G   B 1 18 ? 13.307  10.104  7.036   1.00 55.31  ? 18  G   B "O5'" 1 
ATOM   832  C  "C5'" . G   B 1 18 ? 12.774  11.324  7.519   1.00 50.56  ? 18  G   B "C5'" 1 
ATOM   833  C  "C4'" . G   B 1 18 ? 12.775  12.368  6.443   1.00 48.88  ? 18  G   B "C4'" 1 
ATOM   834  O  "O4'" . G   B 1 18 ? 14.134  12.758  6.113   1.00 49.54  ? 18  G   B "O4'" 1 
ATOM   835  C  "C3'" . G   B 1 18 ? 12.222  11.929  5.107   1.00 48.34  ? 18  G   B "C3'" 1 
ATOM   836  O  "O3'" . G   B 1 18 ? 10.819  11.801  5.090   1.00 48.52  ? 18  G   B "O3'" 1 
ATOM   837  C  "C2'" . G   B 1 18 ? 12.789  12.992  4.179   1.00 46.77  ? 18  G   B "C2'" 1 
ATOM   838  O  "O2'" . G   B 1 18 ? 12.131  14.235  4.367   1.00 46.00  ? 18  G   B "O2'" 1 
ATOM   839  C  "C1'" . G   B 1 18 ? 14.196  13.132  4.749   1.00 42.68  ? 18  G   B "C1'" 1 
ATOM   840  N  N9    . G   B 1 18 ? 15.129  12.251  4.041   1.00 38.51  ? 18  G   B N9    1 
ATOM   841  C  C8    . G   B 1 18 ? 15.555  10.987  4.363   1.00 43.12  ? 18  G   B C8    1 
ATOM   842  N  N7    . G   B 1 18 ? 16.380  10.491  3.470   1.00 38.03  ? 18  G   B N7    1 
ATOM   843  C  C5    . G   B 1 18 ? 16.487  11.483  2.512   1.00 33.09  ? 18  G   B C5    1 
ATOM   844  C  C6    . G   B 1 18 ? 17.228  11.533  1.314   1.00 32.97  ? 18  G   B C6    1 
ATOM   845  O  O6    . G   B 1 18 ? 17.973  10.687  0.826   1.00 39.61  ? 18  G   B O6    1 
ATOM   846  N  N1    . G   B 1 18 ? 17.044  12.733  0.645   1.00 35.50  ? 18  G   B N1    1 
ATOM   847  C  C2    . G   B 1 18 ? 16.235  13.755  1.079   1.00 35.34  ? 18  G   B C2    1 
ATOM   848  N  N2    . G   B 1 18 ? 16.201  14.821  0.276   1.00 34.75  ? 18  G   B N2    1 
ATOM   849  N  N3    . G   B 1 18 ? 15.535  13.737  2.199   1.00 31.88  ? 18  G   B N3    1 
ATOM   850  C  C4    . G   B 1 18 ? 15.712  12.574  2.852   1.00 37.44  ? 18  G   B C4    1 
ATOM   851  P  P     . A   B 1 19 ? 10.107  11.047  3.866   1.00 61.73  ? 19  A   B P     1 
ATOM   852  O  OP1   . A   B 1 19 ? 8.717   10.788  4.328   1.00 53.86  ? 19  A   B OP1   1 
ATOM   853  O  OP2   . A   B 1 19 ? 10.982  9.966   3.326   1.00 46.52  ? 19  A   B OP2   1 
ATOM   854  O  "O5'" . A   B 1 19 ? 10.050  12.167  2.737   1.00 54.21  ? 19  A   B "O5'" 1 
ATOM   855  C  "C5'" . A   B 1 19 ? 8.807   12.633  2.232   1.00 50.12  ? 19  A   B "C5'" 1 
ATOM   856  C  "C4'" . A   B 1 19 ? 8.338   13.898  2.915   1.00 44.55  ? 19  A   B "C4'" 1 
ATOM   857  O  "O4'" . A   B 1 19 ? 9.424   14.858  3.050   1.00 42.82  ? 19  A   B "O4'" 1 
ATOM   858  C  "C3'" . A   B 1 19 ? 7.268   14.658  2.156   1.00 50.40  ? 19  A   B "C3'" 1 
ATOM   859  O  "O3'" . A   B 1 19 ? 5.977   14.107  2.347   1.00 60.29  ? 19  A   B "O3'" 1 
ATOM   860  C  "C2'" . A   B 1 19 ? 7.436   16.079  2.680   1.00 47.09  ? 19  A   B "C2'" 1 
ATOM   861  O  "O2'" . A   B 1 19 ? 6.870   16.217  3.980   1.00 47.87  ? 19  A   B "O2'" 1 
ATOM   862  C  "C1'" . A   B 1 19 ? 8.953   16.163  2.789   1.00 38.30  ? 19  A   B "C1'" 1 
ATOM   863  N  N9    . A   B 1 19 ? 9.543   16.605  1.512   1.00 37.58  ? 19  A   B N9    1 
ATOM   864  C  C8    . A   B 1 19 ? 10.362  15.879  0.689   1.00 34.59  ? 19  A   B C8    1 
ATOM   865  N  N7    . A   B 1 19 ? 10.720  16.506  -0.400  1.00 30.63  ? 19  A   B N7    1 
ATOM   866  C  C5    . A   B 1 19 ? 10.106  17.730  -0.297  1.00 29.36  ? 19  A   B C5    1 
ATOM   867  C  C6    . A   B 1 19 ? 10.105  18.846  -1.137  1.00 31.54  ? 19  A   B C6    1 
ATOM   868  N  N6    . A   B 1 19 ? 10.766  18.912  -2.285  1.00 28.06  ? 19  A   B N6    1 
ATOM   869  N  N1    . A   B 1 19 ? 9.381   19.919  -0.749  1.00 37.18  ? 19  A   B N1    1 
ATOM   870  C  C2    . A   B 1 19 ? 8.715   19.865  0.411   1.00 36.92  ? 19  A   B C2    1 
ATOM   871  N  N3    . A   B 1 19 ? 8.643   18.865  1.286   1.00 38.12  ? 19  A   B N3    1 
ATOM   872  C  C4    . A   B 1 19 ? 9.369   17.811  0.870   1.00 35.77  ? 19  A   B C4    1 
ATOM   873  P  P     . C   B 1 20 ? 4.918   14.104  1.147   1.00 61.42  ? 20  C   B P     1 
ATOM   874  O  OP1   . C   B 1 20 ? 3.870   13.112  1.481   1.00 61.30  ? 20  C   B OP1   1 
ATOM   875  O  OP2   . C   B 1 20 ? 5.652   14.010  -0.141  1.00 48.19  ? 20  C   B OP2   1 
ATOM   876  O  "O5'" . C   B 1 20 ? 4.276   15.558  1.239   1.00 60.73  ? 20  C   B "O5'" 1 
ATOM   877  C  "C5'" . C   B 1 20 ? 3.901   16.101  2.496   1.00 56.54  ? 20  C   B "C5'" 1 
ATOM   878  C  "C4'" . C   B 1 20 ? 3.630   17.581  2.395   1.00 55.57  ? 20  C   B "C4'" 1 
ATOM   879  O  "O4'" . C   B 1 20 ? 4.853   18.289  2.064   1.00 51.10  ? 20  C   B "O4'" 1 
ATOM   880  C  "C3'" . C   B 1 20 ? 2.659   18.004  1.309   1.00 55.00  ? 20  C   B "C3'" 1 
ATOM   881  O  "O3'" . C   B 1 20 ? 1.305   17.810  1.676   1.00 56.78  ? 20  C   B "O3'" 1 
ATOM   882  C  "C2'" . C   B 1 20 ? 3.040   19.463  1.074   1.00 53.78  ? 20  C   B "C2'" 1 
ATOM   883  O  "O2'" . C   B 1 20 ? 2.477   20.304  2.075   1.00 55.56  ? 20  C   B "O2'" 1 
ATOM   884  C  "C1'" . C   B 1 20 ? 4.556   19.416  1.271   1.00 46.10  ? 20  C   B "C1'" 1 
ATOM   885  N  N1    . C   B 1 20 ? 5.280   19.281  -0.007  1.00 45.64  ? 20  C   B N1    1 
ATOM   886  C  C2    . C   B 1 20 ? 5.398   20.401  -0.829  1.00 45.74  ? 20  C   B C2    1 
ATOM   887  O  O2    . C   B 1 20 ? 4.889   21.468  -0.467  1.00 44.76  ? 20  C   B O2    1 
ATOM   888  N  N3    . C   B 1 20 ? 6.063   20.292  -2.005  1.00 46.59  ? 20  C   B N3    1 
ATOM   889  C  C4    . C   B 1 20 ? 6.598   19.128  -2.356  1.00 37.70  ? 20  C   B C4    1 
ATOM   890  N  N4    . C   B 1 20 ? 7.236   19.097  -3.520  1.00 39.01  ? 20  C   B N4    1 
ATOM   891  C  C5    . C   B 1 20 ? 6.502   17.969  -1.536  1.00 39.36  ? 20  C   B C5    1 
ATOM   892  C  C6    . C   B 1 20 ? 5.841   18.082  -0.374  1.00 44.68  ? 20  C   B C6    1 
ATOM   893  P  P     . C   B 1 21 ? 0.213   17.378  0.572   1.00 61.47  ? 21  C   B P     1 
ATOM   894  O  OP1   . C   B 1 21 ? -1.112  17.572  1.208   1.00 53.13  ? 21  C   B OP1   1 
ATOM   895  O  OP2   . C   B 1 21 ? 0.587   16.057  -0.012  1.00 57.19  ? 21  C   B OP2   1 
ATOM   896  O  "O5'" . C   B 1 21 ? 0.345   18.482  -0.566  1.00 50.96  ? 21  C   B "O5'" 1 
ATOM   897  C  "C5'" . C   B 1 21 ? -0.269  19.754  -0.435  1.00 46.00  ? 21  C   B "C5'" 1 
ATOM   898  C  "C4'" . C   B 1 21 ? 0.071   20.627  -1.612  1.00 42.07  ? 21  C   B "C4'" 1 
ATOM   899  O  "O4'" . C   B 1 21 ? 1.515   20.695  -1.733  1.00 48.80  ? 21  C   B "O4'" 1 
ATOM   900  C  "C3'" . C   B 1 21 ? -0.372  20.097  -2.958  1.00 45.80  ? 21  C   B "C3'" 1 
ATOM   901  O  "O3'" . C   B 1 21 ? -1.736  20.331  -3.257  1.00 52.28  ? 21  C   B "O3'" 1 
ATOM   902  C  "C2'" . C   B 1 21 ? 0.612   20.749  -3.918  1.00 46.58  ? 21  C   B "C2'" 1 
ATOM   903  O  "O2'" . C   B 1 21 ? 0.266   22.099  -4.191  1.00 45.65  ? 21  C   B "O2'" 1 
ATOM   904  C  "C1'" . C   B 1 21 ? 1.890   20.713  -3.093  1.00 44.59  ? 21  C   B "C1'" 1 
ATOM   905  N  N1    . C   B 1 21 ? 2.664   19.486  -3.384  1.00 47.58  ? 21  C   B N1    1 
ATOM   906  C  C2    . C   B 1 21 ? 3.465   19.465  -4.532  1.00 48.34  ? 21  C   B C2    1 
ATOM   907  O  O2    . C   B 1 21 ? 3.515   20.483  -5.252  1.00 47.46  ? 21  C   B O2    1 
ATOM   908  N  N3    . C   B 1 21 ? 4.167   18.336  -4.818  1.00 44.81  ? 21  C   B N3    1 
ATOM   909  C  C4    . C   B 1 21 ? 4.082   17.269  -4.022  1.00 42.21  ? 21  C   B C4    1 
ATOM   910  N  N4    . C   B 1 21 ? 4.785   16.185  -4.350  1.00 42.46  ? 21  C   B N4    1 
ATOM   911  C  C5    . C   B 1 21 ? 3.269   17.261  -2.852  1.00 46.21  ? 21  C   B C5    1 
ATOM   912  C  C6    . C   B 1 21 ? 2.584   18.379  -2.578  1.00 49.18  ? 21  C   B C6    1 
ATOM   913  P  P     . G   B 1 22 ? -2.565  19.194  -4.041  1.00 55.03  ? 22  G   B P     1 
ATOM   914  O  OP1   . G   B 1 22 ? -3.893  19.760  -4.404  1.00 45.79  ? 22  G   B OP1   1 
ATOM   915  O  OP2   . G   B 1 22 ? -2.507  17.946  -3.214  1.00 37.12  ? 22  G   B OP2   1 
ATOM   916  O  "O5'" . G   B 1 22 ? -1.736  19.002  -5.391  1.00 42.00  ? 22  G   B "O5'" 1 
ATOM   917  C  "C5'" . G   B 1 22 ? -1.644  20.046  -6.346  1.00 40.64  ? 22  G   B "C5'" 1 
ATOM   918  C  "C4'" . G   B 1 22 ? -0.651  19.711  -7.428  1.00 50.79  ? 22  G   B "C4'" 1 
ATOM   919  O  "O4'" . G   B 1 22 ? 0.638   19.390  -6.840  1.00 53.22  ? 22  G   B "O4'" 1 
ATOM   920  C  "C3'" . G   B 1 22 ? -0.974  18.485  -8.263  1.00 56.51  ? 22  G   B "C3'" 1 
ATOM   921  O  "O3'" . G   B 1 22 ? -1.923  18.745  -9.276  1.00 63.28  ? 22  G   B "O3'" 1 
ATOM   922  C  "C2'" . G   B 1 22 ? 0.390   18.090  -8.795  1.00 53.83  ? 22  G   B "C2'" 1 
ATOM   923  O  "O2'" . G   B 1 22 ? 0.797   19.004  -9.799  1.00 56.26  ? 22  G   B "O2'" 1 
ATOM   924  C  "C1'" . G   B 1 22 ? 1.254   18.354  -7.574  1.00 49.37  ? 22  G   B "C1'" 1 
ATOM   925  N  N9    . G   B 1 22 ? 1.381   17.168  -6.705  1.00 45.87  ? 22  G   B N9    1 
ATOM   926  C  C8    . G   B 1 22 ? 0.823   16.976  -5.463  1.00 45.63  ? 22  G   B C8    1 
ATOM   927  N  N7    . G   B 1 22 ? 1.142   15.818  -4.945  1.00 47.36  ? 22  G   B N7    1 
ATOM   928  C  C5    . G   B 1 22 ? 1.969   15.220  -5.896  1.00 43.74  ? 22  G   B C5    1 
ATOM   929  C  C6    . G   B 1 22 ? 2.637   13.961  -5.900  1.00 42.46  ? 22  G   B C6    1 
ATOM   930  O  O6    . G   B 1 22 ? 2.642   13.080  -5.034  1.00 41.59  ? 22  G   B O6    1 
ATOM   931  N  N1    . G   B 1 22 ? 3.362   13.764  -7.064  1.00 37.37  ? 22  G   B N1    1 
ATOM   932  C  C2    . G   B 1 22 ? 3.436   14.657  -8.096  1.00 42.46  ? 22  G   B C2    1 
ATOM   933  N  N2    . G   B 1 22 ? 4.188   14.289  -9.138  1.00 42.04  ? 22  G   B N2    1 
ATOM   934  N  N3    . G   B 1 22 ? 2.830   15.832  -8.108  1.00 44.55  ? 22  G   B N3    1 
ATOM   935  C  C4    . G   B 1 22 ? 2.121   16.047  -6.984  1.00 43.30  ? 22  G   B C4    1 
ATOM   936  P  P     . G   B 1 23 ? -3.095  17.689  -9.547  1.00 68.78  ? 23  G   B P     1 
ATOM   937  O  OP1   . G   B 1 23 ? -4.203  18.454  -10.187 1.00 66.92  ? 23  G   B OP1   1 
ATOM   938  O  OP2   . G   B 1 23 ? -3.343  16.900  -8.305  1.00 46.18  ? 23  G   B OP2   1 
ATOM   939  O  "O5'" . G   B 1 23 ? -2.448  16.710  -10.620 1.00 69.79  ? 23  G   B "O5'" 1 
ATOM   940  C  "C5'" . G   B 1 23 ? -1.816  17.230  -11.775 1.00 62.04  ? 23  G   B "C5'" 1 
ATOM   941  C  "C4'" . G   B 1 23 ? -0.829  16.249  -12.357 1.00 70.04  ? 23  G   B "C4'" 1 
ATOM   942  O  "O4'" . G   B 1 23 ? 0.315   16.097  -11.471 1.00 65.95  ? 23  G   B "O4'" 1 
ATOM   943  C  "C3'" . G   B 1 23 ? -1.312  14.817  -12.551 1.00 73.09  ? 23  G   B "C3'" 1 
ATOM   944  O  "O3'" . G   B 1 23 ? -2.163  14.627  -13.669 1.00 78.71  ? 23  G   B "O3'" 1 
ATOM   945  C  "C2'" . G   B 1 23 ? 0.002   14.065  -12.650 1.00 67.23  ? 23  G   B "C2'" 1 
ATOM   946  O  "O2'" . G   B 1 23 ? 0.617   14.337  -13.899 1.00 64.37  ? 23  G   B "O2'" 1 
ATOM   947  C  "C1'" . G   B 1 23 ? 0.804   14.768  -11.557 1.00 62.91  ? 23  G   B "C1'" 1 
ATOM   948  N  N9    . G   B 1 23 ? 0.590   14.111  -10.254 1.00 55.23  ? 23  G   B N9    1 
ATOM   949  C  C8    . G   B 1 23 ? -0.134  14.615  -9.207  1.00 54.88  ? 23  G   B C8    1 
ATOM   950  N  N7    . G   B 1 23 ? -0.167  13.804  -8.183  1.00 53.12  ? 23  G   B N7    1 
ATOM   951  C  C5    . G   B 1 23 ? 0.566   12.700  -8.588  1.00 47.01  ? 23  G   B C5    1 
ATOM   952  C  C6    . G   B 1 23 ? 0.857   11.512  -7.892  1.00 46.05  ? 23  G   B C6    1 
ATOM   953  O  O6    . G   B 1 23 ? 0.516   11.193  -6.747  1.00 46.35  ? 23  G   B O6    1 
ATOM   954  N  N1    . G   B 1 23 ? 1.626   10.656  -8.656  1.00 47.01  ? 23  G   B N1    1 
ATOM   955  C  C2    . G   B 1 23 ? 2.054   10.912  -9.929  1.00 54.55  ? 23  G   B C2    1 
ATOM   956  N  N2    . G   B 1 23 ? 2.793   9.946   -10.502 1.00 57.74  ? 23  G   B N2    1 
ATOM   957  N  N3    . G   B 1 23 ? 1.786   12.023  -10.594 1.00 53.06  ? 23  G   B N3    1 
ATOM   958  C  C4    . G   B 1 23 ? 1.040   12.868  -9.864  1.00 50.52  ? 23  G   B C4    1 
ATOM   959  P  P     . A   B 1 24 ? -3.446  13.665  -13.530 1.00 81.34  ? 24  A   B P     1 
ATOM   960  O  OP1   . A   B 1 24 ? -4.286  13.837  -14.744 1.00 80.80  ? 24  A   B OP1   1 
ATOM   961  O  OP2   . A   B 1 24 ? -4.038  13.890  -12.185 1.00 73.26  ? 24  A   B OP2   1 
ATOM   962  O  "O5'" . A   B 1 24 ? -2.834  12.188  -13.525 1.00 86.06  ? 24  A   B "O5'" 1 
ATOM   963  C  "C5'" . A   B 1 24 ? -2.010  11.725  -14.589 1.00 83.99  ? 24  A   B "C5'" 1 
ATOM   964  C  "C4'" . A   B 1 24 ? -1.368  10.394  -14.269 1.00 82.67  ? 24  A   B "C4'" 1 
ATOM   965  O  "O4'" . A   B 1 24 ? -0.566  10.506  -13.062 1.00 75.86  ? 24  A   B "O4'" 1 
ATOM   966  C  "C3'" . A   B 1 24 ? -2.314  9.238   -13.973 1.00 83.91  ? 24  A   B "C3'" 1 
ATOM   967  O  "O3'" . A   B 1 24 ? -2.841  8.637   -15.143 1.00 89.75  ? 24  A   B "O3'" 1 
ATOM   968  C  "C2'" . A   B 1 24 ? -1.441  8.295   -13.156 1.00 80.78  ? 24  A   B "C2'" 1 
ATOM   969  O  "O2'" . A   B 1 24 ? -0.580  7.553   -14.008 1.00 81.05  ? 24  A   B "O2'" 1 
ATOM   970  C  "C1'" . A   B 1 24 ? -0.594  9.284   -12.351 1.00 75.08  ? 24  A   B "C1'" 1 
ATOM   971  N  N9    . A   B 1 24 ? -1.149  9.523   -11.002 1.00 70.04  ? 24  A   B N9    1 
ATOM   972  C  C8    . A   B 1 24 ? -1.879  10.599  -10.554 1.00 64.76  ? 24  A   B C8    1 
ATOM   973  N  N7    . A   B 1 24 ? -2.228  10.513  -9.291  1.00 61.82  ? 24  A   B N7    1 
ATOM   974  C  C5    . A   B 1 24 ? -1.697  9.295   -8.880  1.00 63.83  ? 24  A   B C5    1 
ATOM   975  C  C6    . A   B 1 24 ? -1.711  8.620   -7.648  1.00 61.30  ? 24  A   B C6    1 
ATOM   976  N  N6    . A   B 1 24 ? -2.304  9.089   -6.554  1.00 59.83  ? 24  A   B N6    1 
ATOM   977  N  N1    . A   B 1 24 ? -1.089  7.427   -7.573  1.00 63.42  ? 24  A   B N1    1 
ATOM   978  C  C2    . A   B 1 24 ? -0.487  6.955   -8.670  1.00 65.98  ? 24  A   B C2    1 
ATOM   979  N  N3    . A   B 1 24 ? -0.400  7.493   -9.883  1.00 66.61  ? 24  A   B N3    1 
ATOM   980  C  C4    . A   B 1 24 ? -1.033  8.676   -9.922  1.00 66.60  ? 24  A   B C4    1 
ATOM   981  P  P     . G   B 1 25 ? -4.259  7.880   -15.095 1.00 103.56 ? 25  G   B P     1 
ATOM   982  O  OP1   . G   B 1 25 ? -4.452  7.225   -16.417 1.00 90.42  ? 25  G   B OP1   1 
ATOM   983  O  OP2   . G   B 1 25 ? -5.278  8.830   -14.571 1.00 97.08  ? 25  G   B OP2   1 
ATOM   984  O  "O5'" . G   B 1 25 ? -4.067  6.738   -13.994 1.00 95.43  ? 25  G   B "O5'" 1 
ATOM   985  C  "C5'" . G   B 1 25 ? -3.440  5.507   -14.324 1.00 90.34  ? 25  G   B "C5'" 1 
ATOM   986  C  "C4'" . G   B 1 25 ? -3.178  4.660   -13.101 1.00 90.75  ? 25  G   B "C4'" 1 
ATOM   987  O  "O4'" . G   B 1 25 ? -2.609  5.470   -12.035 1.00 88.63  ? 25  G   B "O4'" 1 
ATOM   988  C  "C3'" . G   B 1 25 ? -4.387  4.004   -12.447 1.00 93.84  ? 25  G   B "C3'" 1 
ATOM   989  O  "O3'" . G   B 1 25 ? -4.839  2.846   -13.141 1.00 96.71  ? 25  G   B "O3'" 1 
ATOM   990  C  "C2'" . G   B 1 25 ? -3.877  3.714   -11.035 1.00 91.69  ? 25  G   B "C2'" 1 
ATOM   991  O  "O2'" . G   B 1 25 ? -3.078  2.536   -11.018 1.00 91.71  ? 25  G   B "O2'" 1 
ATOM   992  C  "C1'" . G   B 1 25 ? -2.965  4.922   -10.778 1.00 85.33  ? 25  G   B "C1'" 1 
ATOM   993  N  N9    . G   B 1 25 ? -3.612  5.957   -9.940  1.00 75.47  ? 25  G   B N9    1 
ATOM   994  C  C8    . G   B 1 25 ? -4.130  7.157   -10.353 1.00 75.59  ? 25  G   B C8    1 
ATOM   995  N  N7    . G   B 1 25 ? -4.637  7.858   -9.376  1.00 73.14  ? 25  G   B N7    1 
ATOM   996  C  C5    . G   B 1 25 ? -4.449  7.082   -8.245  1.00 70.17  ? 25  G   B C5    1 
ATOM   997  C  C6    . G   B 1 25 ? -4.795  7.331   -6.887  1.00 70.78  ? 25  G   B C6    1 
ATOM   998  O  O6    . G   B 1 25 ? -5.354  8.317   -6.390  1.00 67.06  ? 25  G   B O6    1 
ATOM   999  N  N1    . G   B 1 25 ? -4.413  6.283   -6.060  1.00 72.93  ? 25  G   B N1    1 
ATOM   1000 C  C2    . G   B 1 25 ? -3.782  5.144   -6.485  1.00 70.82  ? 25  G   B C2    1 
ATOM   1001 N  N2    . G   B 1 25 ? -3.498  4.252   -5.530  1.00 68.78  ? 25  G   B N2    1 
ATOM   1002 N  N3    . G   B 1 25 ? -3.454  4.901   -7.745  1.00 72.87  ? 25  G   B N3    1 
ATOM   1003 C  C4    . G   B 1 25 ? -3.813  5.905   -8.573  1.00 72.78  ? 25  G   B C4    1 
ATOM   1004 P  P     . U   B 1 26 ? -6.412  2.568   -13.375 1.00 96.80  ? 26  U   B P     1 
ATOM   1005 O  OP1   . U   B 1 26 ? -6.500  1.492   -14.395 1.00 96.52  ? 26  U   B OP1   1 
ATOM   1006 O  OP2   . U   B 1 26 ? -7.131  3.848   -13.602 1.00 94.11  ? 26  U   B OP2   1 
ATOM   1007 O  "O5'" . U   B 1 26 ? -6.921  1.955   -11.992 1.00 92.47  ? 26  U   B "O5'" 1 
ATOM   1008 C  "C5'" . U   B 1 26 ? -6.692  0.588   -11.682 1.00 95.07  ? 26  U   B "C5'" 1 
ATOM   1009 C  "C4'" . U   B 1 26 ? -6.534  0.359   -10.198 1.00 91.67  ? 26  U   B "C4'" 1 
ATOM   1010 O  "O4'" . U   B 1 26 ? -5.776  1.453   -9.608  1.00 86.88  ? 26  U   B "O4'" 1 
ATOM   1011 C  "C3'" . U   B 1 26 ? -7.815  0.319   -9.379  1.00 91.23  ? 26  U   B "C3'" 1 
ATOM   1012 O  "O3'" . U   B 1 26 ? -8.506  -0.923  -9.466  1.00 77.81  ? 26  U   B "O3'" 1 
ATOM   1013 C  "C2'" . U   B 1 26 ? -7.314  0.667   -7.977  1.00 88.25  ? 26  U   B "C2'" 1 
ATOM   1014 O  "O2'" . U   B 1 26 ? -6.667  -0.447  -7.375  1.00 79.45  ? 26  U   B "O2'" 1 
ATOM   1015 C  "C1'" . U   B 1 26 ? -6.239  1.707   -8.296  1.00 82.46  ? 26  U   B "C1'" 1 
ATOM   1016 N  N1    . U   B 1 26 ? -6.736  3.106   -8.222  1.00 82.46  ? 26  U   B N1    1 
ATOM   1017 C  C2    . U   B 1 26 ? -7.054  3.646   -6.983  1.00 82.58  ? 26  U   B C2    1 
ATOM   1018 O  O2    . U   B 1 26 ? -6.968  3.030   -5.936  1.00 85.47  ? 26  U   B O2    1 
ATOM   1019 N  N3    . U   B 1 26 ? -7.492  4.949   -7.000  1.00 77.66  ? 26  U   B N3    1 
ATOM   1020 C  C4    . U   B 1 26 ? -7.637  5.761   -8.105  1.00 77.44  ? 26  U   B C4    1 
ATOM   1021 O  O4    . U   B 1 26 ? -8.043  6.912   -7.952  1.00 79.57  ? 26  U   B O4    1 
ATOM   1022 C  C5    . U   B 1 26 ? -7.284  5.146   -9.348  1.00 78.11  ? 26  U   B C5    1 
ATOM   1023 C  C6    . U   B 1 26 ? -6.856  3.878   -9.359  1.00 81.67  ? 26  U   B C6    1 
HETATM 1024 CO CO    . NCO C 2 .  ? 6.160   -20.551 -4.080  1.00 84.73  ? 101 NCO A CO    1 
HETATM 1025 N  N1    . NCO C 2 .  ? 5.039   -21.774 -2.981  1.00 56.06  ? 101 NCO A N1    1 
HETATM 1026 N  N2    . NCO C 2 .  ? 7.264   -19.329 -5.181  1.00 61.97  ? 101 NCO A N2    1 
HETATM 1027 N  N3    . NCO C 2 .  ? 5.802   -19.080 -2.799  1.00 66.09  ? 101 NCO A N3    1 
HETATM 1028 N  N4    . NCO C 2 .  ? 7.759   -21.048 -3.015  1.00 55.46  ? 101 NCO A N4    1 
HETATM 1029 N  N5    . NCO C 2 .  ? 6.508   -22.019 -5.368  1.00 61.29  ? 101 NCO A N5    1 
HETATM 1030 N  N6    . NCO C 2 .  ? 4.554   -20.037 -5.121  1.00 64.63  ? 101 NCO A N6    1 
HETATM 1031 CO CO    . NCO D 2 .  ? -21.296 -18.857 9.411   1.00 65.65  ? 102 NCO A CO    1 
HETATM 1032 N  N1    . NCO D 2 .  ? -21.511 -20.572 8.450   1.00 43.55  ? 102 NCO A N1    1 
HETATM 1033 N  N2    . NCO D 2 .  ? -21.102 -17.137 10.369  1.00 48.58  ? 102 NCO A N2    1 
HETATM 1034 N  N3    . NCO D 2 .  ? -23.194 -18.918 10.000  1.00 58.05  ? 102 NCO A N3    1 
HETATM 1035 N  N4    . NCO D 2 .  ? -20.724 -19.778 11.069  1.00 43.13  ? 102 NCO A N4    1 
HETATM 1036 N  N5    . NCO D 2 .  ? -19.401 -18.773 8.830   1.00 52.56  ? 102 NCO A N5    1 
HETATM 1037 N  N6    . NCO D 2 .  ? -21.844 -17.908 7.758   1.00 49.58  ? 102 NCO A N6    1 
HETATM 1038 CO CO    . NCO E 2 .  ? 22.856  20.225  -0.204  1.00 102.91 ? 101 NCO B CO    1 
HETATM 1039 N  N1    . NCO E 2 .  ? 21.143  20.125  -1.211  1.00 62.07  ? 101 NCO B N1    1 
HETATM 1040 N  N2    . NCO E 2 .  ? 24.556  20.348  0.806   1.00 73.70  ? 101 NCO B N2    1 
HETATM 1041 N  N3    . NCO E 2 .  ? 22.109  21.768  0.787   1.00 59.66  ? 101 NCO B N3    1 
HETATM 1042 N  N4    . NCO E 2 .  ? 22.157  18.963  1.156   1.00 53.38  ? 101 NCO B N4    1 
HETATM 1043 N  N5    . NCO E 2 .  ? 23.623  18.685  -1.185  1.00 64.06  ? 101 NCO B N5    1 
HETATM 1044 N  N6    . NCO E 2 .  ? 23.583  21.461  -1.579  1.00 75.52  ? 101 NCO B N6    1 
HETATM 1045 O  O     . HOH F 3 .  ? -25.285 -9.390  21.878  1.00 47.72  ? 201 HOH A O     1 
HETATM 1046 O  O     . HOH F 3 .  ? -14.914 -2.802  5.642   1.00 38.28  ? 202 HOH A O     1 
HETATM 1047 O  O     . HOH F 3 .  ? -3.970  -7.887  3.638   1.00 59.02  ? 203 HOH A O     1 
HETATM 1048 O  O     . HOH F 3 .  ? 0.381   -13.513 -1.723  1.00 32.61  ? 204 HOH A O     1 
HETATM 1049 O  O     . HOH F 3 .  ? -16.147 -16.581 20.625  1.00 57.10  ? 205 HOH A O     1 
HETATM 1050 O  O     . HOH G 3 .  ? -7.314  19.133  -5.237  1.00 38.38  ? 201 HOH B O     1 
HETATM 1051 O  O     . HOH G 3 .  ? 20.029  27.752  -1.792  1.00 30.59  ? 202 HOH B O     1 
HETATM 1052 O  O     . HOH G 3 .  ? -6.185  11.407  -9.398  1.00 67.95  ? 203 HOH B O     1 
# 
loop_
_pdbx_poly_seq_scheme.asym_id 
_pdbx_poly_seq_scheme.entity_id 
_pdbx_poly_seq_scheme.seq_id 
_pdbx_poly_seq_scheme.mon_id 
_pdbx_poly_seq_scheme.ndb_seq_num 
_pdbx_poly_seq_scheme.pdb_seq_num 
_pdbx_poly_seq_scheme.auth_seq_num 
_pdbx_poly_seq_scheme.pdb_mon_id 
_pdbx_poly_seq_scheme.auth_mon_id 
_pdbx_poly_seq_scheme.pdb_strand_id 
_pdbx_poly_seq_scheme.pdb_ins_code 
_pdbx_poly_seq_scheme.hetero 
A 1 1  U2M 1  1  ?  ?   ?   A . n 
A 1 2  G2M 2  2  ?  ?   ?   A . n 
A 1 3  OMC 3  3  3  OMC C2M A . n 
A 1 4  OMU 4  4  4  OMU U2M A . n 
A 1 5  OMC 5  5  5  OMC C2M A . n 
A 1 6  OMC 6  6  6  OMC C2M A . n 
A 1 7  OMU 7  7  7  OMU U2M A . n 
A 1 8  DA  8  8  8  DA  DA  A . n 
A 1 9  DG  9  9  9  DG  DG  A . n 
A 1 10 OMU 10 10 10 OMU U2M A . n 
A 1 11 A2M 11 11 11 A2M A2M A . n 
A 1 12 OMC 12 12 12 OMC C2M A . n 
A 1 13 G   13 13 13 G   G   A . n 
A 1 14 A   14 14 14 A   A   A . n 
A 1 15 G   15 15 15 G   G   A . n 
A 1 16 A   16 16 16 A   A   A . n 
A 1 17 G   17 17 17 G   G   A . n 
A 1 18 G   18 18 18 G   G   A . n 
A 1 19 A   19 19 19 A   A   A . n 
A 1 20 C   20 20 20 C   C   A . n 
A 1 21 C   21 21 21 C   C   A . n 
A 1 22 G   22 22 22 G   G   A . n 
A 1 23 G   23 23 23 G   G   A . n 
A 1 24 A   24 24 24 A   A   A . n 
A 1 25 G   25 25 25 G   G   A . n 
A 1 26 U   26 26 26 U   U   A . n 
A 1 27 G   27 27 ?  ?   ?   A . n 
B 1 1  U2M 1  1  ?  ?   ?   B . n 
B 1 2  G2M 2  2  ?  ?   ?   B . n 
B 1 3  OMC 3  3  ?  ?   ?   B . n 
B 1 4  OMU 4  4  4  OMU U2M B . n 
B 1 5  OMC 5  5  5  OMC C2M B . n 
B 1 6  OMC 6  6  6  OMC C2M B . n 
B 1 7  OMU 7  7  7  OMU U2M B . n 
B 1 8  DA  8  8  8  DA  DA  B . n 
B 1 9  DG  9  9  9  DG  DG  B . n 
B 1 10 OMU 10 10 10 OMU U2M B . n 
B 1 11 A2M 11 11 11 A2M A2M B . n 
B 1 12 OMC 12 12 12 OMC C2M B . n 
B 1 13 G   13 13 13 G   G   B . n 
B 1 14 A   14 14 14 A   A   B . n 
B 1 15 G   15 15 15 G   G   B . n 
B 1 16 A   16 16 16 A   A   B . n 
B 1 17 G   17 17 17 G   G   B . n 
B 1 18 G   18 18 18 G   G   B . n 
B 1 19 A   19 19 19 A   A   B . n 
B 1 20 C   20 20 20 C   C   B . n 
B 1 21 C   21 21 21 C   C   B . n 
B 1 22 G   22 22 22 G   G   B . n 
B 1 23 G   23 23 23 G   G   B . n 
B 1 24 A   24 24 24 A   A   B . n 
B 1 25 G   25 25 25 G   G   B . n 
B 1 26 U   26 26 26 U   U   B . n 
B 1 27 G   27 27 ?  ?   ?   B . n 
# 
loop_
_pdbx_nonpoly_scheme.asym_id 
_pdbx_nonpoly_scheme.entity_id 
_pdbx_nonpoly_scheme.mon_id 
_pdbx_nonpoly_scheme.ndb_seq_num 
_pdbx_nonpoly_scheme.pdb_seq_num 
_pdbx_nonpoly_scheme.auth_seq_num 
_pdbx_nonpoly_scheme.pdb_mon_id 
_pdbx_nonpoly_scheme.auth_mon_id 
_pdbx_nonpoly_scheme.pdb_strand_id 
_pdbx_nonpoly_scheme.pdb_ins_code 
C 2 NCO 1 101 51 NCO NCO A . 
D 2 NCO 1 102 53 NCO NCO A . 
E 2 NCO 1 101 55 NCO NCO B . 
F 3 HOH 1 201 8  HOH HOH A . 
F 3 HOH 2 202 1  HOH HOH A . 
F 3 HOH 3 203 2  HOH HOH A . 
F 3 HOH 4 204 3  HOH HOH A . 
F 3 HOH 5 205 7  HOH HOH A . 
G 3 HOH 1 201 6  HOH HOH B . 
G 3 HOH 2 202 4  HOH HOH B . 
G 3 HOH 3 203 9  HOH HOH B . 
# 
loop_
_pdbx_struct_assembly.id 
_pdbx_struct_assembly.details 
_pdbx_struct_assembly.method_details 
_pdbx_struct_assembly.oligomeric_details 
_pdbx_struct_assembly.oligomeric_count 
1 author_and_software_defined_assembly PISA monomeric 1 
2 author_and_software_defined_assembly PISA monomeric 1 
# 
loop_
_pdbx_struct_assembly_gen.assembly_id 
_pdbx_struct_assembly_gen.oper_expression 
_pdbx_struct_assembly_gen.asym_id_list 
1 1 A,C,D,F 
2 1 B,E,G   
# 
loop_
_pdbx_struct_assembly_prop.biol_id 
_pdbx_struct_assembly_prop.type 
_pdbx_struct_assembly_prop.value 
_pdbx_struct_assembly_prop.details 
1 'ABSA (A^2)' 4050 ? 
1 MORE         15   ? 
1 'SSA (A^2)'  3840 ? 
2 'ABSA (A^2)' 3510 ? 
2 MORE         17   ? 
2 'SSA (A^2)'  3600 ? 
# 
_pdbx_struct_oper_list.id                   1 
_pdbx_struct_oper_list.type                 'identity operation' 
_pdbx_struct_oper_list.name                 1_555 
_pdbx_struct_oper_list.symmetry_operation   x,y,z 
_pdbx_struct_oper_list.matrix[1][1]         1.0000000000 
_pdbx_struct_oper_list.matrix[1][2]         0.0000000000 
_pdbx_struct_oper_list.matrix[1][3]         0.0000000000 
_pdbx_struct_oper_list.vector[1]            0.0000000000 
_pdbx_struct_oper_list.matrix[2][1]         0.0000000000 
_pdbx_struct_oper_list.matrix[2][2]         1.0000000000 
_pdbx_struct_oper_list.matrix[2][3]         0.0000000000 
_pdbx_struct_oper_list.vector[2]            0.0000000000 
_pdbx_struct_oper_list.matrix[3][1]         0.0000000000 
_pdbx_struct_oper_list.matrix[3][2]         0.0000000000 
_pdbx_struct_oper_list.matrix[3][3]         1.0000000000 
_pdbx_struct_oper_list.vector[3]            0.0000000000 
# 
loop_
_pdbx_audit_revision_history.ordinal 
_pdbx_audit_revision_history.data_content_type 
_pdbx_audit_revision_history.major_revision 
_pdbx_audit_revision_history.minor_revision 
_pdbx_audit_revision_history.revision_date 
1 'Structure model' 1 0 2022-03-23 
2 'Structure model' 1 1 2023-11-29 
# 
_pdbx_audit_revision_details.ordinal             1 
_pdbx_audit_revision_details.revision_ordinal    1 
_pdbx_audit_revision_details.data_content_type   'Structure model' 
_pdbx_audit_revision_details.provider            repository 
_pdbx_audit_revision_details.type                'Initial release' 
_pdbx_audit_revision_details.description         ? 
_pdbx_audit_revision_details.details             ? 
# 
loop_
_pdbx_audit_revision_group.ordinal 
_pdbx_audit_revision_group.revision_ordinal 
_pdbx_audit_revision_group.data_content_type 
_pdbx_audit_revision_group.group 
1 2 'Structure model' 'Data collection'        
2 2 'Structure model' 'Refinement description' 
# 
loop_
_pdbx_audit_revision_category.ordinal 
_pdbx_audit_revision_category.revision_ordinal 
_pdbx_audit_revision_category.data_content_type 
_pdbx_audit_revision_category.category 
1 2 'Structure model' chem_comp_atom                
2 2 'Structure model' chem_comp_bond                
3 2 'Structure model' pdbx_initial_refinement_model 
# 
loop_
_software.citation_id 
_software.classification 
_software.compiler_name 
_software.compiler_version 
_software.contact_author 
_software.contact_author_email 
_software.date 
_software.description 
_software.dependencies 
_software.hardware 
_software.language 
_software.location 
_software.mods 
_software.name 
_software.os 
_software.os_version 
_software.type 
_software.version 
_software.pdbx_ordinal 
? 'data scaling'   ? ? ? ? ? ? ? ? ? ? ? XSCALE ? ? ? .      1 
? refinement       ? ? ? ? ? ? ? ? ? ? ? PHENIX ? ? ? 1.17.1 2 
? 'data reduction' ? ? ? ? ? ? ? ? ? ? ? XDS    ? ? ? .      3 
? phasing          ? ? ? ? ? ? ? ? ? ? ? PHASER ? ? ? .      4 
# 
_pdbx_entry_details.entry_id                 7EEO 
_pdbx_entry_details.has_ligand_of_interest   Y 
_pdbx_entry_details.compound_details         ? 
_pdbx_entry_details.source_details           ? 
_pdbx_entry_details.nonpolymer_details       ? 
_pdbx_entry_details.sequence_details         ? 
# 
_pdbx_validate_rmsd_bond.id                        1 
_pdbx_validate_rmsd_bond.PDB_model_num             1 
_pdbx_validate_rmsd_bond.auth_atom_id_1            "O3'" 
_pdbx_validate_rmsd_bond.auth_asym_id_1            A 
_pdbx_validate_rmsd_bond.auth_comp_id_1            DG 
_pdbx_validate_rmsd_bond.auth_seq_id_1             9 
_pdbx_validate_rmsd_bond.PDB_ins_code_1            ? 
_pdbx_validate_rmsd_bond.label_alt_id_1            ? 
_pdbx_validate_rmsd_bond.auth_atom_id_2            "C3'" 
_pdbx_validate_rmsd_bond.auth_asym_id_2            A 
_pdbx_validate_rmsd_bond.auth_comp_id_2            DG 
_pdbx_validate_rmsd_bond.auth_seq_id_2             9 
_pdbx_validate_rmsd_bond.PDB_ins_code_2            ? 
_pdbx_validate_rmsd_bond.label_alt_id_2            ? 
_pdbx_validate_rmsd_bond.bond_value                1.380 
_pdbx_validate_rmsd_bond.bond_target_value         1.419 
_pdbx_validate_rmsd_bond.bond_deviation            -0.039 
_pdbx_validate_rmsd_bond.bond_standard_deviation   0.006 
_pdbx_validate_rmsd_bond.linker_flag               N 
# 
_pdbx_validate_rmsd_angle.id                         1 
_pdbx_validate_rmsd_angle.PDB_model_num              1 
_pdbx_validate_rmsd_angle.auth_atom_id_1             "O4'" 
_pdbx_validate_rmsd_angle.auth_asym_id_1             B 
_pdbx_validate_rmsd_angle.auth_comp_id_1             DG 
_pdbx_validate_rmsd_angle.auth_seq_id_1              9 
_pdbx_validate_rmsd_angle.PDB_ins_code_1             ? 
_pdbx_validate_rmsd_angle.label_alt_id_1             ? 
_pdbx_validate_rmsd_angle.auth_atom_id_2             "C1'" 
_pdbx_validate_rmsd_angle.auth_asym_id_2             B 
_pdbx_validate_rmsd_angle.auth_comp_id_2             DG 
_pdbx_validate_rmsd_angle.auth_seq_id_2              9 
_pdbx_validate_rmsd_angle.PDB_ins_code_2             ? 
_pdbx_validate_rmsd_angle.label_alt_id_2             ? 
_pdbx_validate_rmsd_angle.auth_atom_id_3             N9 
_pdbx_validate_rmsd_angle.auth_asym_id_3             B 
_pdbx_validate_rmsd_angle.auth_comp_id_3             DG 
_pdbx_validate_rmsd_angle.auth_seq_id_3              9 
_pdbx_validate_rmsd_angle.PDB_ins_code_3             ? 
_pdbx_validate_rmsd_angle.label_alt_id_3             ? 
_pdbx_validate_rmsd_angle.angle_value                110.29 
_pdbx_validate_rmsd_angle.angle_target_value         108.30 
_pdbx_validate_rmsd_angle.angle_deviation            1.99 
_pdbx_validate_rmsd_angle.angle_standard_deviation   0.30 
_pdbx_validate_rmsd_angle.linker_flag                N 
# 
loop_
_pdbx_unobs_or_zero_occ_residues.id 
_pdbx_unobs_or_zero_occ_residues.PDB_model_num 
_pdbx_unobs_or_zero_occ_residues.polymer_flag 
_pdbx_unobs_or_zero_occ_residues.occupancy_flag 
_pdbx_unobs_or_zero_occ_residues.auth_asym_id 
_pdbx_unobs_or_zero_occ_residues.auth_comp_id 
_pdbx_unobs_or_zero_occ_residues.auth_seq_id 
_pdbx_unobs_or_zero_occ_residues.PDB_ins_code 
_pdbx_unobs_or_zero_occ_residues.label_asym_id 
_pdbx_unobs_or_zero_occ_residues.label_comp_id 
_pdbx_unobs_or_zero_occ_residues.label_seq_id 
1 1 Y 1 A U2M 1  ? A U2M 1  
2 1 Y 1 A G2M 2  ? A G2M 2  
3 1 Y 1 A G   27 ? A G   27 
4 1 Y 1 B U2M 1  ? B U2M 1  
5 1 Y 1 B G2M 2  ? B G2M 2  
6 1 Y 1 B OMC 3  ? B OMC 3  
7 1 Y 1 B G   27 ? B G   27 
# 
loop_
_chem_comp_atom.comp_id 
_chem_comp_atom.atom_id 
_chem_comp_atom.type_symbol 
_chem_comp_atom.pdbx_aromatic_flag 
_chem_comp_atom.pdbx_stereo_config 
_chem_comp_atom.pdbx_ordinal 
A   OP3    O  N N 1   
A   P      P  N N 2   
A   OP1    O  N N 3   
A   OP2    O  N N 4   
A   "O5'"  O  N N 5   
A   "C5'"  C  N N 6   
A   "C4'"  C  N R 7   
A   "O4'"  O  N N 8   
A   "C3'"  C  N S 9   
A   "O3'"  O  N N 10  
A   "C2'"  C  N R 11  
A   "O2'"  O  N N 12  
A   "C1'"  C  N R 13  
A   N9     N  Y N 14  
A   C8     C  Y N 15  
A   N7     N  Y N 16  
A   C5     C  Y N 17  
A   C6     C  Y N 18  
A   N6     N  N N 19  
A   N1     N  Y N 20  
A   C2     C  Y N 21  
A   N3     N  Y N 22  
A   C4     C  Y N 23  
A   HOP3   H  N N 24  
A   HOP2   H  N N 25  
A   "H5'"  H  N N 26  
A   "H5''" H  N N 27  
A   "H4'"  H  N N 28  
A   "H3'"  H  N N 29  
A   "HO3'" H  N N 30  
A   "H2'"  H  N N 31  
A   "HO2'" H  N N 32  
A   "H1'"  H  N N 33  
A   H8     H  N N 34  
A   H61    H  N N 35  
A   H62    H  N N 36  
A   H2     H  N N 37  
A2M P      P  N N 38  
A2M OP1    O  N N 39  
A2M OP3    O  N N 40  
A2M "O5'"  O  N N 41  
A2M "C5'"  C  N N 42  
A2M "C4'"  C  N R 43  
A2M "O4'"  O  N N 44  
A2M "C3'"  C  N R 45  
A2M "O3'"  O  N N 46  
A2M "C2'"  C  N R 47  
A2M "O2'"  O  N N 48  
A2M "C1'"  C  N R 49  
A2M "CM'"  C  N N 50  
A2M N9     N  Y N 51  
A2M C8     C  Y N 52  
A2M N7     N  Y N 53  
A2M C5     C  Y N 54  
A2M C6     C  Y N 55  
A2M N6     N  N N 56  
A2M N1     N  Y N 57  
A2M C2     C  Y N 58  
A2M N3     N  Y N 59  
A2M C4     C  Y N 60  
A2M HOP3   H  N N 61  
A2M "H5'"  H  N N 62  
A2M "H5''" H  N N 63  
A2M "H4'"  H  N N 64  
A2M "H3'"  H  N N 65  
A2M "HO3'" H  N N 66  
A2M "H2'"  H  N N 67  
A2M "H1'"  H  N N 68  
A2M "HM'1" H  N N 69  
A2M "HM'2" H  N N 70  
A2M "HM'3" H  N N 71  
A2M H8     H  N N 72  
A2M H61    H  N N 73  
A2M H62    H  N N 74  
A2M H2     H  N N 75  
A2M OP2    O  N N 76  
A2M HOP2   H  N N 77  
C   OP3    O  N N 78  
C   P      P  N N 79  
C   OP1    O  N N 80  
C   OP2    O  N N 81  
C   "O5'"  O  N N 82  
C   "C5'"  C  N N 83  
C   "C4'"  C  N R 84  
C   "O4'"  O  N N 85  
C   "C3'"  C  N S 86  
C   "O3'"  O  N N 87  
C   "C2'"  C  N R 88  
C   "O2'"  O  N N 89  
C   "C1'"  C  N R 90  
C   N1     N  N N 91  
C   C2     C  N N 92  
C   O2     O  N N 93  
C   N3     N  N N 94  
C   C4     C  N N 95  
C   N4     N  N N 96  
C   C5     C  N N 97  
C   C6     C  N N 98  
C   HOP3   H  N N 99  
C   HOP2   H  N N 100 
C   "H5'"  H  N N 101 
C   "H5''" H  N N 102 
C   "H4'"  H  N N 103 
C   "H3'"  H  N N 104 
C   "HO3'" H  N N 105 
C   "H2'"  H  N N 106 
C   "HO2'" H  N N 107 
C   "H1'"  H  N N 108 
C   H41    H  N N 109 
C   H42    H  N N 110 
C   H5     H  N N 111 
C   H6     H  N N 112 
DA  OP3    O  N N 113 
DA  P      P  N N 114 
DA  OP1    O  N N 115 
DA  OP2    O  N N 116 
DA  "O5'"  O  N N 117 
DA  "C5'"  C  N N 118 
DA  "C4'"  C  N R 119 
DA  "O4'"  O  N N 120 
DA  "C3'"  C  N S 121 
DA  "O3'"  O  N N 122 
DA  "C2'"  C  N N 123 
DA  "C1'"  C  N R 124 
DA  N9     N  Y N 125 
DA  C8     C  Y N 126 
DA  N7     N  Y N 127 
DA  C5     C  Y N 128 
DA  C6     C  Y N 129 
DA  N6     N  N N 130 
DA  N1     N  Y N 131 
DA  C2     C  Y N 132 
DA  N3     N  Y N 133 
DA  C4     C  Y N 134 
DA  HOP3   H  N N 135 
DA  HOP2   H  N N 136 
DA  "H5'"  H  N N 137 
DA  "H5''" H  N N 138 
DA  "H4'"  H  N N 139 
DA  "H3'"  H  N N 140 
DA  "HO3'" H  N N 141 
DA  "H2'"  H  N N 142 
DA  "H2''" H  N N 143 
DA  "H1'"  H  N N 144 
DA  H8     H  N N 145 
DA  H61    H  N N 146 
DA  H62    H  N N 147 
DA  H2     H  N N 148 
DG  OP3    O  N N 149 
DG  P      P  N N 150 
DG  OP1    O  N N 151 
DG  OP2    O  N N 152 
DG  "O5'"  O  N N 153 
DG  "C5'"  C  N N 154 
DG  "C4'"  C  N R 155 
DG  "O4'"  O  N N 156 
DG  "C3'"  C  N S 157 
DG  "O3'"  O  N N 158 
DG  "C2'"  C  N N 159 
DG  "C1'"  C  N R 160 
DG  N9     N  Y N 161 
DG  C8     C  Y N 162 
DG  N7     N  Y N 163 
DG  C5     C  Y N 164 
DG  C6     C  N N 165 
DG  O6     O  N N 166 
DG  N1     N  N N 167 
DG  C2     C  N N 168 
DG  N2     N  N N 169 
DG  N3     N  N N 170 
DG  C4     C  Y N 171 
DG  HOP3   H  N N 172 
DG  HOP2   H  N N 173 
DG  "H5'"  H  N N 174 
DG  "H5''" H  N N 175 
DG  "H4'"  H  N N 176 
DG  "H3'"  H  N N 177 
DG  "HO3'" H  N N 178 
DG  "H2'"  H  N N 179 
DG  "H2''" H  N N 180 
DG  "H1'"  H  N N 181 
DG  H8     H  N N 182 
DG  H1     H  N N 183 
DG  H21    H  N N 184 
DG  H22    H  N N 185 
G   OP3    O  N N 186 
G   P      P  N N 187 
G   OP1    O  N N 188 
G   OP2    O  N N 189 
G   "O5'"  O  N N 190 
G   "C5'"  C  N N 191 
G   "C4'"  C  N R 192 
G   "O4'"  O  N N 193 
G   "C3'"  C  N S 194 
G   "O3'"  O  N N 195 
G   "C2'"  C  N R 196 
G   "O2'"  O  N N 197 
G   "C1'"  C  N R 198 
G   N9     N  Y N 199 
G   C8     C  Y N 200 
G   N7     N  Y N 201 
G   C5     C  Y N 202 
G   C6     C  N N 203 
G   O6     O  N N 204 
G   N1     N  N N 205 
G   C2     C  N N 206 
G   N2     N  N N 207 
G   N3     N  N N 208 
G   C4     C  Y N 209 
G   HOP3   H  N N 210 
G   HOP2   H  N N 211 
G   "H5'"  H  N N 212 
G   "H5''" H  N N 213 
G   "H4'"  H  N N 214 
G   "H3'"  H  N N 215 
G   "HO3'" H  N N 216 
G   "H2'"  H  N N 217 
G   "HO2'" H  N N 218 
G   "H1'"  H  N N 219 
G   H8     H  N N 220 
G   H1     H  N N 221 
G   H21    H  N N 222 
G   H22    H  N N 223 
G2M N1     N  N N 224 
G2M C2     C  N N 225 
G2M N2     N  N N 226 
G2M N3     N  N N 227 
G2M C4     C  Y N 228 
G2M C5     C  Y N 229 
G2M C6     C  N N 230 
G2M O6     O  N N 231 
G2M N7     N  Y N 232 
G2M C8     C  Y N 233 
G2M N9     N  Y N 234 
G2M PA     P  N N 235 
G2M PB     P  N N 236 
G2M PG     P  N N 237 
G2M "C1'"  C  N R 238 
G2M O1A    O  N N 239 
G2M O1B    O  N N 240 
G2M O1G    O  N N 241 
G2M "C2'"  C  N N 242 
G2M O2A    O  N N 243 
G2M O2B    O  N N 244 
G2M O2G    O  N N 245 
G2M "C3'"  C  N S 246 
G2M "O3'"  O  N N 247 
G2M O3A    O  N N 248 
G2M C3B    C  N N 249 
G2M C3B2   C  N N 250 
G2M C3B3   C  N N 251 
G2M O3G    O  N N 252 
G2M "C4'"  C  N R 253 
G2M "O4'"  O  N N 254 
G2M "C5'"  C  N N 255 
G2M "O5'"  O  N N 256 
G2M HN1    H  N N 257 
G2M HN2    H  N N 258 
G2M HN2A   H  N N 259 
G2M H8     H  N N 260 
G2M "H1'"  H  N N 261 
G2M "H2'"  H  N N 262 
G2M "H2'A" H  N N 263 
G2M "H3'"  H  N N 264 
G2M "HO3'" H  N N 265 
G2M HC3B   H  N N 266 
G2M HC3A   H  N N 267 
G2M HC3C   H  N N 268 
G2M HC3D   H  N N 269 
G2M HC3E   H  N N 270 
G2M HC3F   H  N N 271 
G2M "H4'"  H  N N 272 
G2M "H5'"  H  N N 273 
G2M "H5'A" H  N N 274 
G2M H19    H  N N 275 
G2M H20    H  N N 276 
G2M H21    H  N N 277 
G2M H22    H  N N 278 
HOH O      O  N N 279 
HOH H1     H  N N 280 
HOH H2     H  N N 281 
NCO CO     CO N N 282 
NCO N1     N  N N 283 
NCO N2     N  N N 284 
NCO N3     N  N N 285 
NCO N4     N  N N 286 
NCO N5     N  N N 287 
NCO N6     N  N N 288 
NCO HN11   H  N N 289 
NCO HN12   H  N N 290 
NCO HN13   H  N N 291 
NCO HN21   H  N N 292 
NCO HN22   H  N N 293 
NCO HN23   H  N N 294 
NCO HN31   H  N N 295 
NCO HN32   H  N N 296 
NCO HN33   H  N N 297 
NCO HN41   H  N N 298 
NCO HN42   H  N N 299 
NCO HN43   H  N N 300 
NCO HN51   H  N N 301 
NCO HN52   H  N N 302 
NCO HN53   H  N N 303 
NCO HN61   H  N N 304 
NCO HN62   H  N N 305 
NCO HN63   H  N N 306 
OMC N1     N  N N 307 
OMC C2     C  N N 308 
OMC N3     N  N N 309 
OMC C4     C  N N 310 
OMC C5     C  N N 311 
OMC C6     C  N N 312 
OMC O2     O  N N 313 
OMC N4     N  N N 314 
OMC "C1'"  C  N R 315 
OMC "C2'"  C  N R 316 
OMC "O2'"  O  N N 317 
OMC CM2    C  N N 318 
OMC "C3'"  C  N R 319 
OMC "C4'"  C  N R 320 
OMC "O4'"  O  N N 321 
OMC "O3'"  O  N N 322 
OMC "C5'"  C  N N 323 
OMC "O5'"  O  N N 324 
OMC P      P  N N 325 
OMC OP1    O  N N 326 
OMC OP2    O  N N 327 
OMC OP3    O  N N 328 
OMC H5     H  N N 329 
OMC H6     H  N N 330 
OMC HN41   H  N N 331 
OMC HN42   H  N N 332 
OMC "H1'"  H  N N 333 
OMC "H2'"  H  N N 334 
OMC HM21   H  N N 335 
OMC HM22   H  N N 336 
OMC HM23   H  N N 337 
OMC "H3'"  H  N N 338 
OMC "H4'"  H  N N 339 
OMC "HO3'" H  N N 340 
OMC "H5'"  H  N N 341 
OMC "H5''" H  N N 342 
OMC HOP2   H  N N 343 
OMC HOP3   H  N N 344 
OMU N1     N  N N 345 
OMU C2     C  N N 346 
OMU N3     N  N N 347 
OMU C4     C  N N 348 
OMU C5     C  N N 349 
OMU C6     C  N N 350 
OMU O2     O  N N 351 
OMU O4     O  N N 352 
OMU "C1'"  C  N R 353 
OMU "C2'"  C  N R 354 
OMU "O2'"  O  N N 355 
OMU CM2    C  N N 356 
OMU "C3'"  C  N R 357 
OMU "C4'"  C  N R 358 
OMU "O3'"  O  N N 359 
OMU "O4'"  O  N N 360 
OMU "C5'"  C  N N 361 
OMU "O5'"  O  N N 362 
OMU P      P  N N 363 
OMU OP1    O  N N 364 
OMU OP2    O  N N 365 
OMU OP3    O  N N 366 
OMU HN3    H  N N 367 
OMU H5     H  N N 368 
OMU H6     H  N N 369 
OMU "H1'"  H  N N 370 
OMU "H2'"  H  N N 371 
OMU HM21   H  N N 372 
OMU HM22   H  N N 373 
OMU HM23   H  N N 374 
OMU "H3'"  H  N N 375 
OMU "H4'"  H  N N 376 
OMU "HO3'" H  N N 377 
OMU "H5'"  H  N N 378 
OMU "H5''" H  N N 379 
OMU HOP2   H  N N 380 
OMU HOP3   H  N N 381 
U   OP3    O  N N 382 
U   P      P  N N 383 
U   OP1    O  N N 384 
U   OP2    O  N N 385 
U   "O5'"  O  N N 386 
U   "C5'"  C  N N 387 
U   "C4'"  C  N R 388 
U   "O4'"  O  N N 389 
U   "C3'"  C  N S 390 
U   "O3'"  O  N N 391 
U   "C2'"  C  N R 392 
U   "O2'"  O  N N 393 
U   "C1'"  C  N R 394 
U   N1     N  N N 395 
U   C2     C  N N 396 
U   O2     O  N N 397 
U   N3     N  N N 398 
U   C4     C  N N 399 
U   O4     O  N N 400 
U   C5     C  N N 401 
U   C6     C  N N 402 
U   HOP3   H  N N 403 
U   HOP2   H  N N 404 
U   "H5'"  H  N N 405 
U   "H5''" H  N N 406 
U   "H4'"  H  N N 407 
U   "H3'"  H  N N 408 
U   "HO3'" H  N N 409 
U   "H2'"  H  N N 410 
U   "HO2'" H  N N 411 
U   "H1'"  H  N N 412 
U   H3     H  N N 413 
U   H5     H  N N 414 
U   H6     H  N N 415 
U2M N      N  N N 416 
U2M CA     C  N S 417 
U2M C      C  N N 418 
U2M O      O  N N 419 
U2M CB     C  N N 420 
U2M CG     C  N N 421 
U2M CD     C  N N 422 
U2M CE     C  N N 423 
U2M CZ     C  N N 424 
U2M SH     S  N N 425 
U2M H      H  N N 426 
U2M H2     H  N N 427 
U2M HA     H  N N 428 
U2M H6     H  N N 429 
U2M H7     H  N N 430 
U2M H8     H  N N 431 
U2M H9     H  N N 432 
U2M H10    H  N N 433 
U2M H11    H  N N 434 
U2M H12    H  N N 435 
U2M H13    H  N N 436 
U2M H14    H  N N 437 
U2M H15    H  N N 438 
U2M H16    H  N N 439 
U2M OXT    O  N N 440 
U2M HXT    H  N N 441 
# 
loop_
_chem_comp_bond.comp_id 
_chem_comp_bond.atom_id_1 
_chem_comp_bond.atom_id_2 
_chem_comp_bond.value_order 
_chem_comp_bond.pdbx_aromatic_flag 
_chem_comp_bond.pdbx_stereo_config 
_chem_comp_bond.pdbx_ordinal 
A   OP3   P      sing N N 1   
A   OP3   HOP3   sing N N 2   
A   P     OP1    doub N N 3   
A   P     OP2    sing N N 4   
A   P     "O5'"  sing N N 5   
A   OP2   HOP2   sing N N 6   
A   "O5'" "C5'"  sing N N 7   
A   "C5'" "C4'"  sing N N 8   
A   "C5'" "H5'"  sing N N 9   
A   "C5'" "H5''" sing N N 10  
A   "C4'" "O4'"  sing N N 11  
A   "C4'" "C3'"  sing N N 12  
A   "C4'" "H4'"  sing N N 13  
A   "O4'" "C1'"  sing N N 14  
A   "C3'" "O3'"  sing N N 15  
A   "C3'" "C2'"  sing N N 16  
A   "C3'" "H3'"  sing N N 17  
A   "O3'" "HO3'" sing N N 18  
A   "C2'" "O2'"  sing N N 19  
A   "C2'" "C1'"  sing N N 20  
A   "C2'" "H2'"  sing N N 21  
A   "O2'" "HO2'" sing N N 22  
A   "C1'" N9     sing N N 23  
A   "C1'" "H1'"  sing N N 24  
A   N9    C8     sing Y N 25  
A   N9    C4     sing Y N 26  
A   C8    N7     doub Y N 27  
A   C8    H8     sing N N 28  
A   N7    C5     sing Y N 29  
A   C5    C6     sing Y N 30  
A   C5    C4     doub Y N 31  
A   C6    N6     sing N N 32  
A   C6    N1     doub Y N 33  
A   N6    H61    sing N N 34  
A   N6    H62    sing N N 35  
A   N1    C2     sing Y N 36  
A   C2    N3     doub Y N 37  
A   C2    H2     sing N N 38  
A   N3    C4     sing Y N 39  
A2M P     OP1    doub N N 40  
A2M P     OP3    sing N N 41  
A2M P     "O5'"  sing N N 42  
A2M OP3   HOP3   sing N N 43  
A2M "O5'" "C5'"  sing N N 44  
A2M "C5'" "C4'"  sing N N 45  
A2M "C5'" "H5'"  sing N N 46  
A2M "C5'" "H5''" sing N N 47  
A2M "C4'" "O4'"  sing N N 48  
A2M "C4'" "C3'"  sing N N 49  
A2M "C4'" "H4'"  sing N N 50  
A2M "O4'" "C1'"  sing N N 51  
A2M "C3'" "O3'"  sing N N 52  
A2M "C3'" "C2'"  sing N N 53  
A2M "C3'" "H3'"  sing N N 54  
A2M "O3'" "HO3'" sing N N 55  
A2M "C2'" "O2'"  sing N N 56  
A2M "C2'" "C1'"  sing N N 57  
A2M "C2'" "H2'"  sing N N 58  
A2M "O2'" "CM'"  sing N N 59  
A2M "C1'" N9     sing N N 60  
A2M "C1'" "H1'"  sing N N 61  
A2M "CM'" "HM'1" sing N N 62  
A2M "CM'" "HM'2" sing N N 63  
A2M "CM'" "HM'3" sing N N 64  
A2M N9    C8     sing Y N 65  
A2M N9    C4     sing Y N 66  
A2M C8    N7     doub Y N 67  
A2M C8    H8     sing N N 68  
A2M N7    C5     sing Y N 69  
A2M C5    C6     sing Y N 70  
A2M C5    C4     doub Y N 71  
A2M C6    N6     sing N N 72  
A2M C6    N1     doub Y N 73  
A2M N6    H61    sing N N 74  
A2M N6    H62    sing N N 75  
A2M N1    C2     sing Y N 76  
A2M C2    N3     doub Y N 77  
A2M C2    H2     sing N N 78  
A2M N3    C4     sing Y N 79  
A2M P     OP2    sing N N 80  
A2M OP2   HOP2   sing N N 81  
C   OP3   P      sing N N 82  
C   OP3   HOP3   sing N N 83  
C   P     OP1    doub N N 84  
C   P     OP2    sing N N 85  
C   P     "O5'"  sing N N 86  
C   OP2   HOP2   sing N N 87  
C   "O5'" "C5'"  sing N N 88  
C   "C5'" "C4'"  sing N N 89  
C   "C5'" "H5'"  sing N N 90  
C   "C5'" "H5''" sing N N 91  
C   "C4'" "O4'"  sing N N 92  
C   "C4'" "C3'"  sing N N 93  
C   "C4'" "H4'"  sing N N 94  
C   "O4'" "C1'"  sing N N 95  
C   "C3'" "O3'"  sing N N 96  
C   "C3'" "C2'"  sing N N 97  
C   "C3'" "H3'"  sing N N 98  
C   "O3'" "HO3'" sing N N 99  
C   "C2'" "O2'"  sing N N 100 
C   "C2'" "C1'"  sing N N 101 
C   "C2'" "H2'"  sing N N 102 
C   "O2'" "HO2'" sing N N 103 
C   "C1'" N1     sing N N 104 
C   "C1'" "H1'"  sing N N 105 
C   N1    C2     sing N N 106 
C   N1    C6     sing N N 107 
C   C2    O2     doub N N 108 
C   C2    N3     sing N N 109 
C   N3    C4     doub N N 110 
C   C4    N4     sing N N 111 
C   C4    C5     sing N N 112 
C   N4    H41    sing N N 113 
C   N4    H42    sing N N 114 
C   C5    C6     doub N N 115 
C   C5    H5     sing N N 116 
C   C6    H6     sing N N 117 
DA  OP3   P      sing N N 118 
DA  OP3   HOP3   sing N N 119 
DA  P     OP1    doub N N 120 
DA  P     OP2    sing N N 121 
DA  P     "O5'"  sing N N 122 
DA  OP2   HOP2   sing N N 123 
DA  "O5'" "C5'"  sing N N 124 
DA  "C5'" "C4'"  sing N N 125 
DA  "C5'" "H5'"  sing N N 126 
DA  "C5'" "H5''" sing N N 127 
DA  "C4'" "O4'"  sing N N 128 
DA  "C4'" "C3'"  sing N N 129 
DA  "C4'" "H4'"  sing N N 130 
DA  "O4'" "C1'"  sing N N 131 
DA  "C3'" "O3'"  sing N N 132 
DA  "C3'" "C2'"  sing N N 133 
DA  "C3'" "H3'"  sing N N 134 
DA  "O3'" "HO3'" sing N N 135 
DA  "C2'" "C1'"  sing N N 136 
DA  "C2'" "H2'"  sing N N 137 
DA  "C2'" "H2''" sing N N 138 
DA  "C1'" N9     sing N N 139 
DA  "C1'" "H1'"  sing N N 140 
DA  N9    C8     sing Y N 141 
DA  N9    C4     sing Y N 142 
DA  C8    N7     doub Y N 143 
DA  C8    H8     sing N N 144 
DA  N7    C5     sing Y N 145 
DA  C5    C6     sing Y N 146 
DA  C5    C4     doub Y N 147 
DA  C6    N6     sing N N 148 
DA  C6    N1     doub Y N 149 
DA  N6    H61    sing N N 150 
DA  N6    H62    sing N N 151 
DA  N1    C2     sing Y N 152 
DA  C2    N3     doub Y N 153 
DA  C2    H2     sing N N 154 
DA  N3    C4     sing Y N 155 
DG  OP3   P      sing N N 156 
DG  OP3   HOP3   sing N N 157 
DG  P     OP1    doub N N 158 
DG  P     OP2    sing N N 159 
DG  P     "O5'"  sing N N 160 
DG  OP2   HOP2   sing N N 161 
DG  "O5'" "C5'"  sing N N 162 
DG  "C5'" "C4'"  sing N N 163 
DG  "C5'" "H5'"  sing N N 164 
DG  "C5'" "H5''" sing N N 165 
DG  "C4'" "O4'"  sing N N 166 
DG  "C4'" "C3'"  sing N N 167 
DG  "C4'" "H4'"  sing N N 168 
DG  "O4'" "C1'"  sing N N 169 
DG  "C3'" "O3'"  sing N N 170 
DG  "C3'" "C2'"  sing N N 171 
DG  "C3'" "H3'"  sing N N 172 
DG  "O3'" "HO3'" sing N N 173 
DG  "C2'" "C1'"  sing N N 174 
DG  "C2'" "H2'"  sing N N 175 
DG  "C2'" "H2''" sing N N 176 
DG  "C1'" N9     sing N N 177 
DG  "C1'" "H1'"  sing N N 178 
DG  N9    C8     sing Y N 179 
DG  N9    C4     sing Y N 180 
DG  C8    N7     doub Y N 181 
DG  C8    H8     sing N N 182 
DG  N7    C5     sing Y N 183 
DG  C5    C6     sing N N 184 
DG  C5    C4     doub Y N 185 
DG  C6    O6     doub N N 186 
DG  C6    N1     sing N N 187 
DG  N1    C2     sing N N 188 
DG  N1    H1     sing N N 189 
DG  C2    N2     sing N N 190 
DG  C2    N3     doub N N 191 
DG  N2    H21    sing N N 192 
DG  N2    H22    sing N N 193 
DG  N3    C4     sing N N 194 
G   OP3   P      sing N N 195 
G   OP3   HOP3   sing N N 196 
G   P     OP1    doub N N 197 
G   P     OP2    sing N N 198 
G   P     "O5'"  sing N N 199 
G   OP2   HOP2   sing N N 200 
G   "O5'" "C5'"  sing N N 201 
G   "C5'" "C4'"  sing N N 202 
G   "C5'" "H5'"  sing N N 203 
G   "C5'" "H5''" sing N N 204 
G   "C4'" "O4'"  sing N N 205 
G   "C4'" "C3'"  sing N N 206 
G   "C4'" "H4'"  sing N N 207 
G   "O4'" "C1'"  sing N N 208 
G   "C3'" "O3'"  sing N N 209 
G   "C3'" "C2'"  sing N N 210 
G   "C3'" "H3'"  sing N N 211 
G   "O3'" "HO3'" sing N N 212 
G   "C2'" "O2'"  sing N N 213 
G   "C2'" "C1'"  sing N N 214 
G   "C2'" "H2'"  sing N N 215 
G   "O2'" "HO2'" sing N N 216 
G   "C1'" N9     sing N N 217 
G   "C1'" "H1'"  sing N N 218 
G   N9    C8     sing Y N 219 
G   N9    C4     sing Y N 220 
G   C8    N7     doub Y N 221 
G   C8    H8     sing N N 222 
G   N7    C5     sing Y N 223 
G   C5    C6     sing N N 224 
G   C5    C4     doub Y N 225 
G   C6    O6     doub N N 226 
G   C6    N1     sing N N 227 
G   N1    C2     sing N N 228 
G   N1    H1     sing N N 229 
G   C2    N2     sing N N 230 
G   C2    N3     doub N N 231 
G   N2    H21    sing N N 232 
G   N2    H22    sing N N 233 
G   N3    C4     sing N N 234 
G2M N1    C2     sing N N 235 
G2M N1    C6     sing N N 236 
G2M N1    HN1    sing N N 237 
G2M C2    N2     sing N N 238 
G2M C2    N3     doub N N 239 
G2M N2    HN2    sing N N 240 
G2M N2    HN2A   sing N N 241 
G2M N3    C4     sing N N 242 
G2M C4    C5     doub Y N 243 
G2M C4    N9     sing Y N 244 
G2M C5    C6     sing N N 245 
G2M C5    N7     sing Y N 246 
G2M C6    O6     doub N N 247 
G2M N7    C8     doub Y N 248 
G2M C8    N9     sing Y N 249 
G2M C8    H8     sing N N 250 
G2M N9    "C1'"  sing N N 251 
G2M PA    O1A    doub N N 252 
G2M PA    O2A    sing N N 253 
G2M PA    O3A    sing N N 254 
G2M PA    "O5'"  sing N N 255 
G2M PB    O1B    sing N N 256 
G2M PB    O2B    doub N N 257 
G2M PB    O3A    sing N N 258 
G2M PB    C3B    sing N N 259 
G2M PG    O1G    sing N N 260 
G2M PG    O2G    sing N N 261 
G2M PG    C3B    sing N N 262 
G2M PG    O3G    doub N N 263 
G2M "C1'" "C2'"  sing N N 264 
G2M "C1'" "O4'"  sing N N 265 
G2M "C1'" "H1'"  sing N N 266 
G2M "C2'" "C3'"  sing N N 267 
G2M "C2'" "H2'"  sing N N 268 
G2M "C2'" "H2'A" sing N N 269 
G2M "C3'" "O3'"  sing N N 270 
G2M "C3'" "C4'"  sing N N 271 
G2M "C3'" "H3'"  sing N N 272 
G2M "O3'" "HO3'" sing N N 273 
G2M C3B   C3B2   sing N N 274 
G2M C3B   C3B3   sing N N 275 
G2M C3B2  HC3B   sing N N 276 
G2M C3B2  HC3A   sing N N 277 
G2M C3B2  HC3C   sing N N 278 
G2M C3B3  HC3D   sing N N 279 
G2M C3B3  HC3E   sing N N 280 
G2M C3B3  HC3F   sing N N 281 
G2M "C4'" "O4'"  sing N N 282 
G2M "C4'" "C5'"  sing N N 283 
G2M "C4'" "H4'"  sing N N 284 
G2M "C5'" "O5'"  sing N N 285 
G2M "C5'" "H5'"  sing N N 286 
G2M "C5'" "H5'A" sing N N 287 
G2M O1B   H19    sing N N 288 
G2M O1G   H20    sing N N 289 
G2M O2A   H21    sing N N 290 
G2M O2G   H22    sing N N 291 
HOH O     H1     sing N N 292 
HOH O     H2     sing N N 293 
NCO CO    N1     sing N N 294 
NCO CO    N2     sing N N 295 
NCO CO    N3     sing N N 296 
NCO CO    N4     sing N N 297 
NCO CO    N5     sing N N 298 
NCO CO    N6     sing N N 299 
NCO N1    HN11   sing N N 300 
NCO N1    HN12   sing N N 301 
NCO N1    HN13   sing N N 302 
NCO N2    HN21   sing N N 303 
NCO N2    HN22   sing N N 304 
NCO N2    HN23   sing N N 305 
NCO N3    HN31   sing N N 306 
NCO N3    HN32   sing N N 307 
NCO N3    HN33   sing N N 308 
NCO N4    HN41   sing N N 309 
NCO N4    HN42   sing N N 310 
NCO N4    HN43   sing N N 311 
NCO N5    HN51   sing N N 312 
NCO N5    HN52   sing N N 313 
NCO N5    HN53   sing N N 314 
NCO N6    HN61   sing N N 315 
NCO N6    HN62   sing N N 316 
NCO N6    HN63   sing N N 317 
OMC N1    C2     sing N N 318 
OMC N1    C6     sing N N 319 
OMC N1    "C1'"  sing N N 320 
OMC C2    N3     sing N N 321 
OMC C2    O2     doub N N 322 
OMC N3    C4     doub N N 323 
OMC C4    C5     sing N N 324 
OMC C4    N4     sing N N 325 
OMC C5    C6     doub N N 326 
OMC C5    H5     sing N N 327 
OMC C6    H6     sing N N 328 
OMC N4    HN41   sing N N 329 
OMC N4    HN42   sing N N 330 
OMC "C1'" "C2'"  sing N N 331 
OMC "C1'" "O4'"  sing N N 332 
OMC "C1'" "H1'"  sing N N 333 
OMC "C2'" "O2'"  sing N N 334 
OMC "C2'" "C3'"  sing N N 335 
OMC "C2'" "H2'"  sing N N 336 
OMC "O2'" CM2    sing N N 337 
OMC CM2   HM21   sing N N 338 
OMC CM2   HM22   sing N N 339 
OMC CM2   HM23   sing N N 340 
OMC "C3'" "C4'"  sing N N 341 
OMC "C3'" "O3'"  sing N N 342 
OMC "C3'" "H3'"  sing N N 343 
OMC "C4'" "O4'"  sing N N 344 
OMC "C4'" "C5'"  sing N N 345 
OMC "C4'" "H4'"  sing N N 346 
OMC "O3'" "HO3'" sing N N 347 
OMC "C5'" "O5'"  sing N N 348 
OMC "C5'" "H5'"  sing N N 349 
OMC "C5'" "H5''" sing N N 350 
OMC "O5'" P      sing N N 351 
OMC P     OP1    doub N N 352 
OMC P     OP2    sing N N 353 
OMC P     OP3    sing N N 354 
OMC OP2   HOP2   sing N N 355 
OMC OP3   HOP3   sing N N 356 
OMU N1    C2     sing N N 357 
OMU N1    C6     sing N N 358 
OMU N1    "C1'"  sing N N 359 
OMU C2    N3     sing N N 360 
OMU C2    O2     doub N N 361 
OMU N3    C4     sing N N 362 
OMU N3    HN3    sing N N 363 
OMU C4    C5     sing N N 364 
OMU C4    O4     doub N N 365 
OMU C5    C6     doub N N 366 
OMU C5    H5     sing N N 367 
OMU C6    H6     sing N N 368 
OMU "C1'" "C2'"  sing N N 369 
OMU "C1'" "O4'"  sing N N 370 
OMU "C1'" "H1'"  sing N N 371 
OMU "C2'" "O2'"  sing N N 372 
OMU "C2'" "C3'"  sing N N 373 
OMU "C2'" "H2'"  sing N N 374 
OMU "O2'" CM2    sing N N 375 
OMU CM2   HM21   sing N N 376 
OMU CM2   HM22   sing N N 377 
OMU CM2   HM23   sing N N 378 
OMU "C3'" "C4'"  sing N N 379 
OMU "C3'" "O3'"  sing N N 380 
OMU "C3'" "H3'"  sing N N 381 
OMU "C4'" "O4'"  sing N N 382 
OMU "C4'" "C5'"  sing N N 383 
OMU "C4'" "H4'"  sing N N 384 
OMU "O3'" "HO3'" sing N N 385 
OMU "C5'" "O5'"  sing N N 386 
OMU "C5'" "H5'"  sing N N 387 
OMU "C5'" "H5''" sing N N 388 
OMU "O5'" P      sing N N 389 
OMU P     OP1    doub N N 390 
OMU P     OP2    sing N N 391 
OMU P     OP3    sing N N 392 
OMU OP2   HOP2   sing N N 393 
OMU OP3   HOP3   sing N N 394 
U   OP3   P      sing N N 395 
U   OP3   HOP3   sing N N 396 
U   P     OP1    doub N N 397 
U   P     OP2    sing N N 398 
U   P     "O5'"  sing N N 399 
U   OP2   HOP2   sing N N 400 
U   "O5'" "C5'"  sing N N 401 
U   "C5'" "C4'"  sing N N 402 
U   "C5'" "H5'"  sing N N 403 
U   "C5'" "H5''" sing N N 404 
U   "C4'" "O4'"  sing N N 405 
U   "C4'" "C3'"  sing N N 406 
U   "C4'" "H4'"  sing N N 407 
U   "O4'" "C1'"  sing N N 408 
U   "C3'" "O3'"  sing N N 409 
U   "C3'" "C2'"  sing N N 410 
U   "C3'" "H3'"  sing N N 411 
U   "O3'" "HO3'" sing N N 412 
U   "C2'" "O2'"  sing N N 413 
U   "C2'" "C1'"  sing N N 414 
U   "C2'" "H2'"  sing N N 415 
U   "O2'" "HO2'" sing N N 416 
U   "C1'" N1     sing N N 417 
U   "C1'" "H1'"  sing N N 418 
U   N1    C2     sing N N 419 
U   N1    C6     sing N N 420 
U   C2    O2     doub N N 421 
U   C2    N3     sing N N 422 
U   N3    C4     sing N N 423 
U   N3    H3     sing N N 424 
U   C4    O4     doub N N 425 
U   C4    C5     sing N N 426 
U   C5    C6     doub N N 427 
U   C5    H5     sing N N 428 
U   C6    H6     sing N N 429 
U2M O     C      doub N N 430 
U2M CA    C      sing N N 431 
U2M CA    N      sing N N 432 
U2M CA    CB     sing N N 433 
U2M CG    CB     sing N N 434 
U2M CG    CD     sing N N 435 
U2M SH    CZ     sing N N 436 
U2M CE    CZ     sing N N 437 
U2M CE    CD     sing N N 438 
U2M N     H      sing N N 439 
U2M N     H2     sing N N 440 
U2M CA    HA     sing N N 441 
U2M CB    H6     sing N N 442 
U2M CB    H7     sing N N 443 
U2M CG    H8     sing N N 444 
U2M CG    H9     sing N N 445 
U2M CD    H10    sing N N 446 
U2M CD    H11    sing N N 447 
U2M CE    H12    sing N N 448 
U2M CE    H13    sing N N 449 
U2M CZ    H14    sing N N 450 
U2M CZ    H15    sing N N 451 
U2M SH    H16    sing N N 452 
U2M C     OXT    sing N N 453 
U2M OXT   HXT    sing N N 454 
# 
loop_
_ndb_struct_conf_na.entry_id 
_ndb_struct_conf_na.feature 
7EEO 'double helix'         
7EEO 'a-form double helix'  
7EEO tetraloop              
7EEO 'mismatched base pair' 
7EEO 'internal loop'        
# 
loop_
_ndb_struct_na_base_pair.model_number 
_ndb_struct_na_base_pair.i_label_asym_id 
_ndb_struct_na_base_pair.i_label_comp_id 
_ndb_struct_na_base_pair.i_label_seq_id 
_ndb_struct_na_base_pair.i_symmetry 
_ndb_struct_na_base_pair.j_label_asym_id 
_ndb_struct_na_base_pair.j_label_comp_id 
_ndb_struct_na_base_pair.j_label_seq_id 
_ndb_struct_na_base_pair.j_symmetry 
_ndb_struct_na_base_pair.shear 
_ndb_struct_na_base_pair.stretch 
_ndb_struct_na_base_pair.stagger 
_ndb_struct_na_base_pair.buckle 
_ndb_struct_na_base_pair.propeller 
_ndb_struct_na_base_pair.opening 
_ndb_struct_na_base_pair.pair_number 
_ndb_struct_na_base_pair.pair_name 
_ndb_struct_na_base_pair.i_auth_asym_id 
_ndb_struct_na_base_pair.i_auth_seq_id 
_ndb_struct_na_base_pair.i_PDB_ins_code 
_ndb_struct_na_base_pair.j_auth_asym_id 
_ndb_struct_na_base_pair.j_auth_seq_id 
_ndb_struct_na_base_pair.j_PDB_ins_code 
_ndb_struct_na_base_pair.hbond_type_28 
_ndb_struct_na_base_pair.hbond_type_12 
1 A OMC 3  1_555 A G 25 1_555 0.266  0.890  0.111  11.300  4.852   9.913    1  A_OMC3:G25_A  A 3  ? A 25 ? ?  1  
1 A OMU 4  1_555 A A 24 1_555 -1.084 -0.127 0.050  1.569   3.306   -14.169  2  A_OMU4:A24_A  A 4  ? A 24 ? 20 1  
1 A OMC 5  1_555 A G 23 1_555 -0.031 -0.257 -0.036 5.295   -7.870  6.568    3  A_OMC5:G23_A  A 5  ? A 23 ? 19 1  
1 A OMC 6  1_555 A G 22 1_555 0.048  -0.189 0.112  0.074   -6.109  -0.388   4  A_OMC6:G22_A  A 6  ? A 22 ? 19 1  
1 A OMU 7  1_555 A C 21 1_555 5.699  -2.481 0.109  -10.732 -8.269  -10.038  5  A_OMU7:C21_A  A 7  ? A 21 ? ?  ?  
1 A OMU 10 1_555 A A 19 1_555 3.951  -1.727 -0.570 4.665   -10.675 -106.112 6  A_OMU10:A19_A A 10 ? A 19 ? 24 4  
1 A A2M 11 1_555 A G 18 1_555 -6.826 -4.040 -0.101 -1.029  -5.563  -6.079   7  A_A2M11:G18_A A 11 ? A 18 ? 11 9  
1 A OMC 12 1_555 A G 17 1_555 -0.688 -0.103 -0.315 7.567   -0.787  -1.031   8  A_OMC12:G17_A A 12 ? A 17 ? 19 1  
1 A G   13 1_555 A A 16 1_555 7.730  -5.441 0.795  2.824   -18.797 -38.820  9  A_G13:A16_A   A 13 ? A 16 ? ?  ?  
1 B OMU 4  1_555 B A 24 1_555 -0.156 -0.216 0.927  -13.915 -1.305  -5.281   10 B_OMU4:A24_B  B 4  ? B 24 ? 20 1  
1 B OMC 5  1_555 B G 23 1_555 0.184  -0.308 0.495  -4.794  -11.145 -9.919   11 B_OMC5:G23_B  B 5  ? B 23 ? 19 1  
1 B OMC 6  1_555 B G 22 1_555 1.007  -0.243 0.275  -7.356  -10.285 3.317    12 B_OMC6:G22_B  B 6  ? B 22 ? 19 1  
1 B OMU 7  1_555 B C 21 1_555 5.154  -1.984 0.205  -9.464  -6.825  -7.847   13 B_OMU7:C21_B  B 7  ? B 21 ? ?  ?  
1 B OMU 10 1_555 B A 19 1_555 4.042  -1.968 -0.603 5.428   -13.812 -103.297 14 B_OMU10:A19_B B 10 ? B 19 ? 24 4  
1 B A2M 11 1_555 B G 18 1_555 -6.759 -4.071 0.033  -1.913  -5.923  -4.672   15 B_A2M11:G18_B B 11 ? B 18 ? 11 10 
1 B OMC 12 1_555 B G 17 1_555 0.033  0.020  0.120  3.764   -1.324  4.180    16 B_OMC12:G17_B B 12 ? B 17 ? 19 1  
1 B G   13 1_555 B A 16 1_555 6.617  -4.692 0.694  20.138  6.118   -19.852  17 B_G13:A16_B   B 13 ? B 16 ? 11 10 
# 
loop_
_ndb_struct_na_base_pair_step.model_number 
_ndb_struct_na_base_pair_step.i_label_asym_id_1 
_ndb_struct_na_base_pair_step.i_label_comp_id_1 
_ndb_struct_na_base_pair_step.i_label_seq_id_1 
_ndb_struct_na_base_pair_step.i_symmetry_1 
_ndb_struct_na_base_pair_step.j_label_asym_id_1 
_ndb_struct_na_base_pair_step.j_label_comp_id_1 
_ndb_struct_na_base_pair_step.j_label_seq_id_1 
_ndb_struct_na_base_pair_step.j_symmetry_1 
_ndb_struct_na_base_pair_step.i_label_asym_id_2 
_ndb_struct_na_base_pair_step.i_label_comp_id_2 
_ndb_struct_na_base_pair_step.i_label_seq_id_2 
_ndb_struct_na_base_pair_step.i_symmetry_2 
_ndb_struct_na_base_pair_step.j_label_asym_id_2 
_ndb_struct_na_base_pair_step.j_label_comp_id_2 
_ndb_struct_na_base_pair_step.j_label_seq_id_2 
_ndb_struct_na_base_pair_step.j_symmetry_2 
_ndb_struct_na_base_pair_step.shift 
_ndb_struct_na_base_pair_step.slide 
_ndb_struct_na_base_pair_step.rise 
_ndb_struct_na_base_pair_step.tilt 
_ndb_struct_na_base_pair_step.roll 
_ndb_struct_na_base_pair_step.twist 
_ndb_struct_na_base_pair_step.x_displacement 
_ndb_struct_na_base_pair_step.y_displacement 
_ndb_struct_na_base_pair_step.helical_rise 
_ndb_struct_na_base_pair_step.inclination 
_ndb_struct_na_base_pair_step.tip 
_ndb_struct_na_base_pair_step.helical_twist 
_ndb_struct_na_base_pair_step.step_number 
_ndb_struct_na_base_pair_step.step_name 
_ndb_struct_na_base_pair_step.i_auth_asym_id_1 
_ndb_struct_na_base_pair_step.i_auth_seq_id_1 
_ndb_struct_na_base_pair_step.i_PDB_ins_code_1 
_ndb_struct_na_base_pair_step.j_auth_asym_id_1 
_ndb_struct_na_base_pair_step.j_auth_seq_id_1 
_ndb_struct_na_base_pair_step.j_PDB_ins_code_1 
_ndb_struct_na_base_pair_step.i_auth_asym_id_2 
_ndb_struct_na_base_pair_step.i_auth_seq_id_2 
_ndb_struct_na_base_pair_step.i_PDB_ins_code_2 
_ndb_struct_na_base_pair_step.j_auth_asym_id_2 
_ndb_struct_na_base_pair_step.j_auth_seq_id_2 
_ndb_struct_na_base_pair_step.j_PDB_ins_code_2 
1 A OMC 3  1_555 A G 25 1_555 A OMU 4  1_555 A A 24 1_555 -2.436 -2.192 3.298 -7.231 4.450  29.574 -5.049 3.109  3.426 8.499   
13.810  30.743 1  AA_OMC3OMU4:A24G25_AA   A 3  ? A 25 ? A 4  ? A 24 ? 
1 A OMU 4  1_555 A A 24 1_555 A OMC 5  1_555 A G 23 1_555 0.628  -1.790 3.253 -2.329 2.035  34.308 -3.331 -1.412 3.097 3.440   
3.938   34.443 2  AA_OMU4OMC5:G23A24_AA   A 4  ? A 24 ? A 5  ? A 23 ? 
1 A OMC 5  1_555 A G 23 1_555 A OMC 6  1_555 A G 22 1_555 -0.218 -1.909 3.307 -1.018 8.609  30.910 -4.903 0.223  2.696 15.768  
1.865   32.074 3  AA_OMC5OMC6:G22G23_AA   A 5  ? A 23 ? A 6  ? A 22 ? 
1 A OMC 6  1_555 A G 22 1_555 A OMU 7  1_555 A C 21 1_555 -0.666 -1.495 3.769 5.615  7.532  56.086 -2.039 1.048  3.483 7.948   
-5.925  56.805 4  AA_OMC6OMU7:C21G22_AA   A 6  ? A 22 ? A 7  ? A 21 ? 
1 A OMU 7  1_555 A C 21 1_555 A OMU 10 1_555 A A 19 1_555 -0.161 -1.239 6.215 6.978  -4.768 28.740 -0.498 3.094  6.130 -9.353  
-13.689 29.931 5  AA_OMU7OMU10:A19C21_AA  A 7  ? A 21 ? A 10 ? A 19 ? 
1 A OMU 10 1_555 A A 19 1_555 A A2M 11 1_555 A G 18 1_555 5.263  -1.463 3.512 -1.953 2.628  -6.809 -0.753 31.142 5.033 -20.631 
-15.330 -7.554 6  AA_OMU10A2M11:G18A19_AA A 10 ? A 19 ? A 11 ? A 18 ? 
1 A A2M 11 1_555 A G 18 1_555 A OMC 12 1_555 A G 17 1_555 -0.185 -1.021 3.172 -2.987 4.899  57.927 -1.298 0.039  3.089 5.045   
3.076   58.186 7  AA_A2M11OMC12:G17G18_AA A 11 ? A 18 ? A 12 ? A 17 ? 
1 A OMC 12 1_555 A G 17 1_555 A G   13 1_555 A A 16 1_555 -3.947 -1.679 3.570 -2.919 17.099 58.787 -2.515 3.737  3.192 17.019  
2.905   61.073 8  AA_OMC12G13:A16G17_AA   A 12 ? A 17 ? A 13 ? A 16 ? 
1 B OMU 4  1_555 B A 24 1_555 B OMC 5  1_555 B G 23 1_555 -0.772 -2.418 2.946 1.035  -3.809 33.282 -3.607 1.500  3.170 -6.621  
-1.799  33.508 9  BB_OMU4OMC5:G23A24_BB   B 4  ? B 24 ? B 5  ? B 23 ? 
1 B OMC 5  1_555 B G 23 1_555 B OMC 6  1_555 B G 22 1_555 0.828  -1.543 3.085 2.963  2.343  38.484 -2.601 -0.908 3.042 3.544   
-4.482  38.662 10 BB_OMC5OMC6:G22G23_BB   B 5  ? B 23 ? B 6  ? B 22 ? 
1 B OMC 6  1_555 B G 22 1_555 B OMU 7  1_555 B C 21 1_555 -0.925 -1.179 3.428 4.417  5.962  46.526 -1.973 1.526  3.167 7.492   
-5.551  47.081 11 BB_OMC6OMU7:C21G22_BB   B 6  ? B 22 ? B 7  ? B 21 ? 
1 B OMU 7  1_555 B C 21 1_555 B OMU 10 1_555 B A 19 1_555 0.126  -0.728 6.305 6.279  -5.116 33.691 0.312  1.672  6.267 -8.672  
-10.643 34.624 12 BB_OMU7OMU10:A19C21_BB  B 7  ? B 21 ? B 10 ? B 19 ? 
1 B OMU 10 1_555 B A 19 1_555 B A2M 11 1_555 B G 18 1_555 5.326  -1.152 3.517 -3.287 1.509  -6.270 0.972  24.435 5.704 -12.516 
-27.261 -7.238 13 BB_OMU10A2M11:G18A19_BB B 10 ? B 19 ? B 11 ? B 18 ? 
1 B A2M 11 1_555 B G 18 1_555 B OMC 12 1_555 B G 17 1_555 0.046  -0.556 3.392 -3.888 2.453  60.313 -0.675 -0.241 3.361 2.438   
3.864   60.472 14 BB_A2M11OMC12:G17G18_BB B 11 ? B 18 ? B 12 ? B 17 ? 
1 B OMC 12 1_555 B G 17 1_555 B G   13 1_555 B A 16 1_555 -2.495 -1.247 2.839 -3.938 5.255  49.109 -1.830 2.723  2.879 6.290   
4.714   49.519 15 BB_OMC12G13:A16G17_BB   B 12 ? B 17 ? B 13 ? B 16 ? 
# 
loop_
_pdbx_entity_instance_feature.ordinal 
_pdbx_entity_instance_feature.comp_id 
_pdbx_entity_instance_feature.asym_id 
_pdbx_entity_instance_feature.seq_num 
_pdbx_entity_instance_feature.auth_comp_id 
_pdbx_entity_instance_feature.auth_asym_id 
_pdbx_entity_instance_feature.auth_seq_num 
_pdbx_entity_instance_feature.feature_type 
_pdbx_entity_instance_feature.details 
1 OMC ? ? OMC ? ? 'SUBJECT OF INVESTIGATION' ? 
2 OMU ? ? OMU ? ? 'SUBJECT OF INVESTIGATION' ? 
# 
loop_
_pdbx_entity_nonpoly.entity_id 
_pdbx_entity_nonpoly.name 
_pdbx_entity_nonpoly.comp_id 
2 'COBALT HEXAMMINE(III)' NCO 
3 water                   HOH 
# 
_pdbx_initial_refinement_model.id               1 
_pdbx_initial_refinement_model.entity_id_list   ? 
_pdbx_initial_refinement_model.type             'experimental model' 
_pdbx_initial_refinement_model.source_name      PDB 
_pdbx_initial_refinement_model.accession_code   1Q9A 
_pdbx_initial_refinement_model.details          ? 
# 
_pdbx_struct_assembly_auth_evidence.id                     1 
_pdbx_struct_assembly_auth_evidence.assembly_id            1 
_pdbx_struct_assembly_auth_evidence.experimental_support   none 
_pdbx_struct_assembly_auth_evidence.details                ? 
# 
